data_3R6P
# 
_entry.id   3R6P 
# 
_audit_conform.dict_name       mmcif_pdbx.dic 
_audit_conform.dict_version    5.398 
_audit_conform.dict_location   http://mmcif.pdb.org/dictionaries/ascii/mmcif_pdbx.dic 
# 
loop_
_database_2.database_id 
_database_2.database_code 
_database_2.pdbx_database_accession 
_database_2.pdbx_DOI 
PDB   3R6P         pdb_00003r6p 10.2210/pdb3r6p/pdb 
RCSB  RCSB064557   ?            ?                   
WWPDB D_1000064557 ?            ?                   
# 
loop_
_pdbx_audit_revision_history.ordinal 
_pdbx_audit_revision_history.data_content_type 
_pdbx_audit_revision_history.major_revision 
_pdbx_audit_revision_history.minor_revision 
_pdbx_audit_revision_history.revision_date 
1 'Structure model' 1 0 2011-12-21 
2 'Structure model' 1 1 2023-11-01 
3 'Structure model' 1 2 2024-10-30 
# 
_pdbx_audit_revision_details.ordinal             1 
_pdbx_audit_revision_details.revision_ordinal    1 
_pdbx_audit_revision_details.data_content_type   'Structure model' 
_pdbx_audit_revision_details.provider            repository 
_pdbx_audit_revision_details.type                'Initial release' 
_pdbx_audit_revision_details.description         ? 
_pdbx_audit_revision_details.details             ? 
# 
loop_
_pdbx_audit_revision_group.ordinal 
_pdbx_audit_revision_group.revision_ordinal 
_pdbx_audit_revision_group.data_content_type 
_pdbx_audit_revision_group.group 
1 2 'Structure model' 'Data collection'        
2 2 'Structure model' 'Database references'    
3 2 'Structure model' 'Derived calculations'   
4 2 'Structure model' 'Refinement description' 
5 2 'Structure model' 'Structure summary'      
6 3 'Structure model' 'Structure summary'      
# 
loop_
_pdbx_audit_revision_category.ordinal 
_pdbx_audit_revision_category.revision_ordinal 
_pdbx_audit_revision_category.data_content_type 
_pdbx_audit_revision_category.category 
1 2 'Structure model' chem_comp                     
2 2 'Structure model' chem_comp_atom                
3 2 'Structure model' chem_comp_bond                
4 2 'Structure model' database_2                    
5 2 'Structure model' pdbx_initial_refinement_model 
6 2 'Structure model' struct_ref_seq_dif            
7 2 'Structure model' struct_site                   
8 3 'Structure model' pdbx_entry_details            
9 3 'Structure model' pdbx_modification_feature     
# 
loop_
_pdbx_audit_revision_item.ordinal 
_pdbx_audit_revision_item.revision_ordinal 
_pdbx_audit_revision_item.data_content_type 
_pdbx_audit_revision_item.item 
1 2 'Structure model' '_chem_comp.pdbx_synonyms'            
2 2 'Structure model' '_database_2.pdbx_DOI'                
3 2 'Structure model' '_database_2.pdbx_database_accession' 
4 2 'Structure model' '_struct_ref_seq_dif.details'         
5 2 'Structure model' '_struct_site.pdbx_auth_asym_id'      
6 2 'Structure model' '_struct_site.pdbx_auth_comp_id'      
7 2 'Structure model' '_struct_site.pdbx_auth_seq_id'       
# 
_pdbx_database_status.status_code                     REL 
_pdbx_database_status.entry_id                        3R6P 
_pdbx_database_status.recvd_initial_deposition_date   2011-03-22 
_pdbx_database_status.deposit_site                    RCSB 
_pdbx_database_status.process_site                    PDBJ 
_pdbx_database_status.status_code_sf                  REL 
_pdbx_database_status.status_code_mr                  ? 
_pdbx_database_status.SG_entry                        ? 
_pdbx_database_status.status_code_cs                  ? 
_pdbx_database_status.pdb_format_compatible           Y 
_pdbx_database_status.status_code_nmr_data            ? 
_pdbx_database_status.methods_development_category    ? 
# 
loop_
_audit_author.name 
_audit_author.pdbx_ordinal 
'Sun, D.M.'  1 
'Wu, M.H.'   2 
'Wang, H.P.' 3 
'Zang, J.Y.' 4 
'Tian, C.L.' 5 
# 
_citation.id                        primary 
_citation.title                     'Crystal structure of abscisic acid-bound PYL10' 
_citation.journal_abbrev            'To be Published' 
_citation.journal_volume            ? 
_citation.page_first                ? 
_citation.page_last                 ? 
_citation.year                      ? 
_citation.journal_id_ASTM           ? 
_citation.country                   ? 
_citation.journal_id_ISSN           ? 
_citation.journal_id_CSD            0353 
_citation.book_publisher            ? 
_citation.pdbx_database_id_PubMed   ? 
_citation.pdbx_database_id_DOI      ? 
# 
loop_
_citation_author.citation_id 
_citation_author.name 
_citation_author.ordinal 
_citation_author.identifier_ORCID 
primary 'Sun, D.M.'  1 ? 
primary 'Wu, M.H.'   2 ? 
primary 'Wang, H.P.' 3 ? 
primary 'Zang, J.Y.' 4 ? 
primary 'Tian, C.L.' 5 ? 
# 
loop_
_entity.id 
_entity.type 
_entity.src_method 
_entity.pdbx_description 
_entity.formula_weight 
_entity.pdbx_number_of_molecules 
_entity.pdbx_ec 
_entity.pdbx_mutation 
_entity.pdbx_fragment 
_entity.details 
1 polymer     man 'Abscisic acid receptor PYL10'                                                                      21745.762 1  
? ? ? ? 
2 non-polymer syn '(2Z,4E)-5-[(1S)-1-hydroxy-2,6,6-trimethyl-4-oxocyclohex-2-en-1-yl]-3-methylpenta-2,4-dienoic acid' 264.317   1  
? ? ? ? 
3 water       nat water                                                                                               18.015    11 
? ? ? ? 
# 
_entity_name_com.entity_id   1 
_entity_name_com.name        'ABI1-binding protein 8, PYR1-like protein 10, Regulatory components of ABA receptor 4' 
# 
_entity_poly.entity_id                      1 
_entity_poly.type                           'polypeptide(L)' 
_entity_poly.nstd_linkage                   no 
_entity_poly.nstd_monomer                   no 
_entity_poly.pdbx_seq_one_letter_code       
;MNGDETKKVESEYIKKHHRHELVESQCSSTLVKHIKAPLHLVWSIVRRFDEPQKYKPFISRCVVQGKKLEVGSVREVDLK
SGLPATKSTEVLEILDDNEHILGIRIVGGDHRLKNYSSTISLHSETIDGKTGTLAIESFVVDVPEGNTKEETCFFVEALI
QCNLNSLADVTERLQAESMEKKILEHHHHHH
;
_entity_poly.pdbx_seq_one_letter_code_can   
;MNGDETKKVESEYIKKHHRHELVESQCSSTLVKHIKAPLHLVWSIVRRFDEPQKYKPFISRCVVQGKKLEVGSVREVDLK
SGLPATKSTEVLEILDDNEHILGIRIVGGDHRLKNYSSTISLHSETIDGKTGTLAIESFVVDVPEGNTKEETCFFVEALI
QCNLNSLADVTERLQAESMEKKILEHHHHHH
;
_entity_poly.pdbx_strand_id                 A 
_entity_poly.pdbx_target_identifier         ? 
# 
loop_
_pdbx_entity_nonpoly.entity_id 
_pdbx_entity_nonpoly.name 
_pdbx_entity_nonpoly.comp_id 
2 '(2Z,4E)-5-[(1S)-1-hydroxy-2,6,6-trimethyl-4-oxocyclohex-2-en-1-yl]-3-methylpenta-2,4-dienoic acid' A8S 
3 water                                                                                               HOH 
# 
loop_
_entity_poly_seq.entity_id 
_entity_poly_seq.num 
_entity_poly_seq.mon_id 
_entity_poly_seq.hetero 
1 1   MET n 
1 2   ASN n 
1 3   GLY n 
1 4   ASP n 
1 5   GLU n 
1 6   THR n 
1 7   LYS n 
1 8   LYS n 
1 9   VAL n 
1 10  GLU n 
1 11  SER n 
1 12  GLU n 
1 13  TYR n 
1 14  ILE n 
1 15  LYS n 
1 16  LYS n 
1 17  HIS n 
1 18  HIS n 
1 19  ARG n 
1 20  HIS n 
1 21  GLU n 
1 22  LEU n 
1 23  VAL n 
1 24  GLU n 
1 25  SER n 
1 26  GLN n 
1 27  CYS n 
1 28  SER n 
1 29  SER n 
1 30  THR n 
1 31  LEU n 
1 32  VAL n 
1 33  LYS n 
1 34  HIS n 
1 35  ILE n 
1 36  LYS n 
1 37  ALA n 
1 38  PRO n 
1 39  LEU n 
1 40  HIS n 
1 41  LEU n 
1 42  VAL n 
1 43  TRP n 
1 44  SER n 
1 45  ILE n 
1 46  VAL n 
1 47  ARG n 
1 48  ARG n 
1 49  PHE n 
1 50  ASP n 
1 51  GLU n 
1 52  PRO n 
1 53  GLN n 
1 54  LYS n 
1 55  TYR n 
1 56  LYS n 
1 57  PRO n 
1 58  PHE n 
1 59  ILE n 
1 60  SER n 
1 61  ARG n 
1 62  CYS n 
1 63  VAL n 
1 64  VAL n 
1 65  GLN n 
1 66  GLY n 
1 67  LYS n 
1 68  LYS n 
1 69  LEU n 
1 70  GLU n 
1 71  VAL n 
1 72  GLY n 
1 73  SER n 
1 74  VAL n 
1 75  ARG n 
1 76  GLU n 
1 77  VAL n 
1 78  ASP n 
1 79  LEU n 
1 80  LYS n 
1 81  SER n 
1 82  GLY n 
1 83  LEU n 
1 84  PRO n 
1 85  ALA n 
1 86  THR n 
1 87  LYS n 
1 88  SER n 
1 89  THR n 
1 90  GLU n 
1 91  VAL n 
1 92  LEU n 
1 93  GLU n 
1 94  ILE n 
1 95  LEU n 
1 96  ASP n 
1 97  ASP n 
1 98  ASN n 
1 99  GLU n 
1 100 HIS n 
1 101 ILE n 
1 102 LEU n 
1 103 GLY n 
1 104 ILE n 
1 105 ARG n 
1 106 ILE n 
1 107 VAL n 
1 108 GLY n 
1 109 GLY n 
1 110 ASP n 
1 111 HIS n 
1 112 ARG n 
1 113 LEU n 
1 114 LYS n 
1 115 ASN n 
1 116 TYR n 
1 117 SER n 
1 118 SER n 
1 119 THR n 
1 120 ILE n 
1 121 SER n 
1 122 LEU n 
1 123 HIS n 
1 124 SER n 
1 125 GLU n 
1 126 THR n 
1 127 ILE n 
1 128 ASP n 
1 129 GLY n 
1 130 LYS n 
1 131 THR n 
1 132 GLY n 
1 133 THR n 
1 134 LEU n 
1 135 ALA n 
1 136 ILE n 
1 137 GLU n 
1 138 SER n 
1 139 PHE n 
1 140 VAL n 
1 141 VAL n 
1 142 ASP n 
1 143 VAL n 
1 144 PRO n 
1 145 GLU n 
1 146 GLY n 
1 147 ASN n 
1 148 THR n 
1 149 LYS n 
1 150 GLU n 
1 151 GLU n 
1 152 THR n 
1 153 CYS n 
1 154 PHE n 
1 155 PHE n 
1 156 VAL n 
1 157 GLU n 
1 158 ALA n 
1 159 LEU n 
1 160 ILE n 
1 161 GLN n 
1 162 CYS n 
1 163 ASN n 
1 164 LEU n 
1 165 ASN n 
1 166 SER n 
1 167 LEU n 
1 168 ALA n 
1 169 ASP n 
1 170 VAL n 
1 171 THR n 
1 172 GLU n 
1 173 ARG n 
1 174 LEU n 
1 175 GLN n 
1 176 ALA n 
1 177 GLU n 
1 178 SER n 
1 179 MET n 
1 180 GLU n 
1 181 LYS n 
1 182 LYS n 
1 183 ILE n 
1 184 LEU n 
1 185 GLU n 
1 186 HIS n 
1 187 HIS n 
1 188 HIS n 
1 189 HIS n 
1 190 HIS n 
1 191 HIS n 
# 
_entity_src_gen.entity_id                          1 
_entity_src_gen.pdbx_src_id                        1 
_entity_src_gen.pdbx_alt_source_flag               sample 
_entity_src_gen.pdbx_seq_type                      ? 
_entity_src_gen.pdbx_beg_seq_num                   ? 
_entity_src_gen.pdbx_end_seq_num                   ? 
_entity_src_gen.gene_src_common_name               'mouse-ear cress' 
_entity_src_gen.gene_src_genus                     ? 
_entity_src_gen.pdbx_gene_src_gene                 PYL10 
_entity_src_gen.gene_src_species                   ? 
_entity_src_gen.gene_src_strain                    ? 
_entity_src_gen.gene_src_tissue                    ? 
_entity_src_gen.gene_src_tissue_fraction           ? 
_entity_src_gen.gene_src_details                   ? 
_entity_src_gen.pdbx_gene_src_fragment             ? 
_entity_src_gen.pdbx_gene_src_scientific_name      'Arabidopsis thaliana' 
_entity_src_gen.pdbx_gene_src_ncbi_taxonomy_id     3702 
_entity_src_gen.pdbx_gene_src_variant              ? 
_entity_src_gen.pdbx_gene_src_cell_line            ? 
_entity_src_gen.pdbx_gene_src_atcc                 ? 
_entity_src_gen.pdbx_gene_src_organ                ? 
_entity_src_gen.pdbx_gene_src_organelle            ? 
_entity_src_gen.pdbx_gene_src_cell                 ? 
_entity_src_gen.pdbx_gene_src_cellular_location    ? 
_entity_src_gen.host_org_common_name               ? 
_entity_src_gen.pdbx_host_org_scientific_name      'Escherichia coli' 
_entity_src_gen.pdbx_host_org_ncbi_taxonomy_id     562 
_entity_src_gen.host_org_genus                     ? 
_entity_src_gen.pdbx_host_org_gene                 ? 
_entity_src_gen.pdbx_host_org_organ                ? 
_entity_src_gen.host_org_species                   ? 
_entity_src_gen.pdbx_host_org_tissue               ? 
_entity_src_gen.pdbx_host_org_tissue_fraction      ? 
_entity_src_gen.pdbx_host_org_strain               'BL21(DE3)' 
_entity_src_gen.pdbx_host_org_variant              ? 
_entity_src_gen.pdbx_host_org_cell_line            ? 
_entity_src_gen.pdbx_host_org_atcc                 ? 
_entity_src_gen.pdbx_host_org_culture_collection   ? 
_entity_src_gen.pdbx_host_org_cell                 ? 
_entity_src_gen.pdbx_host_org_organelle            ? 
_entity_src_gen.pdbx_host_org_cellular_location    ? 
_entity_src_gen.pdbx_host_org_vector_type          plasmid 
_entity_src_gen.pdbx_host_org_vector               ? 
_entity_src_gen.host_org_details                   ? 
_entity_src_gen.expression_system_id               ? 
_entity_src_gen.plasmid_name                       pET21b 
_entity_src_gen.plasmid_details                    ? 
_entity_src_gen.pdbx_description                   ? 
# 
loop_
_chem_comp.id 
_chem_comp.type 
_chem_comp.mon_nstd_flag 
_chem_comp.name 
_chem_comp.pdbx_synonyms 
_chem_comp.formula 
_chem_comp.formula_weight 
A8S non-polymer         . '(2Z,4E)-5-[(1S)-1-hydroxy-2,6,6-trimethyl-4-oxocyclohex-2-en-1-yl]-3-methylpenta-2,4-dienoic acid' 
'(+)-abscisic acid; (2Z,4E)-5-[(1S)-1-hydroxy-2,6,6-trimethyl-4-oxo-2-cyclohexen-1-yl]-3-methyl-2,4-pentadienoic acid' 
'C15 H20 O4'     264.317 
ALA 'L-peptide linking' y ALANINE                                                                                             ? 
'C3 H7 N O2'     89.093  
ARG 'L-peptide linking' y ARGININE                                                                                            ? 
'C6 H15 N4 O2 1' 175.209 
ASN 'L-peptide linking' y ASPARAGINE                                                                                          ? 
'C4 H8 N2 O3'    132.118 
ASP 'L-peptide linking' y 'ASPARTIC ACID'                                                                                     ? 
'C4 H7 N O4'     133.103 
CYS 'L-peptide linking' y CYSTEINE                                                                                            ? 
'C3 H7 N O2 S'   121.158 
GLN 'L-peptide linking' y GLUTAMINE                                                                                           ? 
'C5 H10 N2 O3'   146.144 
GLU 'L-peptide linking' y 'GLUTAMIC ACID'                                                                                     ? 
'C5 H9 N O4'     147.129 
GLY 'peptide linking'   y GLYCINE                                                                                             ? 
'C2 H5 N O2'     75.067  
HIS 'L-peptide linking' y HISTIDINE                                                                                           ? 
'C6 H10 N3 O2 1' 156.162 
HOH non-polymer         . WATER                                                                                               ? 
'H2 O'           18.015  
ILE 'L-peptide linking' y ISOLEUCINE                                                                                          ? 
'C6 H13 N O2'    131.173 
LEU 'L-peptide linking' y LEUCINE                                                                                             ? 
'C6 H13 N O2'    131.173 
LYS 'L-peptide linking' y LYSINE                                                                                              ? 
'C6 H15 N2 O2 1' 147.195 
MET 'L-peptide linking' y METHIONINE                                                                                          ? 
'C5 H11 N O2 S'  149.211 
PHE 'L-peptide linking' y PHENYLALANINE                                                                                       ? 
'C9 H11 N O2'    165.189 
PRO 'L-peptide linking' y PROLINE                                                                                             ? 
'C5 H9 N O2'     115.130 
SER 'L-peptide linking' y SERINE                                                                                              ? 
'C3 H7 N O3'     105.093 
THR 'L-peptide linking' y THREONINE                                                                                           ? 
'C4 H9 N O3'     119.119 
TRP 'L-peptide linking' y TRYPTOPHAN                                                                                          ? 
'C11 H12 N2 O2'  204.225 
TYR 'L-peptide linking' y TYROSINE                                                                                            ? 
'C9 H11 N O3'    181.189 
VAL 'L-peptide linking' y VALINE                                                                                              ? 
'C5 H11 N O2'    117.146 
# 
loop_
_pdbx_poly_seq_scheme.asym_id 
_pdbx_poly_seq_scheme.entity_id 
_pdbx_poly_seq_scheme.seq_id 
_pdbx_poly_seq_scheme.mon_id 
_pdbx_poly_seq_scheme.ndb_seq_num 
_pdbx_poly_seq_scheme.pdb_seq_num 
_pdbx_poly_seq_scheme.auth_seq_num 
_pdbx_poly_seq_scheme.pdb_mon_id 
_pdbx_poly_seq_scheme.auth_mon_id 
_pdbx_poly_seq_scheme.pdb_strand_id 
_pdbx_poly_seq_scheme.pdb_ins_code 
_pdbx_poly_seq_scheme.hetero 
A 1 1   MET 1   1   ?   ?   ?   A . n 
A 1 2   ASN 2   2   ?   ?   ?   A . n 
A 1 3   GLY 3   3   ?   ?   ?   A . n 
A 1 4   ASP 4   4   ?   ?   ?   A . n 
A 1 5   GLU 5   5   ?   ?   ?   A . n 
A 1 6   THR 6   6   ?   ?   ?   A . n 
A 1 7   LYS 7   7   ?   ?   ?   A . n 
A 1 8   LYS 8   8   ?   ?   ?   A . n 
A 1 9   VAL 9   9   ?   ?   ?   A . n 
A 1 10  GLU 10  10  ?   ?   ?   A . n 
A 1 11  SER 11  11  ?   ?   ?   A . n 
A 1 12  GLU 12  12  ?   ?   ?   A . n 
A 1 13  TYR 13  13  ?   ?   ?   A . n 
A 1 14  ILE 14  14  ?   ?   ?   A . n 
A 1 15  LYS 15  15  ?   ?   ?   A . n 
A 1 16  LYS 16  16  ?   ?   ?   A . n 
A 1 17  HIS 17  17  ?   ?   ?   A . n 
A 1 18  HIS 18  18  ?   ?   ?   A . n 
A 1 19  ARG 19  19  ?   ?   ?   A . n 
A 1 20  HIS 20  20  ?   ?   ?   A . n 
A 1 21  GLU 21  21  ?   ?   ?   A . n 
A 1 22  LEU 22  22  ?   ?   ?   A . n 
A 1 23  VAL 23  23  ?   ?   ?   A . n 
A 1 24  GLU 24  24  ?   ?   ?   A . n 
A 1 25  SER 25  25  25  SER SER A . n 
A 1 26  GLN 26  26  26  GLN GLN A . n 
A 1 27  CYS 27  27  27  CYS CYS A . n 
A 1 28  SER 28  28  28  SER SER A . n 
A 1 29  SER 29  29  29  SER SER A . n 
A 1 30  THR 30  30  30  THR THR A . n 
A 1 31  LEU 31  31  31  LEU LEU A . n 
A 1 32  VAL 32  32  32  VAL VAL A . n 
A 1 33  LYS 33  33  33  LYS LYS A . n 
A 1 34  HIS 34  34  34  HIS HIS A . n 
A 1 35  ILE 35  35  35  ILE ILE A . n 
A 1 36  LYS 36  36  36  LYS LYS A . n 
A 1 37  ALA 37  37  37  ALA ALA A . n 
A 1 38  PRO 38  38  38  PRO PRO A . n 
A 1 39  LEU 39  39  39  LEU LEU A . n 
A 1 40  HIS 40  40  40  HIS HIS A . n 
A 1 41  LEU 41  41  41  LEU LEU A . n 
A 1 42  VAL 42  42  42  VAL VAL A . n 
A 1 43  TRP 43  43  43  TRP TRP A . n 
A 1 44  SER 44  44  44  SER SER A . n 
A 1 45  ILE 45  45  45  ILE ILE A . n 
A 1 46  VAL 46  46  46  VAL VAL A . n 
A 1 47  ARG 47  47  47  ARG ARG A . n 
A 1 48  ARG 48  48  48  ARG ARG A . n 
A 1 49  PHE 49  49  49  PHE PHE A . n 
A 1 50  ASP 50  50  50  ASP ASP A . n 
A 1 51  GLU 51  51  51  GLU GLU A . n 
A 1 52  PRO 52  52  52  PRO PRO A . n 
A 1 53  GLN 53  53  53  GLN GLN A . n 
A 1 54  LYS 54  54  54  LYS LYS A . n 
A 1 55  TYR 55  55  55  TYR TYR A . n 
A 1 56  LYS 56  56  56  LYS LYS A . n 
A 1 57  PRO 57  57  57  PRO PRO A . n 
A 1 58  PHE 58  58  58  PHE PHE A . n 
A 1 59  ILE 59  59  59  ILE ILE A . n 
A 1 60  SER 60  60  60  SER SER A . n 
A 1 61  ARG 61  61  61  ARG ARG A . n 
A 1 62  CYS 62  62  62  CYS CYS A . n 
A 1 63  VAL 63  63  63  VAL VAL A . n 
A 1 64  VAL 64  64  64  VAL VAL A . n 
A 1 65  GLN 65  65  65  GLN GLN A . n 
A 1 66  GLY 66  66  66  GLY GLY A . n 
A 1 67  LYS 67  67  67  LYS LYS A . n 
A 1 68  LYS 68  68  68  LYS LYS A . n 
A 1 69  LEU 69  69  69  LEU LEU A . n 
A 1 70  GLU 70  70  70  GLU GLU A . n 
A 1 71  VAL 71  71  71  VAL VAL A . n 
A 1 72  GLY 72  72  72  GLY GLY A . n 
A 1 73  SER 73  73  73  SER SER A . n 
A 1 74  VAL 74  74  74  VAL VAL A . n 
A 1 75  ARG 75  75  75  ARG ARG A . n 
A 1 76  GLU 76  76  76  GLU GLU A . n 
A 1 77  VAL 77  77  77  VAL VAL A . n 
A 1 78  ASP 78  78  78  ASP ASP A . n 
A 1 79  LEU 79  79  79  LEU LEU A . n 
A 1 80  LYS 80  80  80  LYS LYS A . n 
A 1 81  SER 81  81  81  SER SER A . n 
A 1 82  GLY 82  82  82  GLY GLY A . n 
A 1 83  LEU 83  83  83  LEU LEU A . n 
A 1 84  PRO 84  84  84  PRO PRO A . n 
A 1 85  ALA 85  85  85  ALA ALA A . n 
A 1 86  THR 86  86  86  THR THR A . n 
A 1 87  LYS 87  87  87  LYS LYS A . n 
A 1 88  SER 88  88  88  SER SER A . n 
A 1 89  THR 89  89  89  THR THR A . n 
A 1 90  GLU 90  90  90  GLU GLU A . n 
A 1 91  VAL 91  91  91  VAL VAL A . n 
A 1 92  LEU 92  92  92  LEU LEU A . n 
A 1 93  GLU 93  93  93  GLU GLU A . n 
A 1 94  ILE 94  94  94  ILE ILE A . n 
A 1 95  LEU 95  95  95  LEU LEU A . n 
A 1 96  ASP 96  96  96  ASP ASP A . n 
A 1 97  ASP 97  97  97  ASP ASP A . n 
A 1 98  ASN 98  98  98  ASN ASN A . n 
A 1 99  GLU 99  99  99  GLU GLU A . n 
A 1 100 HIS 100 100 100 HIS HIS A . n 
A 1 101 ILE 101 101 101 ILE ILE A . n 
A 1 102 LEU 102 102 102 LEU LEU A . n 
A 1 103 GLY 103 103 103 GLY GLY A . n 
A 1 104 ILE 104 104 104 ILE ILE A . n 
A 1 105 ARG 105 105 105 ARG ARG A . n 
A 1 106 ILE 106 106 106 ILE ILE A . n 
A 1 107 VAL 107 107 107 VAL VAL A . n 
A 1 108 GLY 108 108 108 GLY GLY A . n 
A 1 109 GLY 109 109 109 GLY GLY A . n 
A 1 110 ASP 110 110 110 ASP ASP A . n 
A 1 111 HIS 111 111 111 HIS HIS A . n 
A 1 112 ARG 112 112 112 ARG ARG A . n 
A 1 113 LEU 113 113 113 LEU LEU A . n 
A 1 114 LYS 114 114 114 LYS LYS A . n 
A 1 115 ASN 115 115 115 ASN ASN A . n 
A 1 116 TYR 116 116 116 TYR TYR A . n 
A 1 117 SER 117 117 117 SER SER A . n 
A 1 118 SER 118 118 118 SER SER A . n 
A 1 119 THR 119 119 119 THR THR A . n 
A 1 120 ILE 120 120 120 ILE ILE A . n 
A 1 121 SER 121 121 121 SER SER A . n 
A 1 122 LEU 122 122 122 LEU LEU A . n 
A 1 123 HIS 123 123 123 HIS HIS A . n 
A 1 124 SER 124 124 124 SER SER A . n 
A 1 125 GLU 125 125 125 GLU GLU A . n 
A 1 126 THR 126 126 126 THR THR A . n 
A 1 127 ILE 127 127 127 ILE ILE A . n 
A 1 128 ASP 128 128 128 ASP ASP A . n 
A 1 129 GLY 129 129 129 GLY GLY A . n 
A 1 130 LYS 130 130 130 LYS LYS A . n 
A 1 131 THR 131 131 131 THR THR A . n 
A 1 132 GLY 132 132 132 GLY GLY A . n 
A 1 133 THR 133 133 133 THR THR A . n 
A 1 134 LEU 134 134 134 LEU LEU A . n 
A 1 135 ALA 135 135 135 ALA ALA A . n 
A 1 136 ILE 136 136 136 ILE ILE A . n 
A 1 137 GLU 137 137 137 GLU GLU A . n 
A 1 138 SER 138 138 138 SER SER A . n 
A 1 139 PHE 139 139 139 PHE PHE A . n 
A 1 140 VAL 140 140 140 VAL VAL A . n 
A 1 141 VAL 141 141 141 VAL VAL A . n 
A 1 142 ASP 142 142 142 ASP ASP A . n 
A 1 143 VAL 143 143 143 VAL VAL A . n 
A 1 144 PRO 144 144 144 PRO PRO A . n 
A 1 145 GLU 145 145 145 GLU GLU A . n 
A 1 146 GLY 146 146 146 GLY GLY A . n 
A 1 147 ASN 147 147 147 ASN ASN A . n 
A 1 148 THR 148 148 148 THR THR A . n 
A 1 149 LYS 149 149 149 LYS LYS A . n 
A 1 150 GLU 150 150 150 GLU GLU A . n 
A 1 151 GLU 151 151 151 GLU GLU A . n 
A 1 152 THR 152 152 152 THR THR A . n 
A 1 153 CYS 153 153 153 CYS CYS A . n 
A 1 154 PHE 154 154 154 PHE PHE A . n 
A 1 155 PHE 155 155 155 PHE PHE A . n 
A 1 156 VAL 156 156 156 VAL VAL A . n 
A 1 157 GLU 157 157 157 GLU GLU A . n 
A 1 158 ALA 158 158 158 ALA ALA A . n 
A 1 159 LEU 159 159 159 LEU LEU A . n 
A 1 160 ILE 160 160 160 ILE ILE A . n 
A 1 161 GLN 161 161 161 GLN GLN A . n 
A 1 162 CYS 162 162 162 CYS CYS A . n 
A 1 163 ASN 163 163 163 ASN ASN A . n 
A 1 164 LEU 164 164 164 LEU LEU A . n 
A 1 165 ASN 165 165 165 ASN ASN A . n 
A 1 166 SER 166 166 166 SER SER A . n 
A 1 167 LEU 167 167 167 LEU LEU A . n 
A 1 168 ALA 168 168 168 ALA ALA A . n 
A 1 169 ASP 169 169 169 ASP ASP A . n 
A 1 170 VAL 170 170 170 VAL VAL A . n 
A 1 171 THR 171 171 171 THR THR A . n 
A 1 172 GLU 172 172 172 GLU GLU A . n 
A 1 173 ARG 173 173 173 ARG ARG A . n 
A 1 174 LEU 174 174 174 LEU LEU A . n 
A 1 175 GLN 175 175 175 GLN GLN A . n 
A 1 176 ALA 176 176 176 ALA ALA A . n 
A 1 177 GLU 177 177 177 GLU GLU A . n 
A 1 178 SER 178 178 178 SER SER A . n 
A 1 179 MET 179 179 ?   ?   ?   A . n 
A 1 180 GLU 180 180 ?   ?   ?   A . n 
A 1 181 LYS 181 181 ?   ?   ?   A . n 
A 1 182 LYS 182 182 ?   ?   ?   A . n 
A 1 183 ILE 183 183 ?   ?   ?   A . n 
A 1 184 LEU 184 184 ?   ?   ?   A . n 
A 1 185 GLU 185 185 ?   ?   ?   A . n 
A 1 186 HIS 186 186 ?   ?   ?   A . n 
A 1 187 HIS 187 187 ?   ?   ?   A . n 
A 1 188 HIS 188 188 ?   ?   ?   A . n 
A 1 189 HIS 189 189 ?   ?   ?   A . n 
A 1 190 HIS 190 190 ?   ?   ?   A . n 
A 1 191 HIS 191 191 ?   ?   ?   A . n 
# 
loop_
_pdbx_nonpoly_scheme.asym_id 
_pdbx_nonpoly_scheme.entity_id 
_pdbx_nonpoly_scheme.mon_id 
_pdbx_nonpoly_scheme.ndb_seq_num 
_pdbx_nonpoly_scheme.pdb_seq_num 
_pdbx_nonpoly_scheme.auth_seq_num 
_pdbx_nonpoly_scheme.pdb_mon_id 
_pdbx_nonpoly_scheme.auth_mon_id 
_pdbx_nonpoly_scheme.pdb_strand_id 
_pdbx_nonpoly_scheme.pdb_ins_code 
B 2 A8S 1  192 179 A8S A8S A . 
C 3 HOH 1  193 180 HOH HOH A . 
C 3 HOH 2  194 181 HOH HOH A . 
C 3 HOH 3  195 182 HOH HOH A . 
C 3 HOH 4  196 183 HOH HOH A . 
C 3 HOH 5  197 184 HOH HOH A . 
C 3 HOH 6  198 185 HOH HOH A . 
C 3 HOH 7  199 186 HOH HOH A . 
C 3 HOH 8  200 187 HOH HOH A . 
C 3 HOH 9  201 188 HOH HOH A . 
C 3 HOH 10 202 189 HOH HOH A . 
C 3 HOH 11 203 190 HOH HOH A . 
# 
loop_
_software.name 
_software.classification 
_software.version 
_software.citation_id 
_software.pdbx_ordinal 
HKL-2000 'data collection' .        ? 1 
PHASES   phasing           .        ? 2 
REFMAC   refinement        5.6.0117 ? 3 
HKL-2000 'data reduction'  .        ? 4 
HKL-2000 'data scaling'    .        ? 5 
# 
_cell.entry_id           3R6P 
_cell.length_a           68.327 
_cell.length_b           68.327 
_cell.length_c           63.396 
_cell.angle_alpha        90.00 
_cell.angle_beta         90.00 
_cell.angle_gamma        120.00 
_cell.Z_PDB              6 
_cell.pdbx_unique_axis   ? 
_cell.length_a_esd       ? 
_cell.length_b_esd       ? 
_cell.length_c_esd       ? 
_cell.angle_alpha_esd    ? 
_cell.angle_beta_esd     ? 
_cell.angle_gamma_esd    ? 
# 
_symmetry.entry_id                         3R6P 
_symmetry.space_group_name_H-M             'P 31 2 1' 
_symmetry.pdbx_full_space_group_name_H-M   ? 
_symmetry.cell_setting                     ? 
_symmetry.Int_Tables_number                152 
_symmetry.space_group_name_Hall            ? 
# 
_exptl.entry_id          3R6P 
_exptl.method            'X-RAY DIFFRACTION' 
_exptl.crystals_number   1 
# 
_exptl_crystal.id                    1 
_exptl_crystal.density_meas          ? 
_exptl_crystal.density_Matthews      1.96 
_exptl_crystal.density_percent_sol   37.39 
_exptl_crystal.description           ? 
_exptl_crystal.F_000                 ? 
_exptl_crystal.preparation           ? 
# 
_exptl_crystal_grow.crystal_id      1 
_exptl_crystal_grow.method          'VAPOR DIFFUSION, SITTING DROP' 
_exptl_crystal_grow.temp            295 
_exptl_crystal_grow.temp_details    ? 
_exptl_crystal_grow.pH              6.5 
_exptl_crystal_grow.pdbx_details    
'20% PEG monoethyl ether 5000, 0.1M Bis-Tris, pH 6.5, VAPOR DIFFUSION, SITTING DROP, temperature 295K' 
_exptl_crystal_grow.pdbx_pH_range   . 
# 
_diffrn.id                     1 
_diffrn.ambient_temp           100 
_diffrn.ambient_temp_details   ? 
_diffrn.crystal_id             1 
# 
_diffrn_detector.diffrn_id              1 
_diffrn_detector.detector               ? 
_diffrn_detector.type                   ? 
_diffrn_detector.pdbx_collection_date   2011-03-16 
_diffrn_detector.details                ? 
# 
_diffrn_radiation.diffrn_id                        1 
_diffrn_radiation.wavelength_id                    1 
_diffrn_radiation.pdbx_monochromatic_or_laue_m_l   M 
_diffrn_radiation.monochromator                    ? 
_diffrn_radiation.pdbx_diffrn_protocol             'SINGLE WAVELENGTH' 
_diffrn_radiation.pdbx_scattering_type             x-ray 
# 
_diffrn_radiation_wavelength.id           1 
_diffrn_radiation_wavelength.wavelength   . 
_diffrn_radiation_wavelength.wt           1.0 
# 
_diffrn_source.diffrn_id                   1 
_diffrn_source.source                      SYNCHROTRON 
_diffrn_source.type                        'SSRF BEAMLINE BL17U' 
_diffrn_source.pdbx_synchrotron_site       SSRF 
_diffrn_source.pdbx_synchrotron_beamline   BL17U 
_diffrn_source.pdbx_wavelength             ? 
_diffrn_source.pdbx_wavelength_list        ? 
# 
_reflns.entry_id                     3R6P 
_reflns.observed_criterion_sigma_I   ? 
_reflns.observed_criterion_sigma_F   ? 
_reflns.d_resolution_low             50.0 
_reflns.d_resolution_high            2.7 
_reflns.number_obs                   4929 
_reflns.number_all                   ? 
_reflns.percent_possible_obs         ? 
_reflns.pdbx_Rmerge_I_obs            ? 
_reflns.pdbx_Rsym_value              ? 
_reflns.pdbx_netI_over_sigmaI        ? 
_reflns.B_iso_Wilson_estimate        ? 
_reflns.pdbx_redundancy              ? 
_reflns.R_free_details               ? 
_reflns.limit_h_max                  ? 
_reflns.limit_h_min                  ? 
_reflns.limit_k_max                  ? 
_reflns.limit_k_min                  ? 
_reflns.limit_l_max                  ? 
_reflns.limit_l_min                  ? 
_reflns.observed_criterion_F_max     ? 
_reflns.observed_criterion_F_min     ? 
_reflns.pdbx_chi_squared             ? 
_reflns.pdbx_scaling_rejects         ? 
_reflns.pdbx_ordinal                 1 
_reflns.pdbx_diffrn_id               1 
# 
_refine.entry_id                                 3R6P 
_refine.pdbx_refine_id                           'X-RAY DIFFRACTION' 
_refine.ls_d_res_high                            2.7000 
_refine.ls_d_res_low                             50.0000 
_refine.pdbx_ls_sigma_F                          0.000 
_refine.pdbx_data_cutoff_high_absF               ? 
_refine.pdbx_data_cutoff_low_absF                ? 
_refine.ls_percent_reflns_obs                    99.1500 
_refine.ls_number_reflns_obs                     4915 
_refine.ls_number_reflns_all                     ? 
_refine.pdbx_ls_cross_valid_method               THROUGHOUT 
_refine.ls_matrix_type                           ? 
_refine.pdbx_R_Free_selection_details            RANDOM 
_refine.details                                  'HYDROGENS HAVE BEEN USED IF PRESENT IN THE INPUT U VALUES: REFINED INDIVIDUALLY' 
_refine.ls_R_factor_all                          ? 
_refine.ls_R_factor_obs                          0.2428 
_refine.ls_R_factor_R_work                       0.2389 
_refine.ls_wR_factor_R_work                      ? 
_refine.ls_R_factor_R_free                       0.2777 
_refine.ls_wR_factor_R_free                      ? 
_refine.ls_percent_reflns_R_free                 9.8000 
_refine.ls_number_reflns_R_free                  480 
_refine.ls_number_reflns_R_work                  4435 
_refine.ls_R_factor_R_free_error                 ? 
_refine.B_iso_mean                               67.6368 
_refine.solvent_model_param_bsol                 ? 
_refine.solvent_model_param_ksol                 ? 
_refine.pdbx_isotropic_thermal_model             ? 
_refine.aniso_B[1][1]                            1.7000 
_refine.aniso_B[2][2]                            1.7000 
_refine.aniso_B[3][3]                            -2.5500 
_refine.aniso_B[1][2]                            0.8500 
_refine.aniso_B[1][3]                            0.0000 
_refine.aniso_B[2][3]                            0.0000 
_refine.correlation_coeff_Fo_to_Fc               0.9330 
_refine.correlation_coeff_Fo_to_Fc_free          0.9240 
_refine.overall_SU_R_Cruickshank_DPI             ? 
_refine.pdbx_overall_SU_R_free_Cruickshank_DPI   ? 
_refine.pdbx_overall_SU_R_Blow_DPI               ? 
_refine.pdbx_overall_SU_R_free_Blow_DPI          ? 
_refine.overall_SU_R_free                        ? 
_refine.pdbx_overall_ESU_R                       ? 
_refine.pdbx_overall_ESU_R_Free                  0.4110 
_refine.overall_SU_ML                            ? 
_refine.overall_SU_B                             ? 
_refine.solvent_model_details                    MASK 
_refine.pdbx_solvent_vdw_probe_radii             1.2000 
_refine.pdbx_solvent_ion_probe_radii             0.8000 
_refine.pdbx_solvent_shrinkage_radii             0.8000 
_refine.ls_number_parameters                     ? 
_refine.ls_number_restraints                     ? 
_refine.pdbx_starting_model                      3UQH 
_refine.pdbx_method_to_determine_struct          'MOLECULAR REPLACEMENT' 
_refine.pdbx_stereochemistry_target_values       'MAXIMUM LIKELIHOOD' 
_refine.pdbx_stereochem_target_val_spec_case     ? 
_refine.overall_FOM_work_R_set                   ? 
_refine.B_iso_max                                109.560 
_refine.B_iso_min                                47.730 
_refine.pdbx_overall_phase_error                 ? 
_refine.occupancy_max                            1.000 
_refine.occupancy_min                            0.050 
_refine.pdbx_diffrn_id                           1 
_refine.pdbx_ls_sigma_I                          ? 
_refine.ls_redundancy_reflns_obs                 ? 
_refine.ls_R_factor_R_free_error_details         ? 
_refine.pdbx_data_cutoff_high_rms_absF           ? 
_refine.overall_FOM_free_R_set                   ? 
_refine.pdbx_TLS_residual_ADP_flag               ? 
# 
_refine_hist.pdbx_refine_id                   'X-RAY DIFFRACTION' 
_refine_hist.cycle_id                         LAST 
_refine_hist.pdbx_number_atoms_protein        1200 
_refine_hist.pdbx_number_atoms_nucleic_acid   0 
_refine_hist.pdbx_number_atoms_ligand         19 
_refine_hist.number_atoms_solvent             11 
_refine_hist.number_atoms_total               1230 
_refine_hist.d_res_high                       2.7000 
_refine_hist.d_res_low                        50.0000 
# 
loop_
_refine_ls_restr.pdbx_refine_id 
_refine_ls_restr.type 
_refine_ls_restr.number 
_refine_ls_restr.dev_ideal 
_refine_ls_restr.dev_ideal_target 
_refine_ls_restr.weight 
_refine_ls_restr.pdbx_restraint_function 
'X-RAY DIFFRACTION' r_bond_refined_d       1247 0.012  0.020  ? ? 
'X-RAY DIFFRACTION' r_angle_refined_deg    1691 1.411  1.982  ? ? 
'X-RAY DIFFRACTION' r_dihedral_angle_1_deg 155  4.919  5.000  ? ? 
'X-RAY DIFFRACTION' r_dihedral_angle_2_deg 53   31.045 24.528 ? ? 
'X-RAY DIFFRACTION' r_dihedral_angle_3_deg 230  19.002 15.000 ? ? 
'X-RAY DIFFRACTION' r_dihedral_angle_4_deg 8    19.333 15.000 ? ? 
'X-RAY DIFFRACTION' r_chiral_restr         200  0.072  0.200  ? ? 
'X-RAY DIFFRACTION' r_gen_planes_refined   911  0.005  0.021  ? ? 
# 
_refine_ls_shell.d_res_high                       2.6970 
_refine_ls_shell.d_res_low                        2.7670 
_refine_ls_shell.pdbx_total_number_of_bins_used   20 
_refine_ls_shell.percent_reflns_obs               99.4300 
_refine_ls_shell.number_reflns_R_work             310 
_refine_ls_shell.R_factor_all                     ? 
_refine_ls_shell.R_factor_R_work                  0.3370 
_refine_ls_shell.R_factor_R_free                  0.4300 
_refine_ls_shell.percent_reflns_R_free            ? 
_refine_ls_shell.number_reflns_R_free             41 
_refine_ls_shell.R_factor_R_free_error            ? 
_refine_ls_shell.number_reflns_all                351 
_refine_ls_shell.number_reflns_obs                ? 
_refine_ls_shell.pdbx_refine_id                   'X-RAY DIFFRACTION' 
_refine_ls_shell.redundancy_reflns_obs            ? 
# 
_struct.entry_id                  3R6P 
_struct.title                     'Crystal structure of abscisic acid-bound PYL10' 
_struct.pdbx_model_details        ? 
_struct.pdbx_CASP_flag            Y 
_struct.pdbx_model_type_details   ? 
# 
_struct_keywords.entry_id        3R6P 
_struct_keywords.pdbx_keywords   'HORMONE RECEPTOR' 
_struct_keywords.text            'Arabidopsis Proteins Receptors, Abscisic Acid binding, HORMONE RECEPTOR' 
# 
loop_
_struct_asym.id 
_struct_asym.pdbx_blank_PDB_chainid_flag 
_struct_asym.pdbx_modified 
_struct_asym.entity_id 
_struct_asym.details 
A N N 1 ? 
B N N 2 ? 
C N N 3 ? 
# 
_struct_ref.id                         1 
_struct_ref.db_name                    UNP 
_struct_ref.db_code                    PYL10_ARATH 
_struct_ref.pdbx_db_accession          Q8H1R0 
_struct_ref.entity_id                  1 
_struct_ref.pdbx_seq_one_letter_code   
;MNGDETKKVESEYIKKHHRHELVESQCSSTLVKHIKAPLHLVWSIVRRFDEPQKYKPFISRCVVQGKKLEVGSVREVDLK
SGLPATKSTEVLEILDDNEHILGIRIVGGDHRLKNYSSTISLHSETIDGKTGTLAIESFVVDVPEGNTKEETCFFVEALI
QCNLNSLADVTERLQAESMEKKI
;
_struct_ref.pdbx_align_begin           1 
_struct_ref.pdbx_db_isoform            ? 
# 
_struct_ref_seq.align_id                      1 
_struct_ref_seq.ref_id                        1 
_struct_ref_seq.pdbx_PDB_id_code              3R6P 
_struct_ref_seq.pdbx_strand_id                A 
_struct_ref_seq.seq_align_beg                 1 
_struct_ref_seq.pdbx_seq_align_beg_ins_code   ? 
_struct_ref_seq.seq_align_end                 183 
_struct_ref_seq.pdbx_seq_align_end_ins_code   ? 
_struct_ref_seq.pdbx_db_accession             Q8H1R0 
_struct_ref_seq.db_align_beg                  1 
_struct_ref_seq.pdbx_db_align_beg_ins_code    ? 
_struct_ref_seq.db_align_end                  183 
_struct_ref_seq.pdbx_db_align_end_ins_code    ? 
_struct_ref_seq.pdbx_auth_seq_align_beg       1 
_struct_ref_seq.pdbx_auth_seq_align_end       183 
# 
loop_
_struct_ref_seq_dif.align_id 
_struct_ref_seq_dif.pdbx_pdb_id_code 
_struct_ref_seq_dif.mon_id 
_struct_ref_seq_dif.pdbx_pdb_strand_id 
_struct_ref_seq_dif.seq_num 
_struct_ref_seq_dif.pdbx_pdb_ins_code 
_struct_ref_seq_dif.pdbx_seq_db_name 
_struct_ref_seq_dif.pdbx_seq_db_accession_code 
_struct_ref_seq_dif.db_mon_id 
_struct_ref_seq_dif.pdbx_seq_db_seq_num 
_struct_ref_seq_dif.details 
_struct_ref_seq_dif.pdbx_auth_seq_num 
_struct_ref_seq_dif.pdbx_ordinal 
1 3R6P LEU A 184 ? UNP Q8H1R0 ? ? 'expression tag' 184 1 
1 3R6P GLU A 185 ? UNP Q8H1R0 ? ? 'expression tag' 185 2 
1 3R6P HIS A 186 ? UNP Q8H1R0 ? ? 'expression tag' 186 3 
1 3R6P HIS A 187 ? UNP Q8H1R0 ? ? 'expression tag' 187 4 
1 3R6P HIS A 188 ? UNP Q8H1R0 ? ? 'expression tag' 188 5 
1 3R6P HIS A 189 ? UNP Q8H1R0 ? ? 'expression tag' 189 6 
1 3R6P HIS A 190 ? UNP Q8H1R0 ? ? 'expression tag' 190 7 
1 3R6P HIS A 191 ? UNP Q8H1R0 ? ? 'expression tag' 191 8 
# 
loop_
_pdbx_struct_assembly.id 
_pdbx_struct_assembly.details 
_pdbx_struct_assembly.method_details 
_pdbx_struct_assembly.oligomeric_details 
_pdbx_struct_assembly.oligomeric_count 
1 author_defined_assembly   ?    monomeric 1 
2 software_defined_assembly PISA dimeric   2 
# 
loop_
_pdbx_struct_assembly_prop.biol_id 
_pdbx_struct_assembly_prop.type 
_pdbx_struct_assembly_prop.value 
_pdbx_struct_assembly_prop.details 
2 'ABSA (A^2)' 1350  ? 
2 MORE         -15   ? 
2 'SSA (A^2)'  15410 ? 
# 
loop_
_pdbx_struct_assembly_gen.assembly_id 
_pdbx_struct_assembly_gen.oper_expression 
_pdbx_struct_assembly_gen.asym_id_list 
1 1   A,B,C 
2 1,2 A,B,C 
# 
loop_
_pdbx_struct_oper_list.id 
_pdbx_struct_oper_list.type 
_pdbx_struct_oper_list.name 
_pdbx_struct_oper_list.symmetry_operation 
_pdbx_struct_oper_list.matrix[1][1] 
_pdbx_struct_oper_list.matrix[1][2] 
_pdbx_struct_oper_list.matrix[1][3] 
_pdbx_struct_oper_list.vector[1] 
_pdbx_struct_oper_list.matrix[2][1] 
_pdbx_struct_oper_list.matrix[2][2] 
_pdbx_struct_oper_list.matrix[2][3] 
_pdbx_struct_oper_list.vector[2] 
_pdbx_struct_oper_list.matrix[3][1] 
_pdbx_struct_oper_list.matrix[3][2] 
_pdbx_struct_oper_list.matrix[3][3] 
_pdbx_struct_oper_list.vector[3] 
1 'identity operation'         1_555 x,y,z          1.0000000000  0.0000000000  0.0000000000 0.0000000000  0.0000000000  1.0000000000  0.0000000000  0.0000000000  0.0000000000 0.0000000000  1.0000000000 0.0000000000 
2 'crystal symmetry operation' 6_554 -x,-x+y,-z-2/3 -0.5528543708 -0.4341962595 0.7112142104 15.1784829877 -0.4341962595 -0.5783780956 -0.6906173954 21.0995087532 0.7112142104 -0.6906173954 0.1312324663 3.3384252128 
# 
_struct_biol.id        1 
_struct_biol.details   ? 
# 
loop_
_struct_conf.conf_type_id 
_struct_conf.id 
_struct_conf.pdbx_PDB_helix_id 
_struct_conf.beg_label_comp_id 
_struct_conf.beg_label_asym_id 
_struct_conf.beg_label_seq_id 
_struct_conf.pdbx_beg_PDB_ins_code 
_struct_conf.end_label_comp_id 
_struct_conf.end_label_asym_id 
_struct_conf.end_label_seq_id 
_struct_conf.pdbx_end_PDB_ins_code 
_struct_conf.beg_auth_comp_id 
_struct_conf.beg_auth_asym_id 
_struct_conf.beg_auth_seq_id 
_struct_conf.end_auth_comp_id 
_struct_conf.end_auth_asym_id 
_struct_conf.end_auth_seq_id 
_struct_conf.pdbx_PDB_helix_class 
_struct_conf.details 
_struct_conf.pdbx_PDB_helix_length 
HELX_P HELX_P1 1 PRO A 38  ? ARG A 47  ? PRO A 38  ARG A 47  1 ? 10 
HELX_P HELX_P2 2 GLU A 51  ? TYR A 55  ? GLU A 51  TYR A 55  5 ? 5  
HELX_P HELX_P3 3 THR A 148 ? SER A 178 ? THR A 148 SER A 178 1 ? 31 
# 
_struct_conf_type.id          HELX_P 
_struct_conf_type.criteria    ? 
_struct_conf_type.reference   ? 
# 
_struct_conn.id                            disulf1 
_struct_conn.conn_type_id                  disulf 
_struct_conn.pdbx_leaving_atom_flag        ? 
_struct_conn.pdbx_PDB_id                   ? 
_struct_conn.ptnr1_label_asym_id           A 
_struct_conn.ptnr1_label_comp_id           CYS 
_struct_conn.ptnr1_label_seq_id            27 
_struct_conn.ptnr1_label_atom_id           SG 
_struct_conn.pdbx_ptnr1_label_alt_id       ? 
_struct_conn.pdbx_ptnr1_PDB_ins_code       ? 
_struct_conn.pdbx_ptnr1_standard_comp_id   ? 
_struct_conn.ptnr1_symmetry                1_555 
_struct_conn.ptnr2_label_asym_id           A 
_struct_conn.ptnr2_label_comp_id           CYS 
_struct_conn.ptnr2_label_seq_id            153 
_struct_conn.ptnr2_label_atom_id           SG 
_struct_conn.pdbx_ptnr2_label_alt_id       ? 
_struct_conn.pdbx_ptnr2_PDB_ins_code       ? 
_struct_conn.ptnr1_auth_asym_id            A 
_struct_conn.ptnr1_auth_comp_id            CYS 
_struct_conn.ptnr1_auth_seq_id             27 
_struct_conn.ptnr2_auth_asym_id            A 
_struct_conn.ptnr2_auth_comp_id            CYS 
_struct_conn.ptnr2_auth_seq_id             153 
_struct_conn.ptnr2_symmetry                1_555 
_struct_conn.pdbx_ptnr3_label_atom_id      ? 
_struct_conn.pdbx_ptnr3_label_seq_id       ? 
_struct_conn.pdbx_ptnr3_label_comp_id      ? 
_struct_conn.pdbx_ptnr3_label_asym_id      ? 
_struct_conn.pdbx_ptnr3_label_alt_id       ? 
_struct_conn.pdbx_ptnr3_PDB_ins_code       ? 
_struct_conn.details                       ? 
_struct_conn.pdbx_dist_value               2.055 
_struct_conn.pdbx_value_order              ? 
_struct_conn.pdbx_role                     ? 
# 
_struct_conn_type.id          disulf 
_struct_conn_type.criteria    ? 
_struct_conn_type.reference   ? 
# 
_pdbx_modification_feature.ordinal                            1 
_pdbx_modification_feature.label_comp_id                      CYS 
_pdbx_modification_feature.label_asym_id                      A 
_pdbx_modification_feature.label_seq_id                       27 
_pdbx_modification_feature.label_alt_id                       ? 
_pdbx_modification_feature.modified_residue_label_comp_id     CYS 
_pdbx_modification_feature.modified_residue_label_asym_id     A 
_pdbx_modification_feature.modified_residue_label_seq_id      153 
_pdbx_modification_feature.modified_residue_label_alt_id      ? 
_pdbx_modification_feature.auth_comp_id                       CYS 
_pdbx_modification_feature.auth_asym_id                       A 
_pdbx_modification_feature.auth_seq_id                        27 
_pdbx_modification_feature.PDB_ins_code                       ? 
_pdbx_modification_feature.symmetry                           1_555 
_pdbx_modification_feature.modified_residue_auth_comp_id      CYS 
_pdbx_modification_feature.modified_residue_auth_asym_id      A 
_pdbx_modification_feature.modified_residue_auth_seq_id       153 
_pdbx_modification_feature.modified_residue_PDB_ins_code      ? 
_pdbx_modification_feature.modified_residue_symmetry          1_555 
_pdbx_modification_feature.comp_id_linking_atom               SG 
_pdbx_modification_feature.modified_residue_id_linking_atom   SG 
_pdbx_modification_feature.modified_residue_id                . 
_pdbx_modification_feature.ref_pcm_id                         . 
_pdbx_modification_feature.ref_comp_id                        . 
_pdbx_modification_feature.type                               None 
_pdbx_modification_feature.category                           'Disulfide bridge' 
# 
_struct_sheet.id               A 
_struct_sheet.type             ? 
_struct_sheet.number_strands   7 
_struct_sheet.details          ? 
# 
loop_
_struct_sheet_order.sheet_id 
_struct_sheet_order.range_id_1 
_struct_sheet_order.range_id_2 
_struct_sheet_order.offset 
_struct_sheet_order.sense 
A 1 2 ? anti-parallel 
A 2 3 ? anti-parallel 
A 3 4 ? anti-parallel 
A 4 5 ? anti-parallel 
A 5 6 ? anti-parallel 
A 6 7 ? anti-parallel 
# 
loop_
_struct_sheet_range.sheet_id 
_struct_sheet_range.id 
_struct_sheet_range.beg_label_comp_id 
_struct_sheet_range.beg_label_asym_id 
_struct_sheet_range.beg_label_seq_id 
_struct_sheet_range.pdbx_beg_PDB_ins_code 
_struct_sheet_range.end_label_comp_id 
_struct_sheet_range.end_label_asym_id 
_struct_sheet_range.end_label_seq_id 
_struct_sheet_range.pdbx_end_PDB_ins_code 
_struct_sheet_range.beg_auth_comp_id 
_struct_sheet_range.beg_auth_asym_id 
_struct_sheet_range.beg_auth_seq_id 
_struct_sheet_range.end_auth_comp_id 
_struct_sheet_range.end_auth_asym_id 
_struct_sheet_range.end_auth_seq_id 
A 1 GLN A 26  ? ILE A 35  ? GLN A 26  ILE A 35  
A 2 THR A 131 ? ASP A 142 ? THR A 131 ASP A 142 
A 3 SER A 117 ? THR A 126 ? SER A 117 THR A 126 
A 4 ILE A 101 ? GLY A 109 ? ILE A 101 GLY A 109 
A 5 LYS A 87  ? ASP A 96  ? LYS A 87  ASP A 96  
A 6 VAL A 74  ? LEU A 79  ? VAL A 74  LEU A 79  
A 7 ILE A 59  ? VAL A 64  ? ILE A 59  VAL A 64  
# 
loop_
_pdbx_struct_sheet_hbond.sheet_id 
_pdbx_struct_sheet_hbond.range_id_1 
_pdbx_struct_sheet_hbond.range_id_2 
_pdbx_struct_sheet_hbond.range_1_label_atom_id 
_pdbx_struct_sheet_hbond.range_1_label_comp_id 
_pdbx_struct_sheet_hbond.range_1_label_asym_id 
_pdbx_struct_sheet_hbond.range_1_label_seq_id 
_pdbx_struct_sheet_hbond.range_1_PDB_ins_code 
_pdbx_struct_sheet_hbond.range_1_auth_atom_id 
_pdbx_struct_sheet_hbond.range_1_auth_comp_id 
_pdbx_struct_sheet_hbond.range_1_auth_asym_id 
_pdbx_struct_sheet_hbond.range_1_auth_seq_id 
_pdbx_struct_sheet_hbond.range_2_label_atom_id 
_pdbx_struct_sheet_hbond.range_2_label_comp_id 
_pdbx_struct_sheet_hbond.range_2_label_asym_id 
_pdbx_struct_sheet_hbond.range_2_label_seq_id 
_pdbx_struct_sheet_hbond.range_2_PDB_ins_code 
_pdbx_struct_sheet_hbond.range_2_auth_atom_id 
_pdbx_struct_sheet_hbond.range_2_auth_comp_id 
_pdbx_struct_sheet_hbond.range_2_auth_asym_id 
_pdbx_struct_sheet_hbond.range_2_auth_seq_id 
A 1 2 N LEU A 31  ? N LEU A 31  O GLU A 137 ? O GLU A 137 
A 2 3 O ILE A 136 ? O ILE A 136 N SER A 121 ? N SER A 121 
A 3 4 O ILE A 120 ? O ILE A 120 N LEU A 102 ? N LEU A 102 
A 4 5 O VAL A 107 ? O VAL A 107 N THR A 89  ? N THR A 89  
A 5 6 O SER A 88  ? O SER A 88  N VAL A 77  ? N VAL A 77  
A 6 7 O ASP A 78  ? O ASP A 78  N ARG A 61  ? N ARG A 61  
# 
_struct_site.id                   AC1 
_struct_site.pdbx_evidence_code   Software 
_struct_site.pdbx_auth_asym_id    A 
_struct_site.pdbx_auth_comp_id    A8S 
_struct_site.pdbx_auth_seq_id     192 
_struct_site.pdbx_auth_ins_code   ? 
_struct_site.pdbx_num_residues    6 
_struct_site.details              'BINDING SITE FOR RESIDUE A8S A 192' 
# 
loop_
_struct_site_gen.id 
_struct_site_gen.site_id 
_struct_site_gen.pdbx_num_res 
_struct_site_gen.label_comp_id 
_struct_site_gen.label_asym_id 
_struct_site_gen.label_seq_id 
_struct_site_gen.pdbx_auth_ins_code 
_struct_site_gen.auth_comp_id 
_struct_site_gen.auth_asym_id 
_struct_site_gen.auth_seq_id 
_struct_site_gen.label_atom_id 
_struct_site_gen.label_alt_id 
_struct_site_gen.symmetry 
_struct_site_gen.details 
1 AC1 6 LYS A 56  ? LYS A 56  . ? 1_555 ? 
2 AC1 6 LEU A 79  ? LEU A 79  . ? 1_555 ? 
3 AC1 6 ILE A 106 ? ILE A 106 . ? 1_555 ? 
4 AC1 6 HIS A 111 ? HIS A 111 . ? 1_555 ? 
5 AC1 6 TYR A 116 ? TYR A 116 . ? 1_555 ? 
6 AC1 6 VAL A 156 ? VAL A 156 . ? 1_555 ? 
# 
_pdbx_entry_details.entry_id                   3R6P 
_pdbx_entry_details.compound_details           ? 
_pdbx_entry_details.source_details             ? 
_pdbx_entry_details.nonpolymer_details         ? 
_pdbx_entry_details.sequence_details           ? 
_pdbx_entry_details.has_ligand_of_interest     ? 
_pdbx_entry_details.has_protein_modification   Y 
# 
loop_
_pdbx_unobs_or_zero_occ_residues.id 
_pdbx_unobs_or_zero_occ_residues.PDB_model_num 
_pdbx_unobs_or_zero_occ_residues.polymer_flag 
_pdbx_unobs_or_zero_occ_residues.occupancy_flag 
_pdbx_unobs_or_zero_occ_residues.auth_asym_id 
_pdbx_unobs_or_zero_occ_residues.auth_comp_id 
_pdbx_unobs_or_zero_occ_residues.auth_seq_id 
_pdbx_unobs_or_zero_occ_residues.PDB_ins_code 
_pdbx_unobs_or_zero_occ_residues.label_asym_id 
_pdbx_unobs_or_zero_occ_residues.label_comp_id 
_pdbx_unobs_or_zero_occ_residues.label_seq_id 
1  1 Y 1 A MET 1   ? A MET 1   
2  1 Y 1 A ASN 2   ? A ASN 2   
3  1 Y 1 A GLY 3   ? A GLY 3   
4  1 Y 1 A ASP 4   ? A ASP 4   
5  1 Y 1 A GLU 5   ? A GLU 5   
6  1 Y 1 A THR 6   ? A THR 6   
7  1 Y 1 A LYS 7   ? A LYS 7   
8  1 Y 1 A LYS 8   ? A LYS 8   
9  1 Y 1 A VAL 9   ? A VAL 9   
10 1 Y 1 A GLU 10  ? A GLU 10  
11 1 Y 1 A SER 11  ? A SER 11  
12 1 Y 1 A GLU 12  ? A GLU 12  
13 1 Y 1 A TYR 13  ? A TYR 13  
14 1 Y 1 A ILE 14  ? A ILE 14  
15 1 Y 1 A LYS 15  ? A LYS 15  
16 1 Y 1 A LYS 16  ? A LYS 16  
17 1 Y 1 A HIS 17  ? A HIS 17  
18 1 Y 1 A HIS 18  ? A HIS 18  
19 1 Y 1 A ARG 19  ? A ARG 19  
20 1 Y 1 A HIS 20  ? A HIS 20  
21 1 Y 1 A GLU 21  ? A GLU 21  
22 1 Y 1 A LEU 22  ? A LEU 22  
23 1 Y 1 A VAL 23  ? A VAL 23  
24 1 Y 1 A GLU 24  ? A GLU 24  
25 1 Y 1 A MET 179 ? A MET 179 
26 1 Y 1 A GLU 180 ? A GLU 180 
27 1 Y 1 A LYS 181 ? A LYS 181 
28 1 Y 1 A LYS 182 ? A LYS 182 
29 1 Y 1 A ILE 183 ? A ILE 183 
30 1 Y 1 A LEU 184 ? A LEU 184 
31 1 Y 1 A GLU 185 ? A GLU 185 
32 1 Y 1 A HIS 186 ? A HIS 186 
33 1 Y 1 A HIS 187 ? A HIS 187 
34 1 Y 1 A HIS 188 ? A HIS 188 
35 1 Y 1 A HIS 189 ? A HIS 189 
36 1 Y 1 A HIS 190 ? A HIS 190 
37 1 Y 1 A HIS 191 ? A HIS 191 
# 
loop_
_chem_comp_atom.comp_id 
_chem_comp_atom.atom_id 
_chem_comp_atom.type_symbol 
_chem_comp_atom.pdbx_aromatic_flag 
_chem_comp_atom.pdbx_stereo_config 
_chem_comp_atom.pdbx_ordinal 
A8S C1   C N N 1   
A8S C2   C N N 2   
A8S C3   C N N 3   
A8S C4   C N N 4   
A8S C5   C N N 5   
A8S C6   C N N 6   
A8S C7   C N S 7   
A8S O7   O N N 8   
A8S C8   C N N 9   
A8S C9   C N N 10  
A8S C10  C N N 11  
A8S O10  O N N 12  
A8S C11  C N N 13  
A8S O11  O N N 14  
A8S C12  C N N 15  
A8S O12  O N N 16  
A8S C13  C N N 17  
A8S C14  C N N 18  
A8S C15  C N N 19  
A8S H2   H N N 20  
A8S H4   H N N 21  
A8S H5   H N N 22  
A8S H6   H N N 23  
A8S H6A  H N N 24  
A8S H6B  H N N 25  
A8S HO7  H N N 26  
A8S H9   H N N 27  
A8S H11  H N N 28  
A8S H11A H N N 29  
A8S HO11 H N N 30  
A8S H13  H N N 31  
A8S H13A H N N 32  
A8S H14  H N N 33  
A8S H14A H N N 34  
A8S H14B H N N 35  
A8S H15  H N N 36  
A8S H15A H N N 37  
A8S H15B H N N 38  
A8S H13B H N N 39  
ALA N    N N N 40  
ALA CA   C N S 41  
ALA C    C N N 42  
ALA O    O N N 43  
ALA CB   C N N 44  
ALA OXT  O N N 45  
ALA H    H N N 46  
ALA H2   H N N 47  
ALA HA   H N N 48  
ALA HB1  H N N 49  
ALA HB2  H N N 50  
ALA HB3  H N N 51  
ALA HXT  H N N 52  
ARG N    N N N 53  
ARG CA   C N S 54  
ARG C    C N N 55  
ARG O    O N N 56  
ARG CB   C N N 57  
ARG CG   C N N 58  
ARG CD   C N N 59  
ARG NE   N N N 60  
ARG CZ   C N N 61  
ARG NH1  N N N 62  
ARG NH2  N N N 63  
ARG OXT  O N N 64  
ARG H    H N N 65  
ARG H2   H N N 66  
ARG HA   H N N 67  
ARG HB2  H N N 68  
ARG HB3  H N N 69  
ARG HG2  H N N 70  
ARG HG3  H N N 71  
ARG HD2  H N N 72  
ARG HD3  H N N 73  
ARG HE   H N N 74  
ARG HH11 H N N 75  
ARG HH12 H N N 76  
ARG HH21 H N N 77  
ARG HH22 H N N 78  
ARG HXT  H N N 79  
ASN N    N N N 80  
ASN CA   C N S 81  
ASN C    C N N 82  
ASN O    O N N 83  
ASN CB   C N N 84  
ASN CG   C N N 85  
ASN OD1  O N N 86  
ASN ND2  N N N 87  
ASN OXT  O N N 88  
ASN H    H N N 89  
ASN H2   H N N 90  
ASN HA   H N N 91  
ASN HB2  H N N 92  
ASN HB3  H N N 93  
ASN HD21 H N N 94  
ASN HD22 H N N 95  
ASN HXT  H N N 96  
ASP N    N N N 97  
ASP CA   C N S 98  
ASP C    C N N 99  
ASP O    O N N 100 
ASP CB   C N N 101 
ASP CG   C N N 102 
ASP OD1  O N N 103 
ASP OD2  O N N 104 
ASP OXT  O N N 105 
ASP H    H N N 106 
ASP H2   H N N 107 
ASP HA   H N N 108 
ASP HB2  H N N 109 
ASP HB3  H N N 110 
ASP HD2  H N N 111 
ASP HXT  H N N 112 
CYS N    N N N 113 
CYS CA   C N R 114 
CYS C    C N N 115 
CYS O    O N N 116 
CYS CB   C N N 117 
CYS SG   S N N 118 
CYS OXT  O N N 119 
CYS H    H N N 120 
CYS H2   H N N 121 
CYS HA   H N N 122 
CYS HB2  H N N 123 
CYS HB3  H N N 124 
CYS HG   H N N 125 
CYS HXT  H N N 126 
GLN N    N N N 127 
GLN CA   C N S 128 
GLN C    C N N 129 
GLN O    O N N 130 
GLN CB   C N N 131 
GLN CG   C N N 132 
GLN CD   C N N 133 
GLN OE1  O N N 134 
GLN NE2  N N N 135 
GLN OXT  O N N 136 
GLN H    H N N 137 
GLN H2   H N N 138 
GLN HA   H N N 139 
GLN HB2  H N N 140 
GLN HB3  H N N 141 
GLN HG2  H N N 142 
GLN HG3  H N N 143 
GLN HE21 H N N 144 
GLN HE22 H N N 145 
GLN HXT  H N N 146 
GLU N    N N N 147 
GLU CA   C N S 148 
GLU C    C N N 149 
GLU O    O N N 150 
GLU CB   C N N 151 
GLU CG   C N N 152 
GLU CD   C N N 153 
GLU OE1  O N N 154 
GLU OE2  O N N 155 
GLU OXT  O N N 156 
GLU H    H N N 157 
GLU H2   H N N 158 
GLU HA   H N N 159 
GLU HB2  H N N 160 
GLU HB3  H N N 161 
GLU HG2  H N N 162 
GLU HG3  H N N 163 
GLU HE2  H N N 164 
GLU HXT  H N N 165 
GLY N    N N N 166 
GLY CA   C N N 167 
GLY C    C N N 168 
GLY O    O N N 169 
GLY OXT  O N N 170 
GLY H    H N N 171 
GLY H2   H N N 172 
GLY HA2  H N N 173 
GLY HA3  H N N 174 
GLY HXT  H N N 175 
HIS N    N N N 176 
HIS CA   C N S 177 
HIS C    C N N 178 
HIS O    O N N 179 
HIS CB   C N N 180 
HIS CG   C Y N 181 
HIS ND1  N Y N 182 
HIS CD2  C Y N 183 
HIS CE1  C Y N 184 
HIS NE2  N Y N 185 
HIS OXT  O N N 186 
HIS H    H N N 187 
HIS H2   H N N 188 
HIS HA   H N N 189 
HIS HB2  H N N 190 
HIS HB3  H N N 191 
HIS HD1  H N N 192 
HIS HD2  H N N 193 
HIS HE1  H N N 194 
HIS HE2  H N N 195 
HIS HXT  H N N 196 
HOH O    O N N 197 
HOH H1   H N N 198 
HOH H2   H N N 199 
ILE N    N N N 200 
ILE CA   C N S 201 
ILE C    C N N 202 
ILE O    O N N 203 
ILE CB   C N S 204 
ILE CG1  C N N 205 
ILE CG2  C N N 206 
ILE CD1  C N N 207 
ILE OXT  O N N 208 
ILE H    H N N 209 
ILE H2   H N N 210 
ILE HA   H N N 211 
ILE HB   H N N 212 
ILE HG12 H N N 213 
ILE HG13 H N N 214 
ILE HG21 H N N 215 
ILE HG22 H N N 216 
ILE HG23 H N N 217 
ILE HD11 H N N 218 
ILE HD12 H N N 219 
ILE HD13 H N N 220 
ILE HXT  H N N 221 
LEU N    N N N 222 
LEU CA   C N S 223 
LEU C    C N N 224 
LEU O    O N N 225 
LEU CB   C N N 226 
LEU CG   C N N 227 
LEU CD1  C N N 228 
LEU CD2  C N N 229 
LEU OXT  O N N 230 
LEU H    H N N 231 
LEU H2   H N N 232 
LEU HA   H N N 233 
LEU HB2  H N N 234 
LEU HB3  H N N 235 
LEU HG   H N N 236 
LEU HD11 H N N 237 
LEU HD12 H N N 238 
LEU HD13 H N N 239 
LEU HD21 H N N 240 
LEU HD22 H N N 241 
LEU HD23 H N N 242 
LEU HXT  H N N 243 
LYS N    N N N 244 
LYS CA   C N S 245 
LYS C    C N N 246 
LYS O    O N N 247 
LYS CB   C N N 248 
LYS CG   C N N 249 
LYS CD   C N N 250 
LYS CE   C N N 251 
LYS NZ   N N N 252 
LYS OXT  O N N 253 
LYS H    H N N 254 
LYS H2   H N N 255 
LYS HA   H N N 256 
LYS HB2  H N N 257 
LYS HB3  H N N 258 
LYS HG2  H N N 259 
LYS HG3  H N N 260 
LYS HD2  H N N 261 
LYS HD3  H N N 262 
LYS HE2  H N N 263 
LYS HE3  H N N 264 
LYS HZ1  H N N 265 
LYS HZ2  H N N 266 
LYS HZ3  H N N 267 
LYS HXT  H N N 268 
MET N    N N N 269 
MET CA   C N S 270 
MET C    C N N 271 
MET O    O N N 272 
MET CB   C N N 273 
MET CG   C N N 274 
MET SD   S N N 275 
MET CE   C N N 276 
MET OXT  O N N 277 
MET H    H N N 278 
MET H2   H N N 279 
MET HA   H N N 280 
MET HB2  H N N 281 
MET HB3  H N N 282 
MET HG2  H N N 283 
MET HG3  H N N 284 
MET HE1  H N N 285 
MET HE2  H N N 286 
MET HE3  H N N 287 
MET HXT  H N N 288 
PHE N    N N N 289 
PHE CA   C N S 290 
PHE C    C N N 291 
PHE O    O N N 292 
PHE CB   C N N 293 
PHE CG   C Y N 294 
PHE CD1  C Y N 295 
PHE CD2  C Y N 296 
PHE CE1  C Y N 297 
PHE CE2  C Y N 298 
PHE CZ   C Y N 299 
PHE OXT  O N N 300 
PHE H    H N N 301 
PHE H2   H N N 302 
PHE HA   H N N 303 
PHE HB2  H N N 304 
PHE HB3  H N N 305 
PHE HD1  H N N 306 
PHE HD2  H N N 307 
PHE HE1  H N N 308 
PHE HE2  H N N 309 
PHE HZ   H N N 310 
PHE HXT  H N N 311 
PRO N    N N N 312 
PRO CA   C N S 313 
PRO C    C N N 314 
PRO O    O N N 315 
PRO CB   C N N 316 
PRO CG   C N N 317 
PRO CD   C N N 318 
PRO OXT  O N N 319 
PRO H    H N N 320 
PRO HA   H N N 321 
PRO HB2  H N N 322 
PRO HB3  H N N 323 
PRO HG2  H N N 324 
PRO HG3  H N N 325 
PRO HD2  H N N 326 
PRO HD3  H N N 327 
PRO HXT  H N N 328 
SER N    N N N 329 
SER CA   C N S 330 
SER C    C N N 331 
SER O    O N N 332 
SER CB   C N N 333 
SER OG   O N N 334 
SER OXT  O N N 335 
SER H    H N N 336 
SER H2   H N N 337 
SER HA   H N N 338 
SER HB2  H N N 339 
SER HB3  H N N 340 
SER HG   H N N 341 
SER HXT  H N N 342 
THR N    N N N 343 
THR CA   C N S 344 
THR C    C N N 345 
THR O    O N N 346 
THR CB   C N R 347 
THR OG1  O N N 348 
THR CG2  C N N 349 
THR OXT  O N N 350 
THR H    H N N 351 
THR H2   H N N 352 
THR HA   H N N 353 
THR HB   H N N 354 
THR HG1  H N N 355 
THR HG21 H N N 356 
THR HG22 H N N 357 
THR HG23 H N N 358 
THR HXT  H N N 359 
TRP N    N N N 360 
TRP CA   C N S 361 
TRP C    C N N 362 
TRP O    O N N 363 
TRP CB   C N N 364 
TRP CG   C Y N 365 
TRP CD1  C Y N 366 
TRP CD2  C Y N 367 
TRP NE1  N Y N 368 
TRP CE2  C Y N 369 
TRP CE3  C Y N 370 
TRP CZ2  C Y N 371 
TRP CZ3  C Y N 372 
TRP CH2  C Y N 373 
TRP OXT  O N N 374 
TRP H    H N N 375 
TRP H2   H N N 376 
TRP HA   H N N 377 
TRP HB2  H N N 378 
TRP HB3  H N N 379 
TRP HD1  H N N 380 
TRP HE1  H N N 381 
TRP HE3  H N N 382 
TRP HZ2  H N N 383 
TRP HZ3  H N N 384 
TRP HH2  H N N 385 
TRP HXT  H N N 386 
TYR N    N N N 387 
TYR CA   C N S 388 
TYR C    C N N 389 
TYR O    O N N 390 
TYR CB   C N N 391 
TYR CG   C Y N 392 
TYR CD1  C Y N 393 
TYR CD2  C Y N 394 
TYR CE1  C Y N 395 
TYR CE2  C Y N 396 
TYR CZ   C Y N 397 
TYR OH   O N N 398 
TYR OXT  O N N 399 
TYR H    H N N 400 
TYR H2   H N N 401 
TYR HA   H N N 402 
TYR HB2  H N N 403 
TYR HB3  H N N 404 
TYR HD1  H N N 405 
TYR HD2  H N N 406 
TYR HE1  H N N 407 
TYR HE2  H N N 408 
TYR HH   H N N 409 
TYR HXT  H N N 410 
VAL N    N N N 411 
VAL CA   C N S 412 
VAL C    C N N 413 
VAL O    O N N 414 
VAL CB   C N N 415 
VAL CG1  C N N 416 
VAL CG2  C N N 417 
VAL OXT  O N N 418 
VAL H    H N N 419 
VAL H2   H N N 420 
VAL HA   H N N 421 
VAL HB   H N N 422 
VAL HG11 H N N 423 
VAL HG12 H N N 424 
VAL HG13 H N N 425 
VAL HG21 H N N 426 
VAL HG22 H N N 427 
VAL HG23 H N N 428 
VAL HXT  H N N 429 
# 
loop_
_chem_comp_bond.comp_id 
_chem_comp_bond.atom_id_1 
_chem_comp_bond.atom_id_2 
_chem_comp_bond.value_order 
_chem_comp_bond.pdbx_aromatic_flag 
_chem_comp_bond.pdbx_stereo_config 
_chem_comp_bond.pdbx_ordinal 
A8S O11 C1   sing N N 1   
A8S O12 C1   doub N Z 2   
A8S C1  C2   sing N N 3   
A8S C2  C3   doub N N 4   
A8S C2  H2   sing N N 5   
A8S C3  C4   sing N E 6   
A8S C3  C6   sing N N 7   
A8S C4  C5   doub N N 8   
A8S C4  H4   sing N N 9   
A8S C5  C7   sing N N 10  
A8S C5  H5   sing N N 11  
A8S C6  H6   sing N N 12  
A8S C6  H6A  sing N N 13  
A8S C6  H6B  sing N N 14  
A8S O7  C7   sing N N 15  
A8S C7  C12  sing N N 16  
A8S C7  C8   sing N N 17  
A8S O7  HO7  sing N N 18  
A8S C8  C13  sing N N 19  
A8S C8  C9   doub N N 20  
A8S C9  C10  sing N N 21  
A8S C9  H9   sing N N 22  
A8S C11 C10  sing N N 23  
A8S C10 O10  doub N N 24  
A8S C12 C11  sing N N 25  
A8S C11 H11  sing N N 26  
A8S C11 H11A sing N N 27  
A8S C15 C12  sing N N 28  
A8S C14 C12  sing N N 29  
A8S O11 HO11 sing N N 30  
A8S C13 H13  sing N N 31  
A8S C13 H13A sing N N 32  
A8S C14 H14  sing N N 33  
A8S C14 H14A sing N N 34  
A8S C14 H14B sing N N 35  
A8S C15 H15  sing N N 36  
A8S C15 H15A sing N N 37  
A8S C15 H15B sing N N 38  
A8S C13 H13B sing N N 39  
ALA N   CA   sing N N 40  
ALA N   H    sing N N 41  
ALA N   H2   sing N N 42  
ALA CA  C    sing N N 43  
ALA CA  CB   sing N N 44  
ALA CA  HA   sing N N 45  
ALA C   O    doub N N 46  
ALA C   OXT  sing N N 47  
ALA CB  HB1  sing N N 48  
ALA CB  HB2  sing N N 49  
ALA CB  HB3  sing N N 50  
ALA OXT HXT  sing N N 51  
ARG N   CA   sing N N 52  
ARG N   H    sing N N 53  
ARG N   H2   sing N N 54  
ARG CA  C    sing N N 55  
ARG CA  CB   sing N N 56  
ARG CA  HA   sing N N 57  
ARG C   O    doub N N 58  
ARG C   OXT  sing N N 59  
ARG CB  CG   sing N N 60  
ARG CB  HB2  sing N N 61  
ARG CB  HB3  sing N N 62  
ARG CG  CD   sing N N 63  
ARG CG  HG2  sing N N 64  
ARG CG  HG3  sing N N 65  
ARG CD  NE   sing N N 66  
ARG CD  HD2  sing N N 67  
ARG CD  HD3  sing N N 68  
ARG NE  CZ   sing N N 69  
ARG NE  HE   sing N N 70  
ARG CZ  NH1  sing N N 71  
ARG CZ  NH2  doub N N 72  
ARG NH1 HH11 sing N N 73  
ARG NH1 HH12 sing N N 74  
ARG NH2 HH21 sing N N 75  
ARG NH2 HH22 sing N N 76  
ARG OXT HXT  sing N N 77  
ASN N   CA   sing N N 78  
ASN N   H    sing N N 79  
ASN N   H2   sing N N 80  
ASN CA  C    sing N N 81  
ASN CA  CB   sing N N 82  
ASN CA  HA   sing N N 83  
ASN C   O    doub N N 84  
ASN C   OXT  sing N N 85  
ASN CB  CG   sing N N 86  
ASN CB  HB2  sing N N 87  
ASN CB  HB3  sing N N 88  
ASN CG  OD1  doub N N 89  
ASN CG  ND2  sing N N 90  
ASN ND2 HD21 sing N N 91  
ASN ND2 HD22 sing N N 92  
ASN OXT HXT  sing N N 93  
ASP N   CA   sing N N 94  
ASP N   H    sing N N 95  
ASP N   H2   sing N N 96  
ASP CA  C    sing N N 97  
ASP CA  CB   sing N N 98  
ASP CA  HA   sing N N 99  
ASP C   O    doub N N 100 
ASP C   OXT  sing N N 101 
ASP CB  CG   sing N N 102 
ASP CB  HB2  sing N N 103 
ASP CB  HB3  sing N N 104 
ASP CG  OD1  doub N N 105 
ASP CG  OD2  sing N N 106 
ASP OD2 HD2  sing N N 107 
ASP OXT HXT  sing N N 108 
CYS N   CA   sing N N 109 
CYS N   H    sing N N 110 
CYS N   H2   sing N N 111 
CYS CA  C    sing N N 112 
CYS CA  CB   sing N N 113 
CYS CA  HA   sing N N 114 
CYS C   O    doub N N 115 
CYS C   OXT  sing N N 116 
CYS CB  SG   sing N N 117 
CYS CB  HB2  sing N N 118 
CYS CB  HB3  sing N N 119 
CYS SG  HG   sing N N 120 
CYS OXT HXT  sing N N 121 
GLN N   CA   sing N N 122 
GLN N   H    sing N N 123 
GLN N   H2   sing N N 124 
GLN CA  C    sing N N 125 
GLN CA  CB   sing N N 126 
GLN CA  HA   sing N N 127 
GLN C   O    doub N N 128 
GLN C   OXT  sing N N 129 
GLN CB  CG   sing N N 130 
GLN CB  HB2  sing N N 131 
GLN CB  HB3  sing N N 132 
GLN CG  CD   sing N N 133 
GLN CG  HG2  sing N N 134 
GLN CG  HG3  sing N N 135 
GLN CD  OE1  doub N N 136 
GLN CD  NE2  sing N N 137 
GLN NE2 HE21 sing N N 138 
GLN NE2 HE22 sing N N 139 
GLN OXT HXT  sing N N 140 
GLU N   CA   sing N N 141 
GLU N   H    sing N N 142 
GLU N   H2   sing N N 143 
GLU CA  C    sing N N 144 
GLU CA  CB   sing N N 145 
GLU CA  HA   sing N N 146 
GLU C   O    doub N N 147 
GLU C   OXT  sing N N 148 
GLU CB  CG   sing N N 149 
GLU CB  HB2  sing N N 150 
GLU CB  HB3  sing N N 151 
GLU CG  CD   sing N N 152 
GLU CG  HG2  sing N N 153 
GLU CG  HG3  sing N N 154 
GLU CD  OE1  doub N N 155 
GLU CD  OE2  sing N N 156 
GLU OE2 HE2  sing N N 157 
GLU OXT HXT  sing N N 158 
GLY N   CA   sing N N 159 
GLY N   H    sing N N 160 
GLY N   H2   sing N N 161 
GLY CA  C    sing N N 162 
GLY CA  HA2  sing N N 163 
GLY CA  HA3  sing N N 164 
GLY C   O    doub N N 165 
GLY C   OXT  sing N N 166 
GLY OXT HXT  sing N N 167 
HIS N   CA   sing N N 168 
HIS N   H    sing N N 169 
HIS N   H2   sing N N 170 
HIS CA  C    sing N N 171 
HIS CA  CB   sing N N 172 
HIS CA  HA   sing N N 173 
HIS C   O    doub N N 174 
HIS C   OXT  sing N N 175 
HIS CB  CG   sing N N 176 
HIS CB  HB2  sing N N 177 
HIS CB  HB3  sing N N 178 
HIS CG  ND1  sing Y N 179 
HIS CG  CD2  doub Y N 180 
HIS ND1 CE1  doub Y N 181 
HIS ND1 HD1  sing N N 182 
HIS CD2 NE2  sing Y N 183 
HIS CD2 HD2  sing N N 184 
HIS CE1 NE2  sing Y N 185 
HIS CE1 HE1  sing N N 186 
HIS NE2 HE2  sing N N 187 
HIS OXT HXT  sing N N 188 
HOH O   H1   sing N N 189 
HOH O   H2   sing N N 190 
ILE N   CA   sing N N 191 
ILE N   H    sing N N 192 
ILE N   H2   sing N N 193 
ILE CA  C    sing N N 194 
ILE CA  CB   sing N N 195 
ILE CA  HA   sing N N 196 
ILE C   O    doub N N 197 
ILE C   OXT  sing N N 198 
ILE CB  CG1  sing N N 199 
ILE CB  CG2  sing N N 200 
ILE CB  HB   sing N N 201 
ILE CG1 CD1  sing N N 202 
ILE CG1 HG12 sing N N 203 
ILE CG1 HG13 sing N N 204 
ILE CG2 HG21 sing N N 205 
ILE CG2 HG22 sing N N 206 
ILE CG2 HG23 sing N N 207 
ILE CD1 HD11 sing N N 208 
ILE CD1 HD12 sing N N 209 
ILE CD1 HD13 sing N N 210 
ILE OXT HXT  sing N N 211 
LEU N   CA   sing N N 212 
LEU N   H    sing N N 213 
LEU N   H2   sing N N 214 
LEU CA  C    sing N N 215 
LEU CA  CB   sing N N 216 
LEU CA  HA   sing N N 217 
LEU C   O    doub N N 218 
LEU C   OXT  sing N N 219 
LEU CB  CG   sing N N 220 
LEU CB  HB2  sing N N 221 
LEU CB  HB3  sing N N 222 
LEU CG  CD1  sing N N 223 
LEU CG  CD2  sing N N 224 
LEU CG  HG   sing N N 225 
LEU CD1 HD11 sing N N 226 
LEU CD1 HD12 sing N N 227 
LEU CD1 HD13 sing N N 228 
LEU CD2 HD21 sing N N 229 
LEU CD2 HD22 sing N N 230 
LEU CD2 HD23 sing N N 231 
LEU OXT HXT  sing N N 232 
LYS N   CA   sing N N 233 
LYS N   H    sing N N 234 
LYS N   H2   sing N N 235 
LYS CA  C    sing N N 236 
LYS CA  CB   sing N N 237 
LYS CA  HA   sing N N 238 
LYS C   O    doub N N 239 
LYS C   OXT  sing N N 240 
LYS CB  CG   sing N N 241 
LYS CB  HB2  sing N N 242 
LYS CB  HB3  sing N N 243 
LYS CG  CD   sing N N 244 
LYS CG  HG2  sing N N 245 
LYS CG  HG3  sing N N 246 
LYS CD  CE   sing N N 247 
LYS CD  HD2  sing N N 248 
LYS CD  HD3  sing N N 249 
LYS CE  NZ   sing N N 250 
LYS CE  HE2  sing N N 251 
LYS CE  HE3  sing N N 252 
LYS NZ  HZ1  sing N N 253 
LYS NZ  HZ2  sing N N 254 
LYS NZ  HZ3  sing N N 255 
LYS OXT HXT  sing N N 256 
MET N   CA   sing N N 257 
MET N   H    sing N N 258 
MET N   H2   sing N N 259 
MET CA  C    sing N N 260 
MET CA  CB   sing N N 261 
MET CA  HA   sing N N 262 
MET C   O    doub N N 263 
MET C   OXT  sing N N 264 
MET CB  CG   sing N N 265 
MET CB  HB2  sing N N 266 
MET CB  HB3  sing N N 267 
MET CG  SD   sing N N 268 
MET CG  HG2  sing N N 269 
MET CG  HG3  sing N N 270 
MET SD  CE   sing N N 271 
MET CE  HE1  sing N N 272 
MET CE  HE2  sing N N 273 
MET CE  HE3  sing N N 274 
MET OXT HXT  sing N N 275 
PHE N   CA   sing N N 276 
PHE N   H    sing N N 277 
PHE N   H2   sing N N 278 
PHE CA  C    sing N N 279 
PHE CA  CB   sing N N 280 
PHE CA  HA   sing N N 281 
PHE C   O    doub N N 282 
PHE C   OXT  sing N N 283 
PHE CB  CG   sing N N 284 
PHE CB  HB2  sing N N 285 
PHE CB  HB3  sing N N 286 
PHE CG  CD1  doub Y N 287 
PHE CG  CD2  sing Y N 288 
PHE CD1 CE1  sing Y N 289 
PHE CD1 HD1  sing N N 290 
PHE CD2 CE2  doub Y N 291 
PHE CD2 HD2  sing N N 292 
PHE CE1 CZ   doub Y N 293 
PHE CE1 HE1  sing N N 294 
PHE CE2 CZ   sing Y N 295 
PHE CE2 HE2  sing N N 296 
PHE CZ  HZ   sing N N 297 
PHE OXT HXT  sing N N 298 
PRO N   CA   sing N N 299 
PRO N   CD   sing N N 300 
PRO N   H    sing N N 301 
PRO CA  C    sing N N 302 
PRO CA  CB   sing N N 303 
PRO CA  HA   sing N N 304 
PRO C   O    doub N N 305 
PRO C   OXT  sing N N 306 
PRO CB  CG   sing N N 307 
PRO CB  HB2  sing N N 308 
PRO CB  HB3  sing N N 309 
PRO CG  CD   sing N N 310 
PRO CG  HG2  sing N N 311 
PRO CG  HG3  sing N N 312 
PRO CD  HD2  sing N N 313 
PRO CD  HD3  sing N N 314 
PRO OXT HXT  sing N N 315 
SER N   CA   sing N N 316 
SER N   H    sing N N 317 
SER N   H2   sing N N 318 
SER CA  C    sing N N 319 
SER CA  CB   sing N N 320 
SER CA  HA   sing N N 321 
SER C   O    doub N N 322 
SER C   OXT  sing N N 323 
SER CB  OG   sing N N 324 
SER CB  HB2  sing N N 325 
SER CB  HB3  sing N N 326 
SER OG  HG   sing N N 327 
SER OXT HXT  sing N N 328 
THR N   CA   sing N N 329 
THR N   H    sing N N 330 
THR N   H2   sing N N 331 
THR CA  C    sing N N 332 
THR CA  CB   sing N N 333 
THR CA  HA   sing N N 334 
THR C   O    doub N N 335 
THR C   OXT  sing N N 336 
THR CB  OG1  sing N N 337 
THR CB  CG2  sing N N 338 
THR CB  HB   sing N N 339 
THR OG1 HG1  sing N N 340 
THR CG2 HG21 sing N N 341 
THR CG2 HG22 sing N N 342 
THR CG2 HG23 sing N N 343 
THR OXT HXT  sing N N 344 
TRP N   CA   sing N N 345 
TRP N   H    sing N N 346 
TRP N   H2   sing N N 347 
TRP CA  C    sing N N 348 
TRP CA  CB   sing N N 349 
TRP CA  HA   sing N N 350 
TRP C   O    doub N N 351 
TRP C   OXT  sing N N 352 
TRP CB  CG   sing N N 353 
TRP CB  HB2  sing N N 354 
TRP CB  HB3  sing N N 355 
TRP CG  CD1  doub Y N 356 
TRP CG  CD2  sing Y N 357 
TRP CD1 NE1  sing Y N 358 
TRP CD1 HD1  sing N N 359 
TRP CD2 CE2  doub Y N 360 
TRP CD2 CE3  sing Y N 361 
TRP NE1 CE2  sing Y N 362 
TRP NE1 HE1  sing N N 363 
TRP CE2 CZ2  sing Y N 364 
TRP CE3 CZ3  doub Y N 365 
TRP CE3 HE3  sing N N 366 
TRP CZ2 CH2  doub Y N 367 
TRP CZ2 HZ2  sing N N 368 
TRP CZ3 CH2  sing Y N 369 
TRP CZ3 HZ3  sing N N 370 
TRP CH2 HH2  sing N N 371 
TRP OXT HXT  sing N N 372 
TYR N   CA   sing N N 373 
TYR N   H    sing N N 374 
TYR N   H2   sing N N 375 
TYR CA  C    sing N N 376 
TYR CA  CB   sing N N 377 
TYR CA  HA   sing N N 378 
TYR C   O    doub N N 379 
TYR C   OXT  sing N N 380 
TYR CB  CG   sing N N 381 
TYR CB  HB2  sing N N 382 
TYR CB  HB3  sing N N 383 
TYR CG  CD1  doub Y N 384 
TYR CG  CD2  sing Y N 385 
TYR CD1 CE1  sing Y N 386 
TYR CD1 HD1  sing N N 387 
TYR CD2 CE2  doub Y N 388 
TYR CD2 HD2  sing N N 389 
TYR CE1 CZ   doub Y N 390 
TYR CE1 HE1  sing N N 391 
TYR CE2 CZ   sing Y N 392 
TYR CE2 HE2  sing N N 393 
TYR CZ  OH   sing N N 394 
TYR OH  HH   sing N N 395 
TYR OXT HXT  sing N N 396 
VAL N   CA   sing N N 397 
VAL N   H    sing N N 398 
VAL N   H2   sing N N 399 
VAL CA  C    sing N N 400 
VAL CA  CB   sing N N 401 
VAL CA  HA   sing N N 402 
VAL C   O    doub N N 403 
VAL C   OXT  sing N N 404 
VAL CB  CG1  sing N N 405 
VAL CB  CG2  sing N N 406 
VAL CB  HB   sing N N 407 
VAL CG1 HG11 sing N N 408 
VAL CG1 HG12 sing N N 409 
VAL CG1 HG13 sing N N 410 
VAL CG2 HG21 sing N N 411 
VAL CG2 HG22 sing N N 412 
VAL CG2 HG23 sing N N 413 
VAL OXT HXT  sing N N 414 
# 
_pdbx_initial_refinement_model.id               1 
_pdbx_initial_refinement_model.entity_id_list   ? 
_pdbx_initial_refinement_model.type             'experimental model' 
_pdbx_initial_refinement_model.source_name      PDB 
_pdbx_initial_refinement_model.accession_code   3UQH 
_pdbx_initial_refinement_model.details          ? 
# 
_atom_sites.entry_id                    3R6P 
_atom_sites.fract_transf_matrix[1][1]   0.01489142 
_atom_sites.fract_transf_matrix[1][2]   0.00410493 
_atom_sites.fract_transf_matrix[1][3]   -0.00685640 
_atom_sites.fract_transf_matrix[2][1]   0.01436599 
_atom_sites.fract_transf_matrix[2][2]   -0.00466749 
_atom_sites.fract_transf_matrix[2][3]   0.00757910 
_atom_sites.fract_transf_matrix[3][1]   -0.00005679 
_atom_sites.fract_transf_matrix[3][2]   -0.01347909 
_atom_sites.fract_transf_matrix[3][3]   -0.00819328 
_atom_sites.fract_transf_vector[1]      -0.144878 
_atom_sites.fract_transf_vector[2]      0.360917 
_atom_sites.fract_transf_vector[3]      -0.177028 
# 
loop_
_atom_type.symbol 
C 
N 
O 
S 
# 
loop_
_atom_site.group_PDB 
_atom_site.id 
_atom_site.type_symbol 
_atom_site.label_atom_id 
_atom_site.label_alt_id 
_atom_site.label_comp_id 
_atom_site.label_asym_id 
_atom_site.label_entity_id 
_atom_site.label_seq_id 
_atom_site.pdbx_PDB_ins_code 
_atom_site.Cartn_x 
_atom_site.Cartn_y 
_atom_site.Cartn_z 
_atom_site.occupancy 
_atom_site.B_iso_or_equiv 
_atom_site.pdbx_formal_charge 
_atom_site.auth_seq_id 
_atom_site.auth_comp_id 
_atom_site.auth_asym_id 
_atom_site.auth_atom_id 
_atom_site.pdbx_PDB_model_num 
ATOM   1    N N   . SER A 1 25  ? 2.035   -1.459  23.338  1.00 83.38  ? 25  SER A N   1 
ATOM   2    C CA  . SER A 1 25  ? 1.935   -2.782  22.646  1.00 81.54  ? 25  SER A CA  1 
ATOM   3    C C   . SER A 1 25  ? 1.807   -2.664  21.119  1.00 77.36  ? 25  SER A C   1 
ATOM   4    O O   . SER A 1 25  ? 2.659   -3.161  20.369  1.00 75.85  ? 25  SER A O   1 
ATOM   5    C CB  . SER A 1 25  ? 0.765   -3.598  23.209  1.00 82.59  ? 25  SER A CB  1 
ATOM   6    O OG  . SER A 1 25  ? 0.421   -4.641  22.305  1.00 80.96  ? 25  SER A OG  1 
ATOM   7    N N   . GLN A 1 26  ? 0.725   -2.040  20.660  1.00 75.75  ? 26  GLN A N   1 
ATOM   8    C CA  . GLN A 1 26  ? 0.546   -1.770  19.231  1.00 72.20  ? 26  GLN A CA  1 
ATOM   9    C C   . GLN A 1 26  ? 0.509   -0.289  18.981  1.00 71.78  ? 26  GLN A C   1 
ATOM   10   O O   . GLN A 1 26  ? 0.365   0.515   19.901  1.00 74.60  ? 26  GLN A O   1 
ATOM   11   C CB  . GLN A 1 26  ? -0.752  -2.360  18.695  1.00 70.56  ? 26  GLN A CB  1 
ATOM   12   C CG  . GLN A 1 26  ? -0.614  -3.668  17.981  1.00 69.51  ? 26  GLN A CG  1 
ATOM   13   C CD  . GLN A 1 26  ? -1.970  -4.289  17.690  1.00 70.88  ? 26  GLN A CD  1 
ATOM   14   O OE1 . GLN A 1 26  ? -2.998  -3.873  18.250  1.00 72.69  ? 26  GLN A OE1 1 
ATOM   15   N NE2 . GLN A 1 26  ? -1.988  -5.286  16.802  1.00 68.79  ? 26  GLN A NE2 1 
ATOM   16   N N   . CYS A 1 27  ? 0.608   0.059   17.713  1.00 68.80  ? 27  CYS A N   1 
ATOM   17   C CA  . CYS A 1 27  ? 0.592   1.433   17.309  1.00 68.37  ? 27  CYS A CA  1 
ATOM   18   C C   . CYS A 1 27  ? -0.007  1.507   15.905  1.00 64.87  ? 27  CYS A C   1 
ATOM   19   O O   . CYS A 1 27  ? 0.116   0.556   15.124  1.00 62.93  ? 27  CYS A O   1 
ATOM   20   C CB  . CYS A 1 27  ? 2.008   1.990   17.433  1.00 69.78  ? 27  CYS A CB  1 
ATOM   21   S SG  . CYS A 1 27  ? 3.180   1.768   16.057  1.00 69.99  ? 27  CYS A SG  1 
ATOM   22   N N   . SER A 1 28  ? -0.703  2.603   15.605  1.00 64.19  ? 28  SER A N   1 
ATOM   23   C CA  . SER A 1 28  ? -1.542  2.680   14.403  1.00 61.87  ? 28  SER A CA  1 
ATOM   24   C C   . SER A 1 28  ? -1.796  4.098   13.910  1.00 61.41  ? 28  SER A C   1 
ATOM   25   O O   . SER A 1 28  ? -1.705  5.054   14.672  1.00 63.19  ? 28  SER A O   1 
ATOM   26   C CB  . SER A 1 28  ? -2.884  1.972   14.634  1.00 62.15  ? 28  SER A CB  1 
ATOM   27   O OG  . SER A 1 28  ? -3.634  2.625   15.637  1.00 65.15  ? 28  SER A OG  1 
ATOM   28   N N   . SER A 1 29  ? -2.117  4.223   12.624  1.00 59.13  ? 29  SER A N   1 
ATOM   29   C CA  . SER A 1 29  ? -2.293  5.541   12.000  1.00 58.93  ? 29  SER A CA  1 
ATOM   30   C C   . SER A 1 29  ? -2.908  5.424   10.614  1.00 56.70  ? 29  SER A C   1 
ATOM   31   O O   . SER A 1 29  ? -2.904  4.341   10.012  1.00 54.76  ? 29  SER A O   1 
ATOM   32   C CB  . SER A 1 29  ? -0.957  6.299   11.927  1.00 59.58  ? 29  SER A CB  1 
ATOM   33   O OG  . SER A 1 29  ? -1.175  7.674   11.680  1.00 60.75  ? 29  SER A OG  1 
ATOM   34   N N   . THR A 1 30  ? -3.450  6.534   10.118  1.00 57.07  ? 30  THR A N   1 
ATOM   35   C CA  . THR A 1 30  ? -4.032  6.553   8.775   1.00 56.05  ? 30  THR A CA  1 
ATOM   36   C C   . THR A 1 30  ? -3.452  7.678   7.931   1.00 56.06  ? 30  THR A C   1 
ATOM   37   O O   . THR A 1 30  ? -3.355  8.812   8.374   1.00 58.01  ? 30  THR A O   1 
ATOM   38   C CB  . THR A 1 30  ? -5.579  6.662   8.790   1.00 56.71  ? 30  THR A CB  1 
ATOM   39   O OG1 . THR A 1 30  ? -5.961  7.861   9.473   1.00 60.80  ? 30  THR A OG1 1 
ATOM   40   C CG2 . THR A 1 30  ? -6.237  5.433   9.464   1.00 56.84  ? 30  THR A CG2 1 
ATOM   41   N N   . LEU A 1 31  ? -3.058  7.359   6.709   1.00 54.95  ? 31  LEU A N   1 
ATOM   42   C CA  . LEU A 1 31  ? -2.560  8.377   5.791   1.00 55.77  ? 31  LEU A CA  1 
ATOM   43   C C   . LEU A 1 31  ? -3.566  8.634   4.664   1.00 55.58  ? 31  LEU A C   1 
ATOM   44   O O   . LEU A 1 31  ? -4.314  7.747   4.264   1.00 54.78  ? 31  LEU A O   1 
ATOM   45   C CB  . LEU A 1 31  ? -1.190  7.979   5.234   1.00 55.03  ? 31  LEU A CB  1 
ATOM   46   C CG  . LEU A 1 31  ? 0.044   8.041   6.139   1.00 56.59  ? 31  LEU A CG  1 
ATOM   47   C CD1 . LEU A 1 31  ? 0.048   9.290   7.005   1.00 59.83  ? 31  LEU A CD1 1 
ATOM   48   C CD2 . LEU A 1 31  ? 0.159   6.808   7.010   1.00 57.69  ? 31  LEU A CD2 1 
ATOM   49   N N   . VAL A 1 32  ? -3.566  9.846   4.143   1.00 56.99  ? 32  VAL A N   1 
ATOM   50   C CA  . VAL A 1 32  ? -4.589  10.263  3.190   1.00 58.14  ? 32  VAL A CA  1 
ATOM   51   C C   . VAL A 1 32  ? -3.963  10.938  1.963   1.00 58.68  ? 32  VAL A C   1 
ATOM   52   O O   . VAL A 1 32  ? -2.933  11.598  2.081   1.00 59.87  ? 32  VAL A O   1 
ATOM   53   C CB  . VAL A 1 32  ? -5.627  11.194  3.902   1.00 60.25  ? 32  VAL A CB  1 
ATOM   54   C CG1 . VAL A 1 32  ? -6.352  12.122  2.940   1.00 61.59  ? 32  VAL A CG1 1 
ATOM   55   C CG2 . VAL A 1 32  ? -6.622  10.357  4.715   1.00 60.57  ? 32  VAL A CG2 1 
ATOM   56   N N   . LYS A 1 33  ? -4.569  10.760  0.790   1.00 58.43  ? 33  LYS A N   1 
ATOM   57   C CA  . LYS A 1 33  ? -4.085  11.422  -0.421  1.00 59.50  ? 33  LYS A CA  1 
ATOM   58   C C   . LYS A 1 33  ? -5.203  11.788  -1.391  1.00 60.84  ? 33  LYS A C   1 
ATOM   59   O O   . LYS A 1 33  ? -6.025  10.947  -1.747  1.00 60.32  ? 33  LYS A O   1 
ATOM   60   C CB  . LYS A 1 33  ? -3.055  10.538  -1.135  1.00 58.39  ? 33  LYS A CB  1 
ATOM   61   C CG  . LYS A 1 33  ? -2.357  11.211  -2.304  1.00 59.58  ? 33  LYS A CG  1 
ATOM   62   C CD  . LYS A 1 33  ? -1.472  12.339  -1.837  1.00 60.23  ? 33  LYS A CD  1 
ATOM   63   C CE  . LYS A 1 33  ? -0.766  12.963  -3.007  1.00 62.18  ? 33  LYS A CE  1 
ATOM   64   N NZ  . LYS A 1 33  ? -0.067  14.213  -2.640  1.00 64.57  ? 33  LYS A NZ  1 
ATOM   65   N N   . HIS A 1 34  ? -5.221  13.046  -1.821  1.00 63.03  ? 34  HIS A N   1 
ATOM   66   C CA  . HIS A 1 34  ? -6.171  13.494  -2.841  1.00 64.66  ? 34  HIS A CA  1 
ATOM   67   C C   . HIS A 1 34  ? -5.528  13.306  -4.205  1.00 64.80  ? 34  HIS A C   1 
ATOM   68   O O   . HIS A 1 34  ? -4.457  13.846  -4.448  1.00 65.38  ? 34  HIS A O   1 
ATOM   69   C CB  . HIS A 1 34  ? -6.568  14.961  -2.618  1.00 67.12  ? 34  HIS A CB  1 
ATOM   70   C CG  . HIS A 1 34  ? -7.260  15.208  -1.306  1.00 68.15  ? 34  HIS A CG  1 
ATOM   71   N ND1 . HIS A 1 34  ? -8.583  14.875  -1.077  1.00 68.87  ? 34  HIS A ND1 1 
ATOM   72   C CD2 . HIS A 1 34  ? -6.813  15.760  -0.151  1.00 68.55  ? 34  HIS A CD2 1 
ATOM   73   C CE1 . HIS A 1 34  ? -8.919  15.207  0.158   1.00 68.84  ? 34  HIS A CE1 1 
ATOM   74   N NE2 . HIS A 1 34  ? -7.864  15.747  0.742   1.00 69.13  ? 34  HIS A NE2 1 
ATOM   75   N N   . ILE A 1 35  ? -6.168  12.521  -5.075  1.00 64.67  ? 35  ILE A N   1 
ATOM   76   C CA  . ILE A 1 35  ? -5.598  12.186  -6.386  1.00 65.45  ? 35  ILE A CA  1 
ATOM   77   C C   . ILE A 1 35  ? -6.434  12.789  -7.523  1.00 68.45  ? 35  ILE A C   1 
ATOM   78   O O   . ILE A 1 35  ? -7.658  12.613  -7.575  1.00 69.59  ? 35  ILE A O   1 
ATOM   79   C CB  . ILE A 1 35  ? -5.410  10.667  -6.552  1.00 63.39  ? 35  ILE A CB  1 
ATOM   80   C CG1 . ILE A 1 35  ? -4.505  10.102  -5.461  1.00 60.73  ? 35  ILE A CG1 1 
ATOM   81   C CG2 . ILE A 1 35  ? -4.765  10.360  -7.891  1.00 65.04  ? 35  ILE A CG2 1 
ATOM   82   C CD1 . ILE A 1 35  ? -4.587  8.600   -5.345  1.00 58.48  ? 35  ILE A CD1 1 
ATOM   83   N N   . LYS A 1 36  ? -5.771  13.485  -8.440  1.00 70.42  ? 36  LYS A N   1 
ATOM   84   C CA  . LYS A 1 36  ? -6.457  14.115  -9.567  1.00 73.44  ? 36  LYS A CA  1 
ATOM   85   C C   . LYS A 1 36  ? -6.623  13.081  -10.689 1.00 73.54  ? 36  LYS A C   1 
ATOM   86   O O   . LYS A 1 36  ? -6.006  13.169  -11.751 1.00 75.18  ? 36  LYS A O   1 
ATOM   87   C CB  . LYS A 1 36  ? -5.733  15.391  -10.030 1.00 75.94  ? 36  LYS A CB  1 
ATOM   88   C CG  . LYS A 1 36  ? -5.587  16.425  -8.908  1.00 76.54  ? 36  LYS A CG  1 
ATOM   89   C CD  . LYS A 1 36  ? -4.965  17.726  -9.368  1.00 79.72  ? 36  LYS A CD  1 
ATOM   90   C CE  . LYS A 1 36  ? -4.767  18.660  -8.193  0.05 80.31  ? 36  LYS A CE  1 
ATOM   91   N NZ  . LYS A 1 36  ? -4.153  19.928  -8.640  0.91 84.39  ? 36  LYS A NZ  1 
ATOM   92   N N   . ALA A 1 37  ? -7.472  12.094  -10.428 1.00 72.26  ? 37  ALA A N   1 
ATOM   93   C CA  . ALA A 1 37  ? -7.692  10.984  -11.349 1.00 72.69  ? 37  ALA A CA  1 
ATOM   94   C C   . ALA A 1 37  ? -8.992  10.257  -11.034 1.00 72.34  ? 37  ALA A C   1 
ATOM   95   O O   . ALA A 1 37  ? -9.395  10.186  -9.872  1.00 70.84  ? 37  ALA A O   1 
ATOM   96   C CB  . ALA A 1 37  ? -6.535  10.011  -11.281 1.00 70.21  ? 37  ALA A CB  1 
ATOM   97   N N   . PRO A 1 38  ? -9.651  9.702   -12.065 1.00 74.50  ? 38  PRO A N   1 
ATOM   98   C CA  . PRO A 1 38  ? -10.889 8.971   -11.801 1.00 74.89  ? 38  PRO A CA  1 
ATOM   99   C C   . PRO A 1 38  ? -10.654 7.684   -11.027 1.00 71.89  ? 38  PRO A C   1 
ATOM   100  O O   . PRO A 1 38  ? -9.641  7.012   -11.215 1.00 70.51  ? 38  PRO A O   1 
ATOM   101  C CB  . PRO A 1 38  ? -11.450 8.681   -13.205 1.00 78.08  ? 38  PRO A CB  1 
ATOM   102  C CG  . PRO A 1 38  ? -10.303 8.848   -14.128 1.00 78.68  ? 38  PRO A CG  1 
ATOM   103  C CD  . PRO A 1 38  ? -9.402  9.864   -13.509 1.00 77.28  ? 38  PRO A CD  1 
ATOM   104  N N   . LEU A 1 39  ? -11.612 7.362   -10.167 1.00 71.61  ? 39  LEU A N   1 
ATOM   105  C CA  . LEU A 1 39  ? -11.522 6.235   -9.256  1.00 69.45  ? 39  LEU A CA  1 
ATOM   106  C C   . LEU A 1 39  ? -11.146 4.895   -9.898  1.00 69.41  ? 39  LEU A C   1 
ATOM   107  O O   . LEU A 1 39  ? -10.278 4.195   -9.392  1.00 67.19  ? 39  LEU A O   1 
ATOM   108  C CB  . LEU A 1 39  ? -12.820 6.119   -8.458  1.00 70.00  ? 39  LEU A CB  1 
ATOM   109  C CG  . LEU A 1 39  ? -12.758 5.169   -7.267  1.00 67.71  ? 39  LEU A CG  1 
ATOM   110  C CD1 . LEU A 1 39  ? -13.456 5.745   -6.064  1.00 68.20  ? 39  LEU A CD1 1 
ATOM   111  C CD2 . LEU A 1 39  ? -13.376 3.869   -7.669  1.00 69.02  ? 39  LEU A CD2 1 
ATOM   112  N N   . HIS A 1 40  ? -11.796 4.536   -10.999 1.00 72.76  ? 40  HIS A N   1 
ATOM   113  C CA  . HIS A 1 40  ? -11.540 3.238   -11.627 1.00 73.50  ? 40  HIS A CA  1 
ATOM   114  C C   . HIS A 1 40  ? -10.096 3.126   -12.115 1.00 72.28  ? 40  HIS A C   1 
ATOM   115  O O   . HIS A 1 40  ? -9.489  2.055   -12.032 1.00 70.84  ? 40  HIS A O   1 
ATOM   116  C CB  . HIS A 1 40  ? -12.526 2.958   -12.764 1.00 77.38  ? 40  HIS A CB  1 
ATOM   117  C CG  . HIS A 1 40  ? -12.320 3.822   -13.964 1.00 81.91  ? 40  HIS A CG  1 
ATOM   118  N ND1 . HIS A 1 40  ? -13.125 4.907   -14.245 1.00 87.21  ? 40  HIS A ND1 1 
ATOM   119  C CD2 . HIS A 1 40  ? -11.402 3.765   -14.961 1.00 84.59  ? 40  HIS A CD2 1 
ATOM   120  C CE1 . HIS A 1 40  ? -12.717 5.479   -15.365 1.00 90.14  ? 40  HIS A CE1 1 
ATOM   121  N NE2 . HIS A 1 40  ? -11.668 4.810   -15.816 1.00 89.64  ? 40  HIS A NE2 1 
ATOM   122  N N   . LEU A 1 41  ? -9.555  4.240   -12.615 1.00 73.00  ? 41  LEU A N   1 
ATOM   123  C CA  . LEU A 1 41  ? -8.162  4.294   -13.035 1.00 72.22  ? 41  LEU A CA  1 
ATOM   124  C C   . LEU A 1 41  ? -7.250  4.056   -11.835 1.00 68.55  ? 41  LEU A C   1 
ATOM   125  O O   . LEU A 1 41  ? -6.285  3.296   -11.922 1.00 67.46  ? 41  LEU A O   1 
ATOM   126  C CB  . LEU A 1 41  ? -7.843  5.641   -13.711 1.00 74.37  ? 41  LEU A CB  1 
ATOM   127  C CG  . LEU A 1 41  ? -6.514  5.896   -14.466 1.00 75.29  ? 41  LEU A CG  1 
ATOM   128  C CD1 . LEU A 1 41  ? -5.337  6.135   -13.519 1.00 72.24  ? 41  LEU A CD1 1 
ATOM   129  C CD2 . LEU A 1 41  ? -6.161  4.808   -15.491 1.00 76.15  ? 41  LEU A CD2 1 
ATOM   130  N N   . VAL A 1 42  ? -7.570  4.694   -10.713 1.00 66.70  ? 42  VAL A N   1 
ATOM   131  C CA  . VAL A 1 42  ? -6.771  4.537   -9.506  1.00 63.62  ? 42  VAL A CA  1 
ATOM   132  C C   . VAL A 1 42  ? -6.901  3.128   -8.968  1.00 62.08  ? 42  VAL A C   1 
ATOM   133  O O   . VAL A 1 42  ? -5.907  2.531   -8.542  1.00 60.42  ? 42  VAL A O   1 
ATOM   134  C CB  . VAL A 1 42  ? -7.160  5.539   -8.398  1.00 62.93  ? 42  VAL A CB  1 
ATOM   135  C CG1 . VAL A 1 42  ? -6.289  5.331   -7.158  1.00 59.81  ? 42  VAL A CG1 1 
ATOM   136  C CG2 . VAL A 1 42  ? -7.028  6.960   -8.895  1.00 64.10  ? 42  VAL A CG2 1 
ATOM   137  N N   . TRP A 1 43  ? -8.121  2.599   -8.994  1.00 62.73  ? 43  TRP A N   1 
ATOM   138  C CA  . TRP A 1 43  ? -8.367  1.267   -8.471  1.00 61.84  ? 43  TRP A CA  1 
ATOM   139  C C   . TRP A 1 43  ? -7.716  0.190   -9.325  1.00 62.52  ? 43  TRP A C   1 
ATOM   140  O O   . TRP A 1 43  ? -7.286  -0.830  -8.789  1.00 61.30  ? 43  TRP A O   1 
ATOM   141  C CB  . TRP A 1 43  ? -9.861  0.999   -8.299  1.00 63.43  ? 43  TRP A CB  1 
ATOM   142  C CG  . TRP A 1 43  ? -10.188 -0.391  -7.796  1.00 63.29  ? 43  TRP A CG  1 
ATOM   143  C CD1 . TRP A 1 43  ? -10.952 -1.331  -8.433  1.00 65.57  ? 43  TRP A CD1 1 
ATOM   144  C CD2 . TRP A 1 43  ? -9.756  -0.995  -6.561  1.00 60.64  ? 43  TRP A CD2 1 
ATOM   145  N NE1 . TRP A 1 43  ? -11.029 -2.478  -7.669  1.00 64.36  ? 43  TRP A NE1 1 
ATOM   146  C CE2 . TRP A 1 43  ? -10.304 -2.301  -6.520  1.00 61.38  ? 43  TRP A CE2 1 
ATOM   147  C CE3 . TRP A 1 43  ? -8.973  -0.558  -5.485  1.00 58.20  ? 43  TRP A CE3 1 
ATOM   148  C CZ2 . TRP A 1 43  ? -10.086 -3.177  -5.443  1.00 60.57  ? 43  TRP A CZ2 1 
ATOM   149  C CZ3 . TRP A 1 43  ? -8.754  -1.432  -4.414  1.00 57.14  ? 43  TRP A CZ3 1 
ATOM   150  C CH2 . TRP A 1 43  ? -9.312  -2.726  -4.404  1.00 58.14  ? 43  TRP A CH2 1 
ATOM   151  N N   . SER A 1 44  ? -7.624  0.427   -10.633 1.00 64.62  ? 44  SER A N   1 
ATOM   152  C CA  . SER A 1 44  ? -7.035  -0.538  -11.557 1.00 66.18  ? 44  SER A CA  1 
ATOM   153  C C   . SER A 1 44  ? -5.545  -0.843  -11.298 1.00 64.81  ? 44  SER A C   1 
ATOM   154  O O   . SER A 1 44  ? -5.028  -1.861  -11.764 1.00 65.22  ? 44  SER A O   1 
ATOM   155  C CB  . SER A 1 44  ? -7.214  -0.069  -12.995 1.00 69.45  ? 44  SER A CB  1 
ATOM   156  O OG  . SER A 1 44  ? -6.386  1.048   -13.257 1.00 69.89  ? 44  SER A OG  1 
ATOM   157  N N   . ILE A 1 45  ? -4.869  0.037   -10.565 1.00 63.23  ? 45  ILE A N   1 
ATOM   158  C CA  . ILE A 1 45  ? -3.481  -0.183  -10.181 1.00 62.49  ? 45  ILE A CA  1 
ATOM   159  C C   . ILE A 1 45  ? -3.364  -0.522  -8.683  1.00 60.08  ? 45  ILE A C   1 
ATOM   160  O O   . ILE A 1 45  ? -2.559  -1.353  -8.277  1.00 59.30  ? 45  ILE A O   1 
ATOM   161  C CB  . ILE A 1 45  ? -2.580  1.018   -10.569 1.00 63.33  ? 45  ILE A CB  1 
ATOM   162  C CG1 . ILE A 1 45  ? -3.154  2.326   -10.007 1.00 64.52  ? 45  ILE A CG1 1 
ATOM   163  C CG2 . ILE A 1 45  ? -2.421  1.107   -12.108 1.00 66.24  ? 45  ILE A CG2 1 
ATOM   164  C CD1 . ILE A 1 45  ? -2.636  3.606   -10.719 1.00 66.78  ? 45  ILE A CD1 1 
ATOM   165  N N   . VAL A 1 46  ? -4.190  0.100   -7.857  1.00 59.31  ? 46  VAL A N   1 
ATOM   166  C CA  . VAL A 1 46  ? -4.214  -0.249  -6.448  1.00 56.97  ? 46  VAL A CA  1 
ATOM   167  C C   . VAL A 1 46  ? -4.623  -1.708  -6.256  1.00 57.22  ? 46  VAL A C   1 
ATOM   168  O O   . VAL A 1 46  ? -4.133  -2.372  -5.335  1.00 56.30  ? 46  VAL A O   1 
ATOM   169  C CB  . VAL A 1 46  ? -5.152  0.655   -5.653  1.00 56.30  ? 46  VAL A CB  1 
ATOM   170  C CG1 . VAL A 1 46  ? -5.393  0.080   -4.265  1.00 54.29  ? 46  VAL A CG1 1 
ATOM   171  C CG2 . VAL A 1 46  ? -4.581  2.049   -5.560  1.00 55.85  ? 46  VAL A CG2 1 
ATOM   172  N N   . ARG A 1 47  ? -5.482  -2.216  -7.136  1.00 58.93  ? 47  ARG A N   1 
ATOM   173  C CA  . ARG A 1 47  ? -6.016  -3.572  -7.004  1.00 59.11  ? 47  ARG A CA  1 
ATOM   174  C C   . ARG A 1 47  ? -5.082  -4.696  -7.473  1.00 59.10  ? 47  ARG A C   1 
ATOM   175  O O   . ARG A 1 47  ? -5.447  -5.870  -7.410  1.00 59.31  ? 47  ARG A O   1 
ATOM   176  C CB  . ARG A 1 47  ? -7.363  -3.683  -7.726  1.00 61.65  ? 47  ARG A CB  1 
ATOM   177  C CG  . ARG A 1 47  ? -7.246  -3.962  -9.215  1.00 64.11  ? 47  ARG A CG  1 
ATOM   178  C CD  . ARG A 1 47  ? -8.492  -4.651  -9.746  1.00 65.87  ? 47  ARG A CD  1 
ATOM   179  N NE  . ARG A 1 47  ? -8.352  -6.105  -9.753  1.00 66.32  ? 47  ARG A NE  1 
ATOM   180  C CZ  . ARG A 1 47  ? -9.265  -6.942  -10.234 1.00 69.60  ? 47  ARG A CZ  1 
ATOM   181  N NH1 . ARG A 1 47  ? -9.053  -8.250  -10.198 1.00 69.68  ? 47  ARG A NH1 1 
ATOM   182  N NH2 . ARG A 1 47  ? -10.391 -6.471  -10.752 1.00 72.92  ? 47  ARG A NH2 1 
ATOM   183  N N   . ARG A 1 48  ? -3.889  -4.343  -7.941  1.00 58.94  ? 48  ARG A N   1 
ATOM   184  C CA  . ARG A 1 48  ? -2.922  -5.347  -8.416  1.00 59.03  ? 48  ARG A CA  1 
ATOM   185  C C   . ARG A 1 48  ? -1.959  -5.806  -7.320  1.00 57.22  ? 48  ARG A C   1 
ATOM   186  O O   . ARG A 1 48  ? -0.769  -5.487  -7.351  1.00 56.50  ? 48  ARG A O   1 
ATOM   187  C CB  . ARG A 1 48  ? -2.122  -4.854  -9.645  1.00 60.59  ? 48  ARG A CB  1 
ATOM   188  C CG  . ARG A 1 48  ? -2.915  -4.538  -10.921 1.00 61.86  ? 48  ARG A CG  1 
ATOM   189  C CD  . ARG A 1 48  ? -3.826  -5.681  -11.410 1.00 63.37  ? 48  ARG A CD  1 
ATOM   190  N NE  . ARG A 1 48  ? -3.145  -6.959  -11.605 1.00 63.10  ? 48  ARG A NE  1 
ATOM   191  C CZ  . ARG A 1 48  ? -2.635  -7.374  -12.761 0.10 65.41  ? 48  ARG A CZ  1 
ATOM   192  N NH1 . ARG A 1 48  ? -2.039  -8.553  -12.841 0.57 66.36  ? 48  ARG A NH1 1 
ATOM   193  N NH2 . ARG A 1 48  ? -2.715  -6.611  -13.838 0.93 66.57  ? 48  ARG A NH2 1 
ATOM   194  N N   . PHE A 1 49  ? -2.490  -6.575  -6.370  1.00 56.51  ? 49  PHE A N   1 
ATOM   195  C CA  . PHE A 1 49  ? -1.710  -7.157  -5.281  1.00 55.35  ? 49  PHE A CA  1 
ATOM   196  C C   . PHE A 1 49  ? -0.429  -7.808  -5.799  1.00 56.65  ? 49  PHE A C   1 
ATOM   197  O O   . PHE A 1 49  ? 0.539   -7.947  -5.060  1.00 55.96  ? 49  PHE A O   1 
ATOM   198  C CB  . PHE A 1 49  ? -2.564  -8.172  -4.514  1.00 55.15  ? 49  PHE A CB  1 
ATOM   199  C CG  . PHE A 1 49  ? -1.813  -8.940  -3.457  1.00 54.25  ? 49  PHE A CG  1 
ATOM   200  C CD1 . PHE A 1 49  ? -1.439  -8.330  -2.255  1.00 52.59  ? 49  PHE A CD1 1 
ATOM   201  C CD2 . PHE A 1 49  ? -1.479  -10.281 -3.660  1.00 54.97  ? 49  PHE A CD2 1 
ATOM   202  C CE1 . PHE A 1 49  ? -0.736  -9.055  -1.268  1.00 52.19  ? 49  PHE A CE1 1 
ATOM   203  C CE2 . PHE A 1 49  ? -0.776  -11.007 -2.688  1.00 54.20  ? 49  PHE A CE2 1 
ATOM   204  C CZ  . PHE A 1 49  ? -0.409  -10.391 -1.490  1.00 53.19  ? 49  PHE A CZ  1 
ATOM   205  N N   . ASP A 1 50  ? -0.426  -8.176  -7.079  1.00 59.07  ? 50  ASP A N   1 
ATOM   206  C CA  . ASP A 1 50  ? 0.694   -8.879  -7.696  1.00 61.34  ? 50  ASP A CA  1 
ATOM   207  C C   . ASP A 1 50  ? 1.741   -7.943  -8.326  1.00 62.55  ? 50  ASP A C   1 
ATOM   208  O O   . ASP A 1 50  ? 2.851   -8.363  -8.641  1.00 64.13  ? 50  ASP A O   1 
ATOM   209  C CB  . ASP A 1 50  ? 0.161   -9.903  -8.692  1.00 63.72  ? 50  ASP A CB  1 
ATOM   210  C CG  . ASP A 1 50  ? -0.598  -9.267  -9.836  1.00 65.21  ? 50  ASP A CG  1 
ATOM   211  O OD1 . ASP A 1 50  ? -0.109  -9.365  -10.981 1.00 68.33  ? 50  ASP A OD1 1 
ATOM   212  O OD2 . ASP A 1 50  ? -1.672  -8.675  -9.594  1.00 62.83  ? 50  ASP A OD2 1 
ATOM   213  N N   . GLU A 1 51  ? 1.378   -6.680  -8.520  1.00 62.45  ? 51  GLU A N   1 
ATOM   214  C CA  . GLU A 1 51  ? 2.267   -5.712  -9.147  1.00 63.71  ? 51  GLU A CA  1 
ATOM   215  C C   . GLU A 1 51  ? 2.274   -4.408  -8.375  1.00 61.97  ? 51  GLU A C   1 
ATOM   216  O O   . GLU A 1 51  ? 1.894   -3.372  -8.912  1.00 62.70  ? 51  GLU A O   1 
ATOM   217  C CB  . GLU A 1 51  ? 1.776   -5.455  -10.569 1.00 66.11  ? 51  GLU A CB  1 
ATOM   218  C CG  . GLU A 1 51  ? 1.694   -6.686  -11.436 1.00 69.69  ? 51  GLU A CG  1 
ATOM   219  C CD  . GLU A 1 51  ? 1.104   -6.386  -12.796 1.00 74.00  ? 51  GLU A CD  1 
ATOM   220  O OE1 . GLU A 1 51  ? 0.456   -7.284  -13.385 1.00 76.09  ? 51  GLU A OE1 1 
ATOM   221  O OE2 . GLU A 1 51  ? 1.284   -5.246  -13.270 1.00 74.13  ? 51  GLU A OE2 1 
ATOM   222  N N   . PRO A 1 52  ? 2.700   -4.454  -7.103  1.00 60.64  ? 52  PRO A N   1 
ATOM   223  C CA  . PRO A 1 52  ? 2.725   -3.227  -6.313  1.00 59.35  ? 52  PRO A CA  1 
ATOM   224  C C   . PRO A 1 52  ? 3.828   -2.266  -6.745  1.00 60.55  ? 52  PRO A C   1 
ATOM   225  O O   . PRO A 1 52  ? 3.739   -1.070  -6.459  1.00 60.48  ? 52  PRO A O   1 
ATOM   226  C CB  . PRO A 1 52  ? 2.973   -3.728  -4.887  1.00 58.42  ? 52  PRO A CB  1 
ATOM   227  C CG  . PRO A 1 52  ? 3.655   -5.089  -5.072  1.00 59.40  ? 52  PRO A CG  1 
ATOM   228  C CD  . PRO A 1 52  ? 2.999   -5.654  -6.282  1.00 60.13  ? 52  PRO A CD  1 
ATOM   229  N N   . GLN A 1 53  ? 4.851   -2.767  -7.433  1.00 62.07  ? 53  GLN A N   1 
ATOM   230  C CA  . GLN A 1 53  ? 5.952   -1.913  -7.868  1.00 63.68  ? 53  GLN A CA  1 
ATOM   231  C C   . GLN A 1 53  ? 5.520   -0.924  -8.956  1.00 65.34  ? 53  GLN A C   1 
ATOM   232  O O   . GLN A 1 53  ? 6.257   0.015   -9.277  1.00 66.89  ? 53  GLN A O   1 
ATOM   233  C CB  . GLN A 1 53  ? 7.148   -2.737  -8.341  1.00 65.58  ? 53  GLN A CB  1 
ATOM   234  C CG  . GLN A 1 53  ? 6.913   -3.542  -9.624  1.00 67.56  ? 53  GLN A CG  1 
ATOM   235  C CD  . GLN A 1 53  ? 6.066   -4.785  -9.394  1.00 65.90  ? 53  GLN A CD  1 
ATOM   236  O OE1 . GLN A 1 53  ? 5.607   -5.039  -8.277  1.00 63.06  ? 53  GLN A OE1 1 
ATOM   237  N NE2 . GLN A 1 53  ? 5.857   -5.568  -10.450 1.00 67.34  ? 53  GLN A NE2 1 
ATOM   238  N N   . LYS A 1 54  ? 4.322   -1.121  -9.495  1.00 65.24  ? 54  LYS A N   1 
ATOM   239  C CA  . LYS A 1 54  ? 3.762   -0.178  -10.454 1.00 66.66  ? 54  LYS A CA  1 
ATOM   240  C C   . LYS A 1 54  ? 3.908   1.196   -9.808  1.00 65.47  ? 54  LYS A C   1 
ATOM   241  O O   . LYS A 1 54  ? 4.390   2.141   -10.433 1.00 67.68  ? 54  LYS A O   1 
ATOM   242  C CB  . LYS A 1 54  ? 2.339   -0.583  -10.840 1.00 67.16  ? 54  LYS A CB  1 
ATOM   243  C CG  . LYS A 1 54  ? 1.938   -0.173  -12.248 1.00 72.04  ? 54  LYS A CG  1 
ATOM   244  C CD  . LYS A 1 54  ? 1.393   -1.354  -13.034 1.00 75.49  ? 54  LYS A CD  1 
ATOM   245  C CE  . LYS A 1 54  ? 0.739   -0.902  -14.329 1.00 76.91  ? 54  LYS A CE  1 
ATOM   246  N NZ  . LYS A 1 54  ? 0.037   -2.020  -15.016 1.00 74.29  ? 54  LYS A NZ  1 
ATOM   247  N N   . TYR A 1 55  ? 3.488   1.289   -8.550  1.00 63.10  ? 55  TYR A N   1 
ATOM   248  C CA  . TYR A 1 55  ? 3.626   2.513   -7.774  1.00 62.33  ? 55  TYR A CA  1 
ATOM   249  C C   . TYR A 1 55  ? 4.451   2.556   -6.464  1.00 61.15  ? 55  TYR A C   1 
ATOM   250  O O   . TYR A 1 55  ? 4.867   3.639   -6.052  1.00 61.73  ? 55  TYR A O   1 
ATOM   251  C CB  . TYR A 1 55  ? 2.200   2.976   -7.490  1.00 61.27  ? 55  TYR A CB  1 
ATOM   252  C CG  . TYR A 1 55  ? 1.512   2.203   -6.386  1.00 59.19  ? 55  TYR A CG  1 
ATOM   253  C CD1 . TYR A 1 55  ? 1.493   2.684   -5.084  1.00 59.10  ? 55  TYR A CD1 1 
ATOM   254  C CD2 . TYR A 1 55  ? 0.883   0.993   -6.647  1.00 58.71  ? 55  TYR A CD2 1 
ATOM   255  C CE1 . TYR A 1 55  ? 0.866   1.981   -4.072  1.00 57.37  ? 55  TYR A CE1 1 
ATOM   256  C CE2 . TYR A 1 55  ? 0.253   0.284   -5.641  1.00 57.25  ? 55  TYR A CE2 1 
ATOM   257  C CZ  . TYR A 1 55  ? 0.248   0.782   -4.357  1.00 56.62  ? 55  TYR A CZ  1 
ATOM   258  O OH  . TYR A 1 55  ? -0.377  0.079   -3.352  1.00 56.72  ? 55  TYR A OH  1 
ATOM   259  N N   . LYS A 1 56  ? 4.657   1.423   -5.794  1.00 59.58  ? 56  LYS A N   1 
ATOM   260  C CA  . LYS A 1 56  ? 5.445   1.448   -4.556  1.00 58.79  ? 56  LYS A CA  1 
ATOM   261  C C   . LYS A 1 56  ? 6.924   1.564   -4.943  1.00 60.65  ? 56  LYS A C   1 
ATOM   262  O O   . LYS A 1 56  ? 7.487   0.663   -5.564  1.00 61.43  ? 56  LYS A O   1 
ATOM   263  C CB  . LYS A 1 56  ? 5.170   0.225   -3.666  1.00 57.49  ? 56  LYS A CB  1 
ATOM   264  C CG  . LYS A 1 56  ? 3.764   0.181   -3.090  1.00 55.70  ? 56  LYS A CG  1 
ATOM   265  C CD  . LYS A 1 56  ? 3.597   -0.986  -2.130  1.00 55.66  ? 56  LYS A CD  1 
ATOM   266  C CE  . LYS A 1 56  ? 2.133   -1.358  -1.964  1.00 54.53  ? 56  LYS A CE  1 
ATOM   267  N NZ  . LYS A 1 56  ? 1.916   -2.249  -0.790  1.00 54.31  ? 56  LYS A NZ  1 
ATOM   268  N N   . PRO A 1 57  ? 7.522   2.707   -4.614  1.00 61.65  ? 57  PRO A N   1 
ATOM   269  C CA  . PRO A 1 57  ? 8.841   3.085   -5.135  1.00 63.86  ? 57  PRO A CA  1 
ATOM   270  C C   . PRO A 1 57  ? 10.027  2.431   -4.434  1.00 64.53  ? 57  PRO A C   1 
ATOM   271  O O   . PRO A 1 57  ? 11.169  2.746   -4.769  1.00 66.97  ? 57  PRO A O   1 
ATOM   272  C CB  . PRO A 1 57  ? 8.876   4.600   -4.911  1.00 64.94  ? 57  PRO A CB  1 
ATOM   273  C CG  . PRO A 1 57  ? 7.983   4.821   -3.743  1.00 62.60  ? 57  PRO A CG  1 
ATOM   274  C CD  . PRO A 1 57  ? 6.885   3.804   -3.866  1.00 61.21  ? 57  PRO A CD  1 
ATOM   275  N N   . PHE A 1 58  ? 9.772   1.540   -3.484  1.00 62.90  ? 58  PHE A N   1 
ATOM   276  C CA  . PHE A 1 58  ? 10.875  0.862   -2.779  1.00 63.92  ? 58  PHE A CA  1 
ATOM   277  C C   . PHE A 1 58  ? 10.995  -0.609  -3.157  1.00 63.92  ? 58  PHE A C   1 
ATOM   278  O O   . PHE A 1 58  ? 11.965  -1.282  -2.788  1.00 65.71  ? 58  PHE A O   1 
ATOM   279  C CB  . PHE A 1 58  ? 10.760  1.044   -1.252  1.00 62.98  ? 58  PHE A CB  1 
ATOM   280  C CG  . PHE A 1 58  ? 10.686  2.493   -0.817  1.00 63.27  ? 58  PHE A CG  1 
ATOM   281  C CD1 . PHE A 1 58  ? 11.649  3.424   -1.258  1.00 65.09  ? 58  PHE A CD1 1 
ATOM   282  C CD2 . PHE A 1 58  ? 9.662   2.928   0.016   1.00 61.37  ? 58  PHE A CD2 1 
ATOM   283  C CE1 . PHE A 1 58  ? 11.575  4.762   -0.879  1.00 65.60  ? 58  PHE A CE1 1 
ATOM   284  C CE2 . PHE A 1 58  ? 9.582   4.270   0.409   1.00 61.79  ? 58  PHE A CE2 1 
ATOM   285  C CZ  . PHE A 1 58  ? 10.539  5.181   -0.035  1.00 64.43  ? 58  PHE A CZ  1 
ATOM   286  N N   . ILE A 1 59  ? 10.010  -1.088  -3.911  1.00 62.54  ? 59  ILE A N   1 
ATOM   287  C CA  . ILE A 1 59  ? 9.964   -2.463  -4.366  1.00 62.46  ? 59  ILE A CA  1 
ATOM   288  C C   . ILE A 1 59  ? 10.669  -2.615  -5.714  1.00 65.17  ? 59  ILE A C   1 
ATOM   289  O O   . ILE A 1 59  ? 10.547  -1.765  -6.602  1.00 66.01  ? 59  ILE A O   1 
ATOM   290  C CB  . ILE A 1 59  ? 8.506   -2.980  -4.422  1.00 60.41  ? 59  ILE A CB  1 
ATOM   291  C CG1 . ILE A 1 59  ? 7.918   -3.022  -3.001  1.00 58.00  ? 59  ILE A CG1 1 
ATOM   292  C CG2 . ILE A 1 59  ? 8.428   -4.355  -5.115  1.00 60.62  ? 59  ILE A CG2 1 
ATOM   293  C CD1 . ILE A 1 59  ? 6.411   -3.255  -2.918  1.00 55.36  ? 59  ILE A CD1 1 
ATOM   294  N N   . SER A 1 60  ? 11.417  -3.704  -5.844  1.00 66.91  ? 60  SER A N   1 
ATOM   295  C CA  . SER A 1 60  ? 12.157  -4.001  -7.063  1.00 70.08  ? 60  SER A CA  1 
ATOM   296  C C   . SER A 1 60  ? 11.443  -5.090  -7.856  1.00 70.46  ? 60  SER A C   1 
ATOM   297  O O   . SER A 1 60  ? 11.348  -5.021  -9.076  1.00 71.91  ? 60  SER A O   1 
ATOM   298  C CB  . SER A 1 60  ? 13.585  -4.436  -6.716  1.00 72.11  ? 60  SER A CB  1 
ATOM   299  O OG  . SER A 1 60  ? 14.286  -4.845  -7.875  1.00 75.58  ? 60  SER A OG  1 
ATOM   300  N N   . ARG A 1 61  ? 10.927  -6.089  -7.141  1.00 69.69  ? 61  ARG A N   1 
ATOM   301  C CA  . ARG A 1 61  ? 10.333  -7.266  -7.763  1.00 70.61  ? 61  ARG A CA  1 
ATOM   302  C C   . ARG A 1 61  ? 9.266   -7.917  -6.858  1.00 67.97  ? 61  ARG A C   1 
ATOM   303  O O   . ARG A 1 61  ? 9.352   -7.865  -5.625  1.00 66.18  ? 61  ARG A O   1 
ATOM   304  C CB  . ARG A 1 61  ? 11.457  -8.235  -8.171  1.00 74.06  ? 61  ARG A CB  1 
ATOM   305  C CG  . ARG A 1 61  ? 11.111  -9.709  -8.127  1.00 76.68  ? 61  ARG A CG  1 
ATOM   306  C CD  . ARG A 1 61  ? 11.908  -10.477 -9.158  1.00 82.51  ? 61  ARG A CD  1 
ATOM   307  N NE  . ARG A 1 61  ? 11.873  -11.910 -8.867  1.00 85.43  ? 61  ARG A NE  1 
ATOM   308  C CZ  . ARG A 1 61  ? 12.950  -12.649 -8.610  1.00 89.08  ? 61  ARG A CZ  1 
ATOM   309  N NH1 . ARG A 1 61  ? 14.167  -12.103 -8.621  1.00 90.98  ? 61  ARG A NH1 1 
ATOM   310  N NH2 . ARG A 1 61  ? 12.809  -13.945 -8.360  1.00 90.26  ? 61  ARG A NH2 1 
ATOM   311  N N   . CYS A 1 62  ? 8.246   -8.494  -7.486  1.00 67.74  ? 62  CYS A N   1 
ATOM   312  C CA  . CYS A 1 62  ? 7.151   -9.141  -6.764  1.00 65.72  ? 62  CYS A CA  1 
ATOM   313  C C   . CYS A 1 62  ? 6.767   -10.457 -7.436  1.00 67.48  ? 62  CYS A C   1 
ATOM   314  O O   . CYS A 1 62  ? 6.521   -10.499 -8.643  1.00 68.69  ? 62  CYS A O   1 
ATOM   315  C CB  . CYS A 1 62  ? 5.938   -8.221  -6.674  1.00 63.49  ? 62  CYS A CB  1 
ATOM   316  S SG  . CYS A 1 62  ? 4.483   -8.959  -5.848  1.00 61.50  ? 62  CYS A SG  1 
ATOM   317  N N   . VAL A 1 63  ? 6.732   -11.529 -6.644  1.00 67.56  ? 63  VAL A N   1 
ATOM   318  C CA  . VAL A 1 63  ? 6.374   -12.854 -7.150  1.00 69.56  ? 63  VAL A CA  1 
ATOM   319  C C   . VAL A 1 63  ? 5.141   -13.429 -6.426  1.00 68.51  ? 63  VAL A C   1 
ATOM   320  O O   . VAL A 1 63  ? 5.097   -13.487 -5.195  1.00 66.98  ? 63  VAL A O   1 
ATOM   321  C CB  . VAL A 1 63  ? 7.566   -13.838 -7.051  1.00 71.55  ? 63  VAL A CB  1 
ATOM   322  C CG1 . VAL A 1 63  ? 7.313   -15.054 -7.918  1.00 74.66  ? 63  VAL A CG1 1 
ATOM   323  C CG2 . VAL A 1 63  ? 8.870   -13.175 -7.481  1.00 72.95  ? 63  VAL A CG2 1 
ATOM   324  N N   . VAL A 1 64  ? 4.133   -13.844 -7.187  1.00 69.68  ? 64  VAL A N   1 
ATOM   325  C CA  . VAL A 1 64  ? 2.978   -14.511 -6.587  1.00 69.98  ? 64  VAL A CA  1 
ATOM   326  C C   . VAL A 1 64  ? 2.452   -15.697 -7.407  1.00 73.17  ? 64  VAL A C   1 
ATOM   327  O O   . VAL A 1 64  ? 2.152   -15.580 -8.602  1.00 75.16  ? 64  VAL A O   1 
ATOM   328  C CB  . VAL A 1 64  ? 1.837   -13.522 -6.201  1.00 67.47  ? 64  VAL A CB  1 
ATOM   329  C CG1 . VAL A 1 64  ? 1.485   -12.660 -7.371  1.00 68.80  ? 64  VAL A CG1 1 
ATOM   330  C CG2 . VAL A 1 64  ? 0.606   -14.292 -5.733  1.00 67.46  ? 64  VAL A CG2 1 
ATOM   331  N N   . GLN A 1 65  ? 2.348   -16.838 -6.731  1.00 74.33  ? 65  GLN A N   1 
ATOM   332  C CA  . GLN A 1 65  ? 1.928   -18.083 -7.347  1.00 77.39  ? 65  GLN A CA  1 
ATOM   333  C C   . GLN A 1 65  ? 0.429   -18.372 -7.140  1.00 77.63  ? 65  GLN A C   1 
ATOM   334  O O   . GLN A 1 65  ? -0.265  -17.666 -6.396  1.00 75.28  ? 65  GLN A O   1 
ATOM   335  C CB  . GLN A 1 65  ? 2.806   -19.234 -6.833  1.00 78.87  ? 65  GLN A CB  1 
ATOM   336  C CG  . GLN A 1 65  ? 3.969   -19.611 -7.779  1.00 81.75  ? 65  GLN A CG  1 
ATOM   337  C CD  . GLN A 1 65  ? 5.243   -18.786 -7.579  1.00 80.63  ? 65  GLN A CD  1 
ATOM   338  O OE1 . GLN A 1 65  ? 6.069   -18.675 -8.491  1.00 81.27  ? 65  GLN A OE1 1 
ATOM   339  N NE2 . GLN A 1 65  ? 5.407   -18.212 -6.386  1.00 77.76  ? 65  GLN A NE2 1 
ATOM   340  N N   . GLY A 1 66  ? -0.061  -19.401 -7.824  1.00 80.89  ? 66  GLY A N   1 
ATOM   341  C CA  . GLY A 1 66  ? -1.457  -19.814 -7.712  1.00 82.43  ? 66  GLY A CA  1 
ATOM   342  C C   . GLY A 1 66  ? -2.437  -18.779 -8.225  1.00 81.80  ? 66  GLY A C   1 
ATOM   343  O O   . GLY A 1 66  ? -2.210  -18.158 -9.265  1.00 82.41  ? 66  GLY A O   1 
ATOM   344  N N   . LYS A 1 67  ? -3.538  -18.613 -7.499  1.00 81.11  ? 67  LYS A N   1 
ATOM   345  C CA  . LYS A 1 67  ? -4.550  -17.612 -7.825  1.00 80.62  ? 67  LYS A CA  1 
ATOM   346  C C   . LYS A 1 67  ? -4.032  -16.243 -7.388  1.00 77.13  ? 67  LYS A C   1 
ATOM   347  O O   . LYS A 1 67  ? -3.964  -15.953 -6.195  1.00 75.08  ? 67  LYS A O   1 
ATOM   348  C CB  . LYS A 1 67  ? -5.877  -17.957 -7.140  1.00 81.24  ? 67  LYS A CB  1 
ATOM   349  C CG  . LYS A 1 67  ? -6.710  -18.997 -7.890  1.00 85.99  ? 67  LYS A CG  1 
ATOM   350  C CD  . LYS A 1 67  ? -7.376  -20.012 -6.937  1.00 87.40  ? 67  LYS A CD  1 
ATOM   351  C CE  . LYS A 1 67  ? -8.807  -20.339 -7.353  0.51 89.53  ? 67  LYS A CE  1 
ATOM   352  N NZ  . LYS A 1 67  ? -8.920  -20.726 -8.784  1.00 92.63  ? 67  LYS A NZ  1 
ATOM   353  N N   . LYS A 1 68  ? -3.650  -15.418 -8.361  1.00 76.89  ? 68  LYS A N   1 
ATOM   354  C CA  . LYS A 1 68  ? -2.941  -14.159 -8.091  1.00 74.03  ? 68  LYS A CA  1 
ATOM   355  C C   . LYS A 1 68  ? -3.737  -13.131 -7.280  1.00 71.64  ? 68  LYS A C   1 
ATOM   356  O O   . LYS A 1 68  ? -3.171  -12.451 -6.411  1.00 69.64  ? 68  LYS A O   1 
ATOM   357  C CB  . LYS A 1 68  ? -2.471  -13.499 -9.398  1.00 75.25  ? 68  LYS A CB  1 
ATOM   358  C CG  . LYS A 1 68  ? -0.966  -13.541 -9.654  1.00 75.24  ? 68  LYS A CG  1 
ATOM   359  C CD  . LYS A 1 68  ? -0.576  -14.392 -10.860 1.00 77.24  ? 68  LYS A CD  1 
ATOM   360  C CE  . LYS A 1 68  ? 0.834   -14.046 -11.286 0.09 77.79  ? 68  LYS A CE  1 
ATOM   361  N NZ  . LYS A 1 68  ? 1.400   -15.073 -12.180 1.00 80.99  ? 68  LYS A NZ  1 
ATOM   362  N N   . LEU A 1 69  ? -5.031  -12.995 -7.580  1.00 71.87  ? 69  LEU A N   1 
ATOM   363  C CA  . LEU A 1 69  ? -5.830  -11.908 -7.015  1.00 69.44  ? 69  LEU A CA  1 
ATOM   364  C C   . LEU A 1 69  ? -6.986  -12.625 -6.352  1.00 69.57  ? 69  LEU A C   1 
ATOM   365  O O   . LEU A 1 69  ? -8.084  -12.736 -6.912  1.00 70.99  ? 69  LEU A O   1 
ATOM   366  C CB  . LEU A 1 69  ? -6.319  -10.969 -8.120  1.00 70.36  ? 69  LEU A CB  1 
ATOM   367  C CG  . LEU A 1 69  ? -5.266  -10.452 -9.089  1.00 70.60  ? 69  LEU A CG  1 
ATOM   368  C CD1 . LEU A 1 69  ? -5.879  -10.202 -10.467 1.00 73.26  ? 69  LEU A CD1 1 
ATOM   369  C CD2 . LEU A 1 69  ? -4.622  -9.202  -8.508  1.00 68.14  ? 69  LEU A CD2 1 
ATOM   370  N N   . GLU A 1 70  ? -6.726  -13.128 -5.156  1.00 68.42  ? 70  GLU A N   1 
ATOM   371  C CA  . GLU A 1 70  ? -7.721  -13.868 -4.432  1.00 68.85  ? 70  GLU A CA  1 
ATOM   372  C C   . GLU A 1 70  ? -7.283  -13.838 -2.995  1.00 66.25  ? 70  GLU A C   1 
ATOM   373  O O   . GLU A 1 70  ? -6.096  -13.977 -2.688  1.00 64.90  ? 70  GLU A O   1 
ATOM   374  C CB  . GLU A 1 70  ? -7.962  -15.305 -4.889  1.00 72.08  ? 70  GLU A CB  1 
ATOM   375  C CG  . GLU A 1 70  ? -9.413  -15.766 -4.704  1.00 75.96  ? 70  GLU A CG  1 
ATOM   376  C CD  . GLU A 1 70  ? -9.720  -17.094 -5.402  1.00 81.65  ? 70  GLU A CD  1 
ATOM   377  O OE1 . GLU A 1 70  ? -9.153  -18.136 -4.986  1.00 82.61  ? 70  GLU A OE1 1 
ATOM   378  O OE2 . GLU A 1 70  ? -10.543 -17.091 -6.353  1.00 83.99  ? 70  GLU A OE2 1 
ATOM   379  N N   . VAL A 1 71  ? -8.251  -13.632 -2.112  1.00 65.66  ? 71  VAL A N   1 
ATOM   380  C CA  . VAL A 1 71  ? -7.976  -13.604 -0.690  1.00 63.64  ? 71  VAL A CA  1 
ATOM   381  C C   . VAL A 1 71  ? -7.202  -14.859 -0.354  1.00 63.93  ? 71  VAL A C   1 
ATOM   382  O O   . VAL A 1 71  ? -7.564  -15.977 -0.719  1.00 65.82  ? 71  VAL A O   1 
ATOM   383  C CB  . VAL A 1 71  ? -9.281  -13.455 0.127   1.00 64.54  ? 71  VAL A CB  1 
ATOM   384  C CG1 . VAL A 1 71  ? -9.073  -13.843 1.589   1.00 64.44  ? 71  VAL A CG1 1 
ATOM   385  C CG2 . VAL A 1 71  ? -9.803  -12.022 0.011   1.00 62.56  ? 71  VAL A CG2 1 
ATOM   386  N N   . GLY A 1 72  ? -6.048  -14.666 0.315   1.00 61.73  ? 72  GLY A N   1 
ATOM   387  C CA  . GLY A 1 72  ? -5.138  -15.760 0.620   1.00 62.12  ? 72  GLY A CA  1 
ATOM   388  C C   . GLY A 1 72  ? -3.871  -15.792 -0.225  1.00 61.65  ? 72  GLY A C   1 
ATOM   389  O O   . GLY A 1 72  ? -2.927  -16.506 0.114   1.00 62.36  ? 72  GLY A O   1 
ATOM   390  N N   . SER A 1 73  ? -3.840  -15.041 -1.325  1.00 60.65  ? 73  SER A N   1 
ATOM   391  C CA  . SER A 1 73  ? -2.653  -14.989 -2.166  1.00 60.43  ? 73  SER A CA  1 
ATOM   392  C C   . SER A 1 73  ? -1.437  -14.454 -1.414  1.00 58.61  ? 73  SER A C   1 
ATOM   393  O O   . SER A 1 73  ? -1.555  -13.651 -0.485  1.00 56.83  ? 73  SER A O   1 
ATOM   394  C CB  . SER A 1 73  ? -2.901  -14.141 -3.406  1.00 60.48  ? 73  SER A CB  1 
ATOM   395  O OG  . SER A 1 73  ? -3.837  -14.776 -4.244  1.00 63.18  ? 73  SER A OG  1 
ATOM   396  N N   . VAL A 1 74  ? -0.265  -14.910 -1.832  1.00 59.02  ? 74  VAL A N   1 
ATOM   397  C CA  . VAL A 1 74  ? 0.958   -14.538 -1.167  1.00 58.00  ? 74  VAL A CA  1 
ATOM   398  C C   . VAL A 1 74  ? 1.951   -13.951 -2.166  1.00 58.29  ? 74  VAL A C   1 
ATOM   399  O O   . VAL A 1 74  ? 2.218   -14.538 -3.215  1.00 59.73  ? 74  VAL A O   1 
ATOM   400  C CB  . VAL A 1 74  ? 1.600   -15.756 -0.452  1.00 59.71  ? 74  VAL A CB  1 
ATOM   401  C CG1 . VAL A 1 74  ? 2.775   -15.311 0.428   1.00 58.74  ? 74  VAL A CG1 1 
ATOM   402  C CG2 . VAL A 1 74  ? 0.565   -16.531 0.366   1.00 59.16  ? 74  VAL A CG2 1 
ATOM   403  N N   . ARG A 1 75  ? 2.498   -12.791 -1.834  1.00 57.16  ? 75  ARG A N   1 
ATOM   404  C CA  . ARG A 1 75  ? 3.549   -12.215 -2.650  1.00 57.99  ? 75  ARG A CA  1 
ATOM   405  C C   . ARG A 1 75  ? 4.854   -12.217 -1.884  1.00 58.76  ? 75  ARG A C   1 
ATOM   406  O O   . ARG A 1 75  ? 4.886   -11.909 -0.683  1.00 57.85  ? 75  ARG A O   1 
ATOM   407  C CB  . ARG A 1 75  ? 3.193   -10.811 -3.102  1.00 56.51  ? 75  ARG A CB  1 
ATOM   408  C CG  . ARG A 1 75  ? 2.966   -9.818  -1.986  1.00 55.36  ? 75  ARG A CG  1 
ATOM   409  C CD  . ARG A 1 75  ? 2.598   -8.500  -2.586  1.00 54.01  ? 75  ARG A CD  1 
ATOM   410  N NE  . ARG A 1 75  ? 2.273   -7.482  -1.599  1.00 52.48  ? 75  ARG A NE  1 
ATOM   411  C CZ  . ARG A 1 75  ? 1.623   -6.357  -1.884  1.00 52.77  ? 75  ARG A CZ  1 
ATOM   412  N NH1 . ARG A 1 75  ? 1.221   -6.115  -3.127  1.00 53.56  ? 75  ARG A NH1 1 
ATOM   413  N NH2 . ARG A 1 75  ? 1.365   -5.470  -0.928  1.00 52.62  ? 75  ARG A NH2 1 
ATOM   414  N N   . GLU A 1 76  ? 5.911   -12.635 -2.578  1.00 60.91  ? 76  GLU A N   1 
ATOM   415  C CA  . GLU A 1 76  ? 7.278   -12.460 -2.119  1.00 61.56  ? 76  GLU A CA  1 
ATOM   416  C C   . GLU A 1 76  ? 7.727   -11.179 -2.783  1.00 61.28  ? 76  GLU A C   1 
ATOM   417  O O   . GLU A 1 76  ? 7.803   -11.095 -4.016  1.00 62.74  ? 76  GLU A O   1 
ATOM   418  C CB  . GLU A 1 76  ? 8.160   -13.640 -2.534  1.00 64.12  ? 76  GLU A CB  1 
ATOM   419  C CG  . GLU A 1 76  ? 8.105   -14.829 -1.580  1.00 65.68  ? 76  GLU A CG  1 
ATOM   420  C CD  . GLU A 1 76  ? 8.539   -16.156 -2.200  0.10 69.31  ? 76  GLU A CD  1 
ATOM   421  O OE1 . GLU A 1 76  ? 8.381   -17.187 -1.510  0.78 69.80  ? 76  GLU A OE1 1 
ATOM   422  O OE2 . GLU A 1 76  ? 9.024   -16.190 -3.359  0.94 72.81  ? 76  GLU A OE2 1 
ATOM   423  N N   . VAL A 1 77  ? 7.973   -10.166 -1.964  1.00 60.09  ? 77  VAL A N   1 
ATOM   424  C CA  . VAL A 1 77  ? 8.466   -8.877  -2.435  1.00 60.01  ? 77  VAL A CA  1 
ATOM   425  C C   . VAL A 1 77  ? 9.995   -8.781  -2.245  1.00 62.08  ? 77  VAL A C   1 
ATOM   426  O O   . VAL A 1 77  ? 10.523  -9.145  -1.192  1.00 62.34  ? 77  VAL A O   1 
ATOM   427  C CB  . VAL A 1 77  ? 7.679   -7.704  -1.758  1.00 57.65  ? 77  VAL A CB  1 
ATOM   428  C CG1 . VAL A 1 77  ? 8.377   -6.376  -1.928  1.00 57.89  ? 77  VAL A CG1 1 
ATOM   429  C CG2 . VAL A 1 77  ? 6.285   -7.603  -2.338  1.00 56.19  ? 77  VAL A CG2 1 
ATOM   430  N N   . ASP A 1 78  ? 10.686  -8.357  -3.301  1.00 64.18  ? 78  ASP A N   1 
ATOM   431  C CA  . ASP A 1 78  ? 12.101  -7.979  -3.254  1.00 66.90  ? 78  ASP A CA  1 
ATOM   432  C C   . ASP A 1 78  ? 12.171  -6.453  -3.165  1.00 66.53  ? 78  ASP A C   1 
ATOM   433  O O   . ASP A 1 78  ? 11.420  -5.751  -3.850  1.00 65.43  ? 78  ASP A O   1 
ATOM   434  C CB  . ASP A 1 78  ? 12.836  -8.417  -4.526  1.00 69.58  ? 78  ASP A CB  1 
ATOM   435  C CG  . ASP A 1 78  ? 13.185  -9.899  -4.549  1.00 72.51  ? 78  ASP A CG  1 
ATOM   436  O OD1 . ASP A 1 78  ? 13.160  -10.579 -3.500  1.00 73.77  ? 78  ASP A OD1 1 
ATOM   437  O OD2 . ASP A 1 78  ? 13.514  -10.388 -5.650  1.00 76.46  ? 78  ASP A OD2 1 
ATOM   438  N N   . LEU A 1 79  ? 13.074  -5.940  -2.335  1.00 67.81  ? 79  LEU A N   1 
ATOM   439  C CA  . LEU A 1 79  ? 13.224  -4.494  -2.165  1.00 67.94  ? 79  LEU A CA  1 
ATOM   440  C C   . LEU A 1 79  ? 14.520  -4.044  -2.780  1.00 71.03  ? 79  LEU A C   1 
ATOM   441  O O   . LEU A 1 79  ? 15.507  -4.779  -2.743  1.00 73.38  ? 79  LEU A O   1 
ATOM   442  C CB  . LEU A 1 79  ? 13.223  -4.113  -0.689  1.00 67.15  ? 79  LEU A CB  1 
ATOM   443  C CG  . LEU A 1 79  ? 11.940  -4.454  0.047   1.00 64.57  ? 79  LEU A CG  1 
ATOM   444  C CD1 . LEU A 1 79  ? 12.276  -4.976  1.409   1.00 65.52  ? 79  LEU A CD1 1 
ATOM   445  C CD2 . LEU A 1 79  ? 11.075  -3.238  0.119   1.00 64.43  ? 79  LEU A CD2 1 
ATOM   446  N N   . LYS A 1 80  ? 14.518  -2.829  -3.326  1.00 71.55  ? 80  LYS A N   1 
ATOM   447  C CA  . LYS A 1 80  ? 15.714  -2.265  -3.955  1.00 74.93  ? 80  LYS A CA  1 
ATOM   448  C C   . LYS A 1 80  ? 16.850  -2.221  -2.946  1.00 76.70  ? 80  LYS A C   1 
ATOM   449  O O   . LYS A 1 80  ? 16.610  -2.127  -1.738  1.00 75.31  ? 80  LYS A O   1 
ATOM   450  C CB  . LYS A 1 80  ? 15.432  -0.870  -4.509  1.00 75.14  ? 80  LYS A CB  1 
ATOM   451  C CG  . LYS A 1 80  ? 14.293  -0.832  -5.536  1.00 74.50  ? 80  LYS A CG  1 
ATOM   452  C CD  . LYS A 1 80  ? 14.295  0.492   -6.297  1.00 76.67  ? 80  LYS A CD  1 
ATOM   453  C CE  . LYS A 1 80  ? 13.625  0.370   -7.682  1.00 77.24  ? 80  LYS A CE  1 
ATOM   454  N NZ  . LYS A 1 80  ? 12.177  0.774   -7.679  1.00 74.28  ? 80  LYS A NZ  1 
ATOM   455  N N   . SER A 1 81  ? 18.081  -2.316  -3.444  1.00 80.16  ? 81  SER A N   1 
ATOM   456  C CA  . SER A 1 81  ? 19.260  -2.334  -2.584  1.00 82.58  ? 81  SER A CA  1 
ATOM   457  C C   . SER A 1 81  ? 19.375  -1.017  -1.820  1.00 82.66  ? 81  SER A C   1 
ATOM   458  O O   . SER A 1 81  ? 18.754  -0.013  -2.201  1.00 81.25  ? 81  SER A O   1 
ATOM   459  C CB  . SER A 1 81  ? 20.512  -2.573  -3.413  1.00 86.83  ? 81  SER A CB  1 
ATOM   460  O OG  . SER A 1 81  ? 20.843  -1.405  -4.140  1.00 88.87  ? 81  SER A OG  1 
ATOM   461  N N   . GLY A 1 82  ? 20.162  -1.030  -0.742  1.00 84.38  ? 82  GLY A N   1 
ATOM   462  C CA  . GLY A 1 82  ? 20.333  0.153   0.101   1.00 84.98  ? 82  GLY A CA  1 
ATOM   463  C C   . GLY A 1 82  ? 19.134  0.478   0.979   1.00 81.51  ? 82  GLY A C   1 
ATOM   464  O O   . GLY A 1 82  ? 18.979  1.620   1.432   1.00 81.78  ? 82  GLY A O   1 
ATOM   465  N N   . LEU A 1 83  ? 18.276  -0.519  1.197   1.00 78.39  ? 83  LEU A N   1 
ATOM   466  C CA  . LEU A 1 83  ? 17.204  -0.434  2.182   1.00 75.69  ? 83  LEU A CA  1 
ATOM   467  C C   . LEU A 1 83  ? 17.557  -1.278  3.404   1.00 76.57  ? 83  LEU A C   1 
ATOM   468  O O   . LEU A 1 83  ? 18.363  -2.209  3.301   1.00 78.53  ? 83  LEU A O   1 
ATOM   469  C CB  . LEU A 1 83  ? 15.859  -0.875  1.586   1.00 72.14  ? 83  LEU A CB  1 
ATOM   470  C CG  . LEU A 1 83  ? 14.907  0.251   1.142   1.00 70.62  ? 83  LEU A CG  1 
ATOM   471  C CD1 . LEU A 1 83  ? 15.322  0.890   -0.191  1.00 71.32  ? 83  LEU A CD1 1 
ATOM   472  C CD2 . LEU A 1 83  ? 13.446  -0.216  1.101   1.00 67.31  ? 83  LEU A CD2 1 
ATOM   473  N N   . PRO A 1 84  ? 16.961  -0.955  4.571   1.00 75.59  ? 84  PRO A N   1 
ATOM   474  C CA  . PRO A 1 84  ? 17.242  -1.724  5.791   1.00 76.40  ? 84  PRO A CA  1 
ATOM   475  C C   . PRO A 1 84  ? 16.820  -3.198  5.648   1.00 74.84  ? 84  PRO A C   1 
ATOM   476  O O   . PRO A 1 84  ? 17.448  -4.084  6.234   1.00 76.89  ? 84  PRO A O   1 
ATOM   477  C CB  . PRO A 1 84  ? 16.403  -1.008  6.861   1.00 75.36  ? 84  PRO A CB  1 
ATOM   478  C CG  . PRO A 1 84  ? 15.306  -0.303  6.098   1.00 72.66  ? 84  PRO A CG  1 
ATOM   479  C CD  . PRO A 1 84  ? 15.953  0.104   4.801   1.00 73.66  ? 84  PRO A CD  1 
ATOM   480  N N   . ALA A 1 85  ? 15.779  -3.438  4.854   1.00 71.65  ? 85  ALA A N   1 
ATOM   481  C CA  . ALA A 1 85  ? 15.273  -4.774  4.558   1.00 69.95  ? 85  ALA A CA  1 
ATOM   482  C C   . ALA A 1 85  ? 15.650  -5.174  3.137   1.00 70.26  ? 85  ALA A C   1 
ATOM   483  O O   . ALA A 1 85  ? 16.056  -4.322  2.333   1.00 71.23  ? 85  ALA A O   1 
ATOM   484  C CB  . ALA A 1 85  ? 13.770  -4.797  4.727   1.00 66.83  ? 85  ALA A CB  1 
ATOM   485  N N   . THR A 1 86  ? 15.537  -6.467  2.826   1.00 69.76  ? 86  THR A N   1 
ATOM   486  C CA  . THR A 1 86  ? 15.711  -6.936  1.443   1.00 69.73  ? 86  THR A CA  1 
ATOM   487  C C   . THR A 1 86  ? 14.505  -7.741  0.953   1.00 67.18  ? 86  THR A C   1 
ATOM   488  O O   . THR A 1 86  ? 14.234  -7.789  -0.250  1.00 66.87  ? 86  THR A O   1 
ATOM   489  C CB  . THR A 1 86  ? 17.022  -7.746  1.218   1.00 73.21  ? 86  THR A CB  1 
ATOM   490  O OG1 . THR A 1 86  ? 17.007  -8.949  2.000   1.00 74.03  ? 86  THR A OG1 1 
ATOM   491  C CG2 . THR A 1 86  ? 18.257  -6.918  1.565   1.00 75.47  ? 86  THR A CG2 1 
ATOM   492  N N   . LYS A 1 87  ? 13.758  -8.338  1.882   1.00 65.19  ? 87  LYS A N   1 
ATOM   493  C CA  . LYS A 1 87  ? 12.683  -9.239  1.490   1.00 63.23  ? 87  LYS A CA  1 
ATOM   494  C C   . LYS A 1 87  ? 11.437  -9.073  2.337   1.00 60.61  ? 87  LYS A C   1 
ATOM   495  O O   . LYS A 1 87  ? 11.511  -8.718  3.512   1.00 60.67  ? 87  LYS A O   1 
ATOM   496  C CB  . LYS A 1 87  ? 13.172  -10.689 1.545   1.00 65.37  ? 87  LYS A CB  1 
ATOM   497  C CG  . LYS A 1 87  ? 13.067  -11.414 0.198   1.00 66.98  ? 87  LYS A CG  1 
ATOM   498  C CD  . LYS A 1 87  ? 13.903  -12.701 0.151   0.50 68.86  ? 87  LYS A CD  1 
ATOM   499  C CE  . LYS A 1 87  ? 14.064  -13.232 -1.286  0.50 70.22  ? 87  LYS A CE  1 
ATOM   500  N NZ  . LYS A 1 87  ? 12.774  -13.534 -2.003  0.50 67.68  ? 87  LYS A NZ  1 
ATOM   501  N N   . SER A 1 88  ? 10.281  -9.314  1.729   1.00 58.94  ? 88  SER A N   1 
ATOM   502  C CA  . SER A 1 88  ? 9.024   -9.297  2.474   1.00 56.84  ? 88  SER A CA  1 
ATOM   503  C C   . SER A 1 88  ? 7.960   -10.225 1.900   1.00 56.11  ? 88  SER A C   1 
ATOM   504  O O   . SER A 1 88  ? 7.754   -10.299 0.687   1.00 55.51  ? 88  SER A O   1 
ATOM   505  C CB  . SER A 1 88  ? 8.479   -7.880  2.590   1.00 55.41  ? 88  SER A CB  1 
ATOM   506  O OG  . SER A 1 88  ? 7.414   -7.833  3.523   1.00 53.98  ? 88  SER A OG  1 
ATOM   507  N N   . THR A 1 89  ? 7.286   -10.921 2.806   1.00 56.15  ? 89  THR A N   1 
ATOM   508  C CA  . THR A 1 89  ? 6.225   -11.844 2.452   1.00 56.39  ? 89  THR A CA  1 
ATOM   509  C C   . THR A 1 89  ? 4.903   -11.342 3.026   1.00 54.95  ? 89  THR A C   1 
ATOM   510  O O   . THR A 1 89  ? 4.755   -11.198 4.243   1.00 54.54  ? 89  THR A O   1 
ATOM   511  C CB  . THR A 1 89  ? 6.559   -13.272 2.918   1.00 58.30  ? 89  THR A CB  1 
ATOM   512  O OG1 . THR A 1 89  ? 7.801   -13.690 2.315   1.00 60.85  ? 89  THR A OG1 1 
ATOM   513  C CG2 . THR A 1 89  ? 5.462   -14.237 2.511   1.00 58.53  ? 89  THR A CG2 1 
ATOM   514  N N   . GLU A 1 90  ? 3.967   -11.057 2.118   1.00 54.32  ? 90  GLU A N   1 
ATOM   515  C CA  . GLU A 1 90  ? 2.669   -10.458 2.435   1.00 53.06  ? 90  GLU A CA  1 
ATOM   516  C C   . GLU A 1 90  ? 1.528   -11.322 1.942   1.00 53.32  ? 90  GLU A C   1 
ATOM   517  O O   . GLU A 1 90  ? 1.699   -12.083 0.982   1.00 54.74  ? 90  GLU A O   1 
ATOM   518  C CB  . GLU A 1 90  ? 2.579   -9.095  1.780   1.00 51.94  ? 90  GLU A CB  1 
ATOM   519  C CG  . GLU A 1 90  ? 3.352   -8.062  2.534   1.00 53.60  ? 90  GLU A CG  1 
ATOM   520  C CD  . GLU A 1 90  ? 4.236   -7.202  1.670   1.00 54.88  ? 90  GLU A CD  1 
ATOM   521  O OE1 . GLU A 1 90  ? 3.770   -6.719  0.608   1.00 55.76  ? 90  GLU A OE1 1 
ATOM   522  O OE2 . GLU A 1 90  ? 5.406   -7.006  2.070   1.00 55.15  ? 90  GLU A OE2 1 
ATOM   523  N N   . VAL A 1 91  ? 0.371   -11.192 2.589   1.00 52.62  ? 91  VAL A N   1 
ATOM   524  C CA  . VAL A 1 91  ? -0.825  -11.971 2.250   1.00 53.47  ? 91  VAL A CA  1 
ATOM   525  C C   . VAL A 1 91  ? -2.038  -11.082 1.968   1.00 53.38  ? 91  VAL A C   1 
ATOM   526  O O   . VAL A 1 91  ? -2.317  -10.147 2.713   1.00 52.26  ? 91  VAL A O   1 
ATOM   527  C CB  . VAL A 1 91  ? -1.219  -12.953 3.388   1.00 54.29  ? 91  VAL A CB  1 
ATOM   528  C CG1 . VAL A 1 91  ? -2.419  -13.788 2.987   1.00 54.75  ? 91  VAL A CG1 1 
ATOM   529  C CG2 . VAL A 1 91  ? -0.062  -13.846 3.765   1.00 54.70  ? 91  VAL A CG2 1 
ATOM   530  N N   . LEU A 1 92  ? -2.778  -11.409 0.911   1.00 54.99  ? 92  LEU A N   1 
ATOM   531  C CA  . LEU A 1 92  ? -3.999  -10.682 0.578   1.00 55.45  ? 92  LEU A CA  1 
ATOM   532  C C   . LEU A 1 92  ? -5.127  -11.091 1.506   1.00 56.56  ? 92  LEU A C   1 
ATOM   533  O O   . LEU A 1 92  ? -5.555  -12.248 1.531   1.00 58.52  ? 92  LEU A O   1 
ATOM   534  C CB  . LEU A 1 92  ? -4.374  -10.867 -0.897  1.00 56.59  ? 92  LEU A CB  1 
ATOM   535  C CG  . LEU A 1 92  ? -5.525  -10.014 -1.474  1.00 57.77  ? 92  LEU A CG  1 
ATOM   536  C CD1 . LEU A 1 92  ? -5.477  -8.568  -1.007  1.00 56.43  ? 92  LEU A CD1 1 
ATOM   537  C CD2 . LEU A 1 92  ? -5.559  -10.067 -3.017  1.00 58.60  ? 92  LEU A CD2 1 
ATOM   538  N N   . GLU A 1 93  ? -5.599  -10.130 2.287   1.00 56.56  ? 93  GLU A N   1 
ATOM   539  C CA  . GLU A 1 93  ? -6.623  -10.398 3.294   1.00 58.03  ? 93  GLU A CA  1 
ATOM   540  C C   . GLU A 1 93  ? -7.998  -9.961  2.832   1.00 58.53  ? 93  GLU A C   1 
ATOM   541  O O   . GLU A 1 93  ? -8.961  -10.699 3.005   1.00 60.35  ? 93  GLU A O   1 
ATOM   542  C CB  . GLU A 1 93  ? -6.280  -9.719  4.620   1.00 57.98  ? 93  GLU A CB  1 
ATOM   543  C CG  . GLU A 1 93  ? -5.104  -10.327 5.393   1.00 59.17  ? 93  GLU A CG  1 
ATOM   544  C CD  . GLU A 1 93  ? -5.267  -10.187 6.921   1.00 64.18  ? 93  GLU A CD  1 
ATOM   545  O OE1 . GLU A 1 93  ? -5.909  -9.202  7.387   1.00 64.35  ? 93  GLU A OE1 1 
ATOM   546  O OE2 . GLU A 1 93  ? -4.761  -11.074 7.666   1.00 66.06  ? 93  GLU A OE2 1 
ATOM   547  N N   . ILE A 1 94  ? -8.080  -8.766  2.247   1.00 57.59  ? 94  ILE A N   1 
ATOM   548  C CA  . ILE A 1 94  ? -9.330  -8.242  1.665   1.00 58.39  ? 94  ILE A CA  1 
ATOM   549  C C   . ILE A 1 94  ? -9.098  -7.740  0.247   1.00 57.86  ? 94  ILE A C   1 
ATOM   550  O O   . ILE A 1 94  ? -8.100  -7.062  -0.024  1.00 56.19  ? 94  ILE A O   1 
ATOM   551  C CB  . ILE A 1 94  ? -9.901  -7.056  2.481   1.00 58.15  ? 94  ILE A CB  1 
ATOM   552  C CG1 . ILE A 1 94  ? -9.985  -7.396  3.977   1.00 59.52  ? 94  ILE A CG1 1 
ATOM   553  C CG2 . ILE A 1 94  ? -11.263 -6.662  1.969   1.00 59.56  ? 94  ILE A CG2 1 
ATOM   554  C CD1 . ILE A 1 94  ? -9.691  -6.183  4.904   1.00 59.46  ? 94  ILE A CD1 1 
ATOM   555  N N   . LEU A 1 95  ? -10.020 -8.079  -0.653  1.00 59.51  ? 95  LEU A N   1 
ATOM   556  C CA  . LEU A 1 95  ? -10.074 -7.455  -1.978  1.00 59.39  ? 95  LEU A CA  1 
ATOM   557  C C   . LEU A 1 95  ? -11.521 -7.218  -2.357  1.00 61.53  ? 95  LEU A C   1 
ATOM   558  O O   . LEU A 1 95  ? -12.233 -8.146  -2.744  1.00 63.52  ? 95  LEU A O   1 
ATOM   559  C CB  . LEU A 1 95  ? -9.383  -8.314  -3.033  1.00 59.97  ? 95  LEU A CB  1 
ATOM   560  C CG  . LEU A 1 95  ? -9.293  -7.804  -4.479  1.00 60.88  ? 95  LEU A CG  1 
ATOM   561  C CD1 . LEU A 1 95  ? -8.233  -6.748  -4.648  1.00 58.16  ? 95  LEU A CD1 1 
ATOM   562  C CD2 . LEU A 1 95  ? -9.008  -8.957  -5.421  1.00 63.17  ? 95  LEU A CD2 1 
ATOM   563  N N   . ASP A 1 96  ? -11.953 -5.970  -2.225  1.00 61.24  ? 96  ASP A N   1 
ATOM   564  C CA  . ASP A 1 96  ? -13.312 -5.599  -2.572  1.00 63.53  ? 96  ASP A CA  1 
ATOM   565  C C   . ASP A 1 96  ? -13.345 -4.734  -3.827  1.00 63.96  ? 96  ASP A C   1 
ATOM   566  O O   . ASP A 1 96  ? -13.165 -3.525  -3.767  1.00 63.02  ? 96  ASP A O   1 
ATOM   567  C CB  . ASP A 1 96  ? -13.987 -4.886  -1.407  1.00 63.64  ? 96  ASP A CB  1 
ATOM   568  C CG  . ASP A 1 96  ? -15.499 -4.975  -1.472  1.00 68.23  ? 96  ASP A CG  1 
ATOM   569  O OD1 . ASP A 1 96  ? -16.092 -5.414  -0.464  1.00 70.53  ? 96  ASP A OD1 1 
ATOM   570  O OD2 . ASP A 1 96  ? -16.096 -4.630  -2.527  1.00 70.77  ? 96  ASP A OD2 1 
ATOM   571  N N   . ASP A 1 97  ? -13.589 -5.371  -4.964  1.00 65.90  ? 97  ASP A N   1 
ATOM   572  C CA  . ASP A 1 97  ? -13.633 -4.684  -6.245  1.00 67.14  ? 97  ASP A CA  1 
ATOM   573  C C   . ASP A 1 97  ? -14.832 -3.749  -6.389  1.00 69.08  ? 97  ASP A C   1 
ATOM   574  O O   . ASP A 1 97  ? -14.809 -2.821  -7.196  1.00 69.70  ? 97  ASP A O   1 
ATOM   575  C CB  . ASP A 1 97  ? -13.647 -5.709  -7.368  1.00 69.42  ? 97  ASP A CB  1 
ATOM   576  C CG  . ASP A 1 97  ? -12.275 -6.247  -7.677  1.00 68.61  ? 97  ASP A CG  1 
ATOM   577  O OD1 . ASP A 1 97  ? -11.330 -5.436  -7.765  1.00 68.41  ? 97  ASP A OD1 1 
ATOM   578  O OD2 . ASP A 1 97  ? -12.140 -7.479  -7.844  1.00 71.19  ? 97  ASP A OD2 1 
ATOM   579  N N   . ASN A 1 98  ? -15.875 -4.009  -5.611  1.00 70.18  ? 98  ASN A N   1 
ATOM   580  C CA  . ASN A 1 98  ? -17.073 -3.191  -5.606  1.00 72.29  ? 98  ASN A CA  1 
ATOM   581  C C   . ASN A 1 98  ? -17.012 -2.020  -4.651  1.00 70.55  ? 98  ASN A C   1 
ATOM   582  O O   . ASN A 1 98  ? -17.711 -1.027  -4.838  1.00 71.98  ? 98  ASN A O   1 
ATOM   583  C CB  . ASN A 1 98  ? -18.265 -4.053  -5.260  1.00 75.08  ? 98  ASN A CB  1 
ATOM   584  C CG  . ASN A 1 98  ? -18.563 -5.048  -6.335  1.00 78.89  ? 98  ASN A CG  1 
ATOM   585  O OD1 . ASN A 1 98  ? -19.197 -4.720  -7.341  1.00 82.45  ? 98  ASN A OD1 1 
ATOM   586  N ND2 . ASN A 1 98  ? -18.089 -6.275  -6.150  1.00 79.98  ? 98  ASN A ND2 1 
ATOM   587  N N   . GLU A 1 99  ? -16.189 -2.136  -3.614  1.00 67.66  ? 99  GLU A N   1 
ATOM   588  C CA  . GLU A 1 99  ? -16.103 -1.065  -2.628  1.00 66.37  ? 99  GLU A CA  1 
ATOM   589  C C   . GLU A 1 99  ? -14.732 -0.414  -2.565  1.00 63.13  ? 99  GLU A C   1 
ATOM   590  O O   . GLU A 1 99  ? -14.550 0.558   -1.839  1.00 62.29  ? 99  GLU A O   1 
ATOM   591  C CB  . GLU A 1 99  ? -16.605 -1.522  -1.249  1.00 66.51  ? 99  GLU A CB  1 
ATOM   592  C CG  . GLU A 1 99  ? -18.018 -2.148  -1.241  1.00 70.76  ? 99  GLU A CG  1 
ATOM   593  C CD  . GLU A 1 99  ? -19.143 -1.175  -1.616  1.00 75.24  ? 99  GLU A CD  1 
ATOM   594  O OE1 . GLU A 1 99  ? -18.857 0.019   -1.875  1.00 75.84  ? 99  GLU A OE1 1 
ATOM   595  O OE2 . GLU A 1 99  ? -20.323 -1.607  -1.652  1.00 77.97  ? 99  GLU A OE2 1 
ATOM   596  N N   . HIS A 1 100 ? -13.792 -0.964  -3.339  1.00 61.93  ? 100 HIS A N   1 
ATOM   597  C CA  . HIS A 1 100 ? -12.420 -0.444  -3.530  1.00 60.04  ? 100 HIS A CA  1 
ATOM   598  C C   . HIS A 1 100 ? -11.505 -0.492  -2.288  1.00 57.99  ? 100 HIS A C   1 
ATOM   599  O O   . HIS A 1 100 ? -10.811 0.474   -1.960  1.00 56.91  ? 100 HIS A O   1 
ATOM   600  C CB  . HIS A 1 100 ? -12.440 0.947   -4.180  1.00 60.80  ? 100 HIS A CB  1 
ATOM   601  C CG  . HIS A 1 100 ? -13.464 1.080   -5.261  1.00 63.71  ? 100 HIS A CG  1 
ATOM   602  N ND1 . HIS A 1 100 ? -13.315 0.494   -6.502  1.00 63.95  ? 100 HIS A ND1 1 
ATOM   603  C CD2 . HIS A 1 100 ? -14.670 1.698   -5.277  1.00 65.64  ? 100 HIS A CD2 1 
ATOM   604  C CE1 . HIS A 1 100 ? -14.380 0.755   -7.239  1.00 66.42  ? 100 HIS A CE1 1 
ATOM   605  N NE2 . HIS A 1 100 ? -15.213 1.491   -6.522  1.00 67.30  ? 100 HIS A NE2 1 
ATOM   606  N N   . ILE A 1 101 ? -11.496 -1.647  -1.631  1.00 57.66  ? 101 ILE A N   1 
ATOM   607  C CA  . ILE A 1 101 ? -10.714 -1.862  -0.430  1.00 55.86  ? 101 ILE A CA  1 
ATOM   608  C C   . ILE A 1 101 ? -9.786  -3.036  -0.655  1.00 55.25  ? 101 ILE A C   1 
ATOM   609  O O   . ILE A 1 101 ? -10.223 -4.138  -1.020  1.00 56.56  ? 101 ILE A O   1 
ATOM   610  C CB  . ILE A 1 101 ? -11.622 -2.175  0.779   1.00 57.01  ? 101 ILE A CB  1 
ATOM   611  C CG1 . ILE A 1 101 ? -12.710 -1.103  0.924   1.00 57.23  ? 101 ILE A CG1 1 
ATOM   612  C CG2 . ILE A 1 101 ? -10.778 -2.339  2.076   1.00 55.26  ? 101 ILE A CG2 1 
ATOM   613  C CD1 . ILE A 1 101 ? -13.908 -1.554  1.709   1.00 57.45  ? 101 ILE A CD1 1 
ATOM   614  N N   . LEU A 1 102 ? -8.502  -2.787  -0.447  1.00 53.76  ? 102 LEU A N   1 
ATOM   615  C CA  . LEU A 1 102 ? -7.486  -3.815  -0.524  1.00 53.07  ? 102 LEU A CA  1 
ATOM   616  C C   . LEU A 1 102 ? -6.853  -3.872  0.851   1.00 52.27  ? 102 LEU A C   1 
ATOM   617  O O   . LEU A 1 102 ? -6.372  -2.856  1.359   1.00 52.33  ? 102 LEU A O   1 
ATOM   618  C CB  . LEU A 1 102 ? -6.441  -3.458  -1.585  1.00 52.55  ? 102 LEU A CB  1 
ATOM   619  C CG  . LEU A 1 102 ? -5.232  -4.401  -1.719  1.00 51.99  ? 102 LEU A CG  1 
ATOM   620  C CD1 . LEU A 1 102 ? -5.458  -5.416  -2.822  1.00 51.23  ? 102 LEU A CD1 1 
ATOM   621  C CD2 . LEU A 1 102 ? -3.949  -3.626  -1.975  1.00 49.61  ? 102 LEU A CD2 1 
ATOM   622  N N   . GLY A 1 103 ? -6.887  -5.045  1.472   1.00 52.47  ? 103 GLY A N   1 
ATOM   623  C CA  . GLY A 1 103 ? -6.290  -5.231  2.788   1.00 50.92  ? 103 GLY A CA  1 
ATOM   624  C C   . GLY A 1 103 ? -5.222  -6.292  2.700   1.00 50.28  ? 103 GLY A C   1 
ATOM   625  O O   . GLY A 1 103 ? -5.426  -7.329  2.078   1.00 50.78  ? 103 GLY A O   1 
ATOM   626  N N   . ILE A 1 104 ? -4.084  -6.021  3.330   1.00 49.30  ? 104 ILE A N   1 
ATOM   627  C CA  . ILE A 1 104 ? -2.914  -6.905  3.318   1.00 49.01  ? 104 ILE A CA  1 
ATOM   628  C C   . ILE A 1 104 ? -2.334  -7.055  4.717   1.00 48.87  ? 104 ILE A C   1 
ATOM   629  O O   . ILE A 1 104 ? -2.551  -6.207  5.582   1.00 48.26  ? 104 ILE A O   1 
ATOM   630  C CB  . ILE A 1 104 ? -1.755  -6.391  2.364   1.00 48.72  ? 104 ILE A CB  1 
ATOM   631  C CG1 . ILE A 1 104 ? -1.006  -5.194  2.992   1.00 47.73  ? 104 ILE A CG1 1 
ATOM   632  C CG2 . ILE A 1 104 ? -2.280  -6.087  0.961   1.00 48.61  ? 104 ILE A CG2 1 
ATOM   633  C CD1 . ILE A 1 104 ? 0.093   -4.600  2.136   1.00 49.75  ? 104 ILE A CD1 1 
ATOM   634  N N   . ARG A 1 105 ? -1.552  -8.113  4.897   1.00 49.70  ? 105 ARG A N   1 
ATOM   635  C CA  A ARG A 1 105 ? -0.910  -8.407  6.165   0.50 50.60  ? 105 ARG A CA  1 
ATOM   636  C CA  B ARG A 1 105 ? -0.919  -8.436  6.177   0.50 50.83  ? 105 ARG A CA  1 
ATOM   637  C C   . ARG A 1 105 ? 0.499   -8.931  5.885   1.00 51.44  ? 105 ARG A C   1 
ATOM   638  O O   . ARG A 1 105 ? 0.683   -9.859  5.095   1.00 52.09  ? 105 ARG A O   1 
ATOM   639  C CB  A ARG A 1 105 ? -1.771  -9.408  6.951   0.50 51.60  ? 105 ARG A CB  1 
ATOM   640  C CB  B ARG A 1 105 ? -1.757  -9.502  6.915   0.50 52.04  ? 105 ARG A CB  1 
ATOM   641  C CG  A ARG A 1 105 ? -1.084  -10.113 8.088   0.50 52.01  ? 105 ARG A CG  1 
ATOM   642  C CG  B ARG A 1 105 ? -1.190  -10.070 8.224   0.50 53.34  ? 105 ARG A CG  1 
ATOM   643  C CD  A ARG A 1 105 ? -2.087  -10.817 8.972   0.50 50.90  ? 105 ARG A CD  1 
ATOM   644  C CD  B ARG A 1 105 ? -1.238  -9.047  9.348   0.50 53.31  ? 105 ARG A CD  1 
ATOM   645  N NE  A ARG A 1 105 ? -1.388  -11.661 9.927   0.50 51.72  ? 105 ARG A NE  1 
ATOM   646  N NE  B ARG A 1 105 ? -1.528  -9.644  10.646  0.50 53.93  ? 105 ARG A NE  1 
ATOM   647  C CZ  A ARG A 1 105 ? -1.546  -12.977 10.012  0.50 51.89  ? 105 ARG A CZ  1 
ATOM   648  C CZ  B ARG A 1 105 ? -1.864  -8.952  11.729  0.50 54.29  ? 105 ARG A CZ  1 
ATOM   649  N NH1 A ARG A 1 105 ? -0.847  -13.657 10.905  0.50 52.42  ? 105 ARG A NH1 1 
ATOM   650  N NH1 B ARG A 1 105 ? -2.113  -9.588  12.868  0.50 56.69  ? 105 ARG A NH1 1 
ATOM   651  N NH2 A ARG A 1 105 ? -2.407  -13.607 9.212   0.50 51.67  ? 105 ARG A NH2 1 
ATOM   652  N NH2 B ARG A 1 105 ? -1.950  -7.628  11.681  0.50 52.57  ? 105 ARG A NH2 1 
ATOM   653  N N   . ILE A 1 106 ? 1.499   -8.296  6.497   1.00 52.32  ? 106 ILE A N   1 
ATOM   654  C CA  . ILE A 1 106 ? 2.911   -8.708  6.341   1.00 53.57  ? 106 ILE A CA  1 
ATOM   655  C C   . ILE A 1 106 ? 3.285   -9.812  7.348   1.00 55.28  ? 106 ILE A C   1 
ATOM   656  O O   . ILE A 1 106 ? 3.105   -9.665  8.562   1.00 55.63  ? 106 ILE A O   1 
ATOM   657  C CB  . ILE A 1 106 ? 3.892   -7.529  6.470   1.00 53.56  ? 106 ILE A CB  1 
ATOM   658  C CG1 . ILE A 1 106 ? 3.688   -6.511  5.343   1.00 53.34  ? 106 ILE A CG1 1 
ATOM   659  C CG2 . ILE A 1 106 ? 5.330   -8.015  6.440   1.00 55.33  ? 106 ILE A CG2 1 
ATOM   660  C CD1 . ILE A 1 106 ? 4.650   -5.303  5.406   1.00 53.44  ? 106 ILE A CD1 1 
ATOM   661  N N   . VAL A 1 107 ? 3.839   -10.901 6.824   1.00 56.55  ? 107 VAL A N   1 
ATOM   662  C CA  . VAL A 1 107 ? 3.992   -12.137 7.578   1.00 58.36  ? 107 VAL A CA  1 
ATOM   663  C C   . VAL A 1 107 ? 5.436   -12.649 7.733   1.00 60.25  ? 107 VAL A C   1 
ATOM   664  O O   . VAL A 1 107 ? 5.705   -13.457 8.629   1.00 62.15  ? 107 VAL A O   1 
ATOM   665  C CB  . VAL A 1 107 ? 3.070   -13.245 6.998   1.00 58.99  ? 107 VAL A CB  1 
ATOM   666  C CG1 . VAL A 1 107 ? 1.600   -12.818 7.090   1.00 57.20  ? 107 VAL A CG1 1 
ATOM   667  C CG2 . VAL A 1 107 ? 3.445   -13.577 5.552   1.00 58.68  ? 107 VAL A CG2 1 
ATOM   668  N N   . GLY A 1 108 ? 6.348   -12.173 6.879   1.00 60.29  ? 108 GLY A N   1 
ATOM   669  C CA  . GLY A 1 108 ? 7.776   -12.526 6.952   1.00 62.42  ? 108 GLY A CA  1 
ATOM   670  C C   . GLY A 1 108 ? 8.695   -11.491 6.308   1.00 62.45  ? 108 GLY A C   1 
ATOM   671  O O   . GLY A 1 108 ? 8.218   -10.531 5.697   1.00 60.46  ? 108 GLY A O   1 
ATOM   672  N N   . GLY A 1 109 ? 10.011  -11.684 6.459   1.00 64.87  ? 109 GLY A N   1 
ATOM   673  C CA  . GLY A 1 109 ? 11.022  -10.817 5.831   1.00 65.86  ? 109 GLY A CA  1 
ATOM   674  C C   . GLY A 1 109 ? 12.143  -10.255 6.713   1.00 68.26  ? 109 GLY A C   1 
ATOM   675  O O   . GLY A 1 109 ? 12.153  -10.466 7.923   1.00 68.96  ? 109 GLY A O   1 
ATOM   676  N N   . ASP A 1 110 ? 13.075  -9.530  6.075   1.00 69.48  ? 110 ASP A N   1 
ATOM   677  C CA  . ASP A 1 110 ? 14.252  -8.869  6.694   1.00 71.95  ? 110 ASP A CA  1 
ATOM   678  C C   . ASP A 1 110 ? 13.973  -7.717  7.668   1.00 71.30  ? 110 ASP A C   1 
ATOM   679  O O   . ASP A 1 110 ? 14.863  -7.291  8.408   1.00 73.77  ? 110 ASP A O   1 
ATOM   680  C CB  . ASP A 1 110 ? 15.098  -8.228  5.595   1.00 73.14  ? 110 ASP A CB  1 
ATOM   681  C CG  . ASP A 1 110 ? 15.945  -9.208  4.854   1.00 75.85  ? 110 ASP A CG  1 
ATOM   682  O OD1 . ASP A 1 110 ? 16.946  -9.690  5.423   1.00 79.86  ? 110 ASP A OD1 1 
ATOM   683  O OD2 . ASP A 1 110 ? 15.628  -9.460  3.676   1.00 75.81  ? 110 ASP A OD2 1 
ATOM   684  N N   . HIS A 1 111 ? 12.768  -7.172  7.630   1.00 68.32  ? 111 HIS A N   1 
ATOM   685  C CA  . HIS A 1 111 ? 12.474  -5.924  8.322   1.00 67.51  ? 111 HIS A CA  1 
ATOM   686  C C   . HIS A 1 111 ? 12.122  -6.151  9.782   1.00 68.23  ? 111 HIS A C   1 
ATOM   687  O O   . HIS A 1 111 ? 12.083  -7.285  10.250  1.00 68.94  ? 111 HIS A O   1 
ATOM   688  C CB  . HIS A 1 111 ? 11.303  -5.259  7.634   1.00 64.59  ? 111 HIS A CB  1 
ATOM   689  C CG  . HIS A 1 111 ? 10.123  -6.160  7.502   1.00 61.46  ? 111 HIS A CG  1 
ATOM   690  N ND1 . HIS A 1 111 ? 10.024  -7.111  6.511   1.00 60.47  ? 111 HIS A ND1 1 
ATOM   691  C CD2 . HIS A 1 111 ? 9.017   -6.295  8.264   1.00 59.18  ? 111 HIS A CD2 1 
ATOM   692  C CE1 . HIS A 1 111 ? 8.890   -7.771  6.649   1.00 58.04  ? 111 HIS A CE1 1 
ATOM   693  N NE2 . HIS A 1 111 ? 8.262   -7.294  7.705   1.00 58.05  ? 111 HIS A NE2 1 
ATOM   694  N N   . ARG A 1 112 ? 11.848  -5.057  10.487  1.00 68.24  ? 112 ARG A N   1 
ATOM   695  C CA  . ARG A 1 112 ? 11.510  -5.116  11.901  1.00 69.55  ? 112 ARG A CA  1 
ATOM   696  C C   . ARG A 1 112 ? 10.002  -4.900  12.199  1.00 66.94  ? 112 ARG A C   1 
ATOM   697  O O   . ARG A 1 112 ? 9.601   -4.795  13.372  1.00 68.10  ? 112 ARG A O   1 
ATOM   698  C CB  . ARG A 1 112 ? 12.422  -4.159  12.692  1.00 72.56  ? 112 ARG A CB  1 
ATOM   699  C CG  . ARG A 1 112 ? 13.877  -4.674  12.781  1.00 78.11  ? 112 ARG A CG  1 
ATOM   700  C CD  . ARG A 1 112 ? 14.803  -3.834  13.670  1.00 83.98  ? 112 ARG A CD  1 
ATOM   701  N NE  . ARG A 1 112 ? 16.053  -4.570  13.943  1.00 90.10  ? 112 ARG A NE  1 
ATOM   702  C CZ  . ARG A 1 112 ? 16.987  -4.224  14.843  1.00 96.11  ? 112 ARG A CZ  1 
ATOM   703  N NH1 . ARG A 1 112 ? 18.085  -4.978  14.999  1.00 99.03  ? 112 ARG A NH1 1 
ATOM   704  N NH2 . ARG A 1 112 ? 16.841  -3.131  15.597  1.00 97.67  ? 112 ARG A NH2 1 
ATOM   705  N N   . LEU A 1 113 ? 9.179   -4.854  11.143  1.00 63.22  ? 113 LEU A N   1 
ATOM   706  C CA  . LEU A 1 113 ? 7.716   -4.769  11.291  1.00 60.38  ? 113 LEU A CA  1 
ATOM   707  C C   . LEU A 1 113 ? 7.088   -6.133  11.616  1.00 60.22  ? 113 LEU A C   1 
ATOM   708  O O   . LEU A 1 113 ? 7.135   -7.068  10.811  1.00 59.39  ? 113 LEU A O   1 
ATOM   709  C CB  . LEU A 1 113 ? 7.045   -4.174  10.038  1.00 57.69  ? 113 LEU A CB  1 
ATOM   710  C CG  . LEU A 1 113 ? 7.540   -2.888  9.365   1.00 56.16  ? 113 LEU A CG  1 
ATOM   711  C CD1 . LEU A 1 113 ? 6.568   -2.466  8.296   1.00 51.92  ? 113 LEU A CD1 1 
ATOM   712  C CD2 . LEU A 1 113 ? 7.721   -1.762  10.358  1.00 57.11  ? 113 LEU A CD2 1 
ATOM   713  N N   . LYS A 1 114 ? 6.495   -6.230  12.803  1.00 60.97  ? 114 LYS A N   1 
ATOM   714  C CA  . LYS A 1 114 ? 5.815   -7.440  13.243  1.00 61.02  ? 114 LYS A CA  1 
ATOM   715  C C   . LYS A 1 114 ? 4.295   -7.230  13.359  1.00 59.90  ? 114 LYS A C   1 
ATOM   716  O O   . LYS A 1 114 ? 3.853   -6.240  13.933  1.00 60.31  ? 114 LYS A O   1 
ATOM   717  C CB  . LYS A 1 114 ? 6.405   -7.889  14.571  1.00 63.57  ? 114 LYS A CB  1 
ATOM   718  C CG  . LYS A 1 114 ? 7.433   -8.990  14.457  1.00 65.22  ? 114 LYS A CG  1 
ATOM   719  C CD  . LYS A 1 114 ? 8.724   -8.568  13.796  0.10 65.18  ? 114 LYS A CD  1 
ATOM   720  C CE  . LYS A 1 114 ? 9.478   -9.795  13.338  0.33 65.86  ? 114 LYS A CE  1 
ATOM   721  N NZ  . LYS A 1 114 ? 10.895  -9.491  13.092  0.84 67.39  ? 114 LYS A NZ  1 
ATOM   722  N N   . ASN A 1 115 ? 3.511   -8.164  12.808  1.00 58.88  ? 115 ASN A N   1 
ATOM   723  C CA  . ASN A 1 115 ? 2.035   -8.118  12.828  1.00 58.23  ? 115 ASN A CA  1 
ATOM   724  C C   . ASN A 1 115 ? 1.469   -6.865  12.184  1.00 56.69  ? 115 ASN A C   1 
ATOM   725  O O   . ASN A 1 115 ? 0.421   -6.332  12.591  1.00 57.02  ? 115 ASN A O   1 
ATOM   726  C CB  . ASN A 1 115 ? 1.468   -8.312  14.237  1.00 60.03  ? 115 ASN A CB  1 
ATOM   727  C CG  . ASN A 1 115 ? 1.843   -9.660  14.827  1.00 62.98  ? 115 ASN A CG  1 
ATOM   728  O OD1 . ASN A 1 115 ? 1.494   -10.711 14.273  1.00 62.52  ? 115 ASN A OD1 1 
ATOM   729  N ND2 . ASN A 1 115 ? 2.572   -9.639  15.950  1.00 63.89  ? 115 ASN A ND2 1 
ATOM   730  N N   . TYR A 1 116 ? 2.183   -6.414  11.165  1.00 55.31  ? 116 TYR A N   1 
ATOM   731  C CA  . TYR A 1 116 ? 1.748   -5.320  10.353  1.00 53.90  ? 116 TYR A CA  1 
ATOM   732  C C   . TYR A 1 116 ? 0.569   -5.779  9.530   1.00 52.75  ? 116 TYR A C   1 
ATOM   733  O O   . TYR A 1 116 ? 0.605   -6.840  8.909   1.00 52.71  ? 116 TYR A O   1 
ATOM   734  C CB  . TYR A 1 116 ? 2.879   -4.882  9.417   1.00 53.49  ? 116 TYR A CB  1 
ATOM   735  C CG  . TYR A 1 116 ? 2.499   -3.752  8.481   1.00 53.29  ? 116 TYR A CG  1 
ATOM   736  C CD1 . TYR A 1 116 ? 2.852   -2.441  8.777   1.00 54.16  ? 116 TYR A CD1 1 
ATOM   737  C CD2 . TYR A 1 116 ? 1.762   -3.994  7.304   1.00 52.84  ? 116 TYR A CD2 1 
ATOM   738  C CE1 . TYR A 1 116 ? 2.504   -1.396  7.933   1.00 54.79  ? 116 TYR A CE1 1 
ATOM   739  C CE2 . TYR A 1 116 ? 1.398   -2.955  6.460   1.00 51.81  ? 116 TYR A CE2 1 
ATOM   740  C CZ  . TYR A 1 116 ? 1.785   -1.660  6.779   1.00 54.09  ? 116 TYR A CZ  1 
ATOM   741  O OH  . TYR A 1 116 ? 1.456   -0.608  5.956   1.00 55.60  ? 116 TYR A OH  1 
ATOM   742  N N   . SER A 1 117 ? -0.475  -4.967  9.514   1.00 52.35  ? 117 SER A N   1 
ATOM   743  C CA  . SER A 1 117 ? -1.533  -5.124  8.527   1.00 51.73  ? 117 SER A CA  1 
ATOM   744  C C   . SER A 1 117 ? -2.008  -3.734  8.113   1.00 51.16  ? 117 SER A C   1 
ATOM   745  O O   . SER A 1 117 ? -1.985  -2.808  8.915   1.00 51.88  ? 117 SER A O   1 
ATOM   746  C CB  . SER A 1 117 ? -2.693  -5.959  9.079   1.00 52.21  ? 117 SER A CB  1 
ATOM   747  O OG  . SER A 1 117 ? -3.384  -5.232  10.067  1.00 52.83  ? 117 SER A OG  1 
ATOM   748  N N   . SER A 1 118 ? -2.432  -3.593  6.864   1.00 50.31  ? 118 SER A N   1 
ATOM   749  C CA  . SER A 1 118 ? -2.916  -2.314  6.376   1.00 50.47  ? 118 SER A CA  1 
ATOM   750  C C   . SER A 1 118 ? -4.072  -2.525  5.444   1.00 50.91  ? 118 SER A C   1 
ATOM   751  O O   . SER A 1 118 ? -4.231  -3.587  4.860   1.00 51.62  ? 118 SER A O   1 
ATOM   752  C CB  . SER A 1 118 ? -1.830  -1.575  5.621   1.00 49.88  ? 118 SER A CB  1 
ATOM   753  O OG  . SER A 1 118 ? -1.490  -2.304  4.466   1.00 49.33  ? 118 SER A OG  1 
ATOM   754  N N   . THR A 1 119 ? -4.885  -1.494  5.317   1.00 51.67  ? 119 THR A N   1 
ATOM   755  C CA  . THR A 1 119 ? -6.012  -1.500  4.402   1.00 51.87  ? 119 THR A CA  1 
ATOM   756  C C   . THR A 1 119 ? -6.006  -0.159  3.676   1.00 50.99  ? 119 THR A C   1 
ATOM   757  O O   . THR A 1 119 ? -5.962  0.899   4.300   1.00 51.10  ? 119 THR A O   1 
ATOM   758  C CB  . THR A 1 119 ? -7.352  -1.813  5.146   1.00 53.11  ? 119 THR A CB  1 
ATOM   759  O OG1 . THR A 1 119 ? -8.403  -2.017  4.195   1.00 55.33  ? 119 THR A OG1 1 
ATOM   760  C CG2 . THR A 1 119 ? -7.770  -0.681  6.058   1.00 55.00  ? 119 THR A CG2 1 
ATOM   761  N N   . ILE A 1 120 ? -5.965  -0.213  2.354   1.00 50.52  ? 120 ILE A N   1 
ATOM   762  C CA  . ILE A 1 120 ? -6.126  0.986   1.540   1.00 50.75  ? 120 ILE A CA  1 
ATOM   763  C C   . ILE A 1 120 ? -7.513  0.950   0.926   1.00 51.71  ? 120 ILE A C   1 
ATOM   764  O O   . ILE A 1 120 ? -7.925  -0.051  0.371   1.00 51.89  ? 120 ILE A O   1 
ATOM   765  C CB  . ILE A 1 120 ? -5.014  1.129   0.458   1.00 50.40  ? 120 ILE A CB  1 
ATOM   766  C CG1 . ILE A 1 120 ? -5.328  2.297   -0.488  1.00 51.80  ? 120 ILE A CG1 1 
ATOM   767  C CG2 . ILE A 1 120 ? -4.829  -0.184  -0.316  1.00 50.25  ? 120 ILE A CG2 1 
ATOM   768  C CD1 . ILE A 1 120 ? -4.130  2.876   -1.220  1.00 51.01  ? 120 ILE A CD1 1 
ATOM   769  N N   . SER A 1 121 ? -8.243  2.042   1.069   1.00 53.11  ? 121 SER A N   1 
ATOM   770  C CA  . SER A 1 121 ? -9.577  2.197   0.486   1.00 54.84  ? 121 SER A CA  1 
ATOM   771  C C   . SER A 1 121 ? -9.611  3.440   -0.399  1.00 55.81  ? 121 SER A C   1 
ATOM   772  O O   . SER A 1 121 ? -8.828  4.369   -0.192  1.00 55.49  ? 121 SER A O   1 
ATOM   773  C CB  . SER A 1 121 ? -10.630 2.306   1.586   1.00 55.55  ? 121 SER A CB  1 
ATOM   774  O OG  . SER A 1 121 ? -10.196 3.201   2.595   1.00 56.18  ? 121 SER A OG  1 
ATOM   775  N N   . LEU A 1 122 ? -10.508 3.447   -1.385  1.00 57.74  ? 122 LEU A N   1 
ATOM   776  C CA  . LEU A 1 122 ? -10.632 4.564   -2.330  1.00 59.37  ? 122 LEU A CA  1 
ATOM   777  C C   . LEU A 1 122 ? -12.047 5.114   -2.323  1.00 62.38  ? 122 LEU A C   1 
ATOM   778  O O   . LEU A 1 122 ? -13.013 4.383   -2.104  1.00 64.06  ? 122 LEU A O   1 
ATOM   779  C CB  . LEU A 1 122 ? -10.262 4.118   -3.743  1.00 59.54  ? 122 LEU A CB  1 
ATOM   780  C CG  . LEU A 1 122 ? -8.818  4.087   -4.269  1.00 57.38  ? 122 LEU A CG  1 
ATOM   781  C CD1 . LEU A 1 122 ? -7.785  3.634   -3.280  1.00 55.75  ? 122 LEU A CD1 1 
ATOM   782  C CD2 . LEU A 1 122 ? -8.760  3.191   -5.471  1.00 57.52  ? 122 LEU A CD2 1 
ATOM   783  N N   . HIS A 1 123 ? -12.176 6.414   -2.542  1.00 64.14  ? 123 HIS A N   1 
ATOM   784  C CA  . HIS A 1 123 ? -13.476 7.070   -2.467  1.00 66.53  ? 123 HIS A CA  1 
ATOM   785  C C   . HIS A 1 123 ? -13.537 8.161   -3.517  1.00 68.73  ? 123 HIS A C   1 
ATOM   786  O O   . HIS A 1 123 ? -12.544 8.865   -3.738  1.00 67.43  ? 123 HIS A O   1 
ATOM   787  C CB  . HIS A 1 123 ? -13.683 7.667   -1.078  1.00 66.54  ? 123 HIS A CB  1 
ATOM   788  C CG  . HIS A 1 123 ? -13.516 6.680   0.032   1.00 64.99  ? 123 HIS A CG  1 
ATOM   789  N ND1 . HIS A 1 123 ? -14.584 6.069   0.654   1.00 66.51  ? 123 HIS A ND1 1 
ATOM   790  C CD2 . HIS A 1 123 ? -12.403 6.182   0.620   1.00 62.87  ? 123 HIS A CD2 1 
ATOM   791  C CE1 . HIS A 1 123 ? -14.137 5.238   1.579   1.00 64.28  ? 123 HIS A CE1 1 
ATOM   792  N NE2 . HIS A 1 123 ? -12.817 5.289   1.579   1.00 62.95  ? 123 HIS A NE2 1 
ATOM   793  N N   . SER A 1 124 ? -14.695 8.274   -4.168  1.00 71.91  ? 124 SER A N   1 
ATOM   794  C CA  . SER A 1 124 ? -14.956 9.337   -5.135  1.00 75.50  ? 124 SER A CA  1 
ATOM   795  C C   . SER A 1 124 ? -14.996 10.690  -4.444  1.00 76.86  ? 124 SER A C   1 
ATOM   796  O O   . SER A 1 124 ? -15.624 10.839  -3.400  1.00 77.43  ? 124 SER A O   1 
ATOM   797  C CB  . SER A 1 124 ? -16.298 9.124   -5.853  1.00 78.76  ? 124 SER A CB  1 
ATOM   798  O OG  . SER A 1 124 ? -16.207 8.135   -6.884  1.00 79.85  ? 124 SER A OG  1 
ATOM   799  N N   . GLU A 1 125 ? -14.311 11.670  -5.018  1.00 78.23  ? 125 GLU A N   1 
ATOM   800  C CA  . GLU A 1 125 ? -14.481 13.060  -4.600  1.00 80.70  ? 125 GLU A CA  1 
ATOM   801  C C   . GLU A 1 125 ? -14.275 13.991  -5.792  1.00 83.09  ? 125 GLU A C   1 
ATOM   802  O O   . GLU A 1 125 ? -13.289 13.883  -6.532  1.00 82.54  ? 125 GLU A O   1 
ATOM   803  C CB  . GLU A 1 125 ? -13.553 13.434  -3.435  1.00 78.83  ? 125 GLU A CB  1 
ATOM   804  C CG  . GLU A 1 125 ? -12.087 13.610  -3.822  1.00 78.49  ? 125 GLU A CG  1 
ATOM   805  C CD  . GLU A 1 125 ? -11.248 14.178  -2.693  1.00 79.34  ? 125 GLU A CD  1 
ATOM   806  O OE1 . GLU A 1 125 ? -11.773 14.296  -1.560  1.00 80.18  ? 125 GLU A OE1 1 
ATOM   807  O OE2 . GLU A 1 125 ? -10.063 14.512  -2.947  1.00 78.48  ? 125 GLU A OE2 1 
ATOM   808  N N   . THR A 1 126 ? -15.229 14.888  -5.978  1.00 86.41  ? 126 THR A N   1 
ATOM   809  C CA  . THR A 1 126 ? -15.132 15.920  -6.989  1.00 89.18  ? 126 THR A CA  1 
ATOM   810  C C   . THR A 1 126 ? -14.733 17.186  -6.245  1.00 90.10  ? 126 THR A C   1 
ATOM   811  O O   . THR A 1 126 ? -15.436 17.593  -5.320  1.00 91.11  ? 126 THR A O   1 
ATOM   812  C CB  . THR A 1 126 ? -16.500 16.121  -7.695  1.00 92.99  ? 126 THR A CB  1 
ATOM   813  O OG1 . THR A 1 126 ? -17.526 16.229  -6.705  1.00 93.29  ? 126 THR A OG1 1 
ATOM   814  C CG2 . THR A 1 126 ? -16.842 14.933  -8.593  1.00 92.72  ? 126 THR A CG2 1 
ATOM   815  N N   . ILE A 1 127 ? -13.606 17.801  -6.605  1.00 90.14  ? 127 ILE A N   1 
ATOM   816  C CA  . ILE A 1 127 ? -13.203 19.051  -5.927  1.00 91.64  ? 127 ILE A CA  1 
ATOM   817  C C   . ILE A 1 127 ? -13.511 20.368  -6.658  1.00 95.81  ? 127 ILE A C   1 
ATOM   818  O O   . ILE A 1 127 ? -14.007 21.313  -6.033  1.00 98.11  ? 127 ILE A O   1 
ATOM   819  C CB  . ILE A 1 127 ? -11.730 19.067  -5.429  1.00 89.19  ? 127 ILE A CB  1 
ATOM   820  C CG1 . ILE A 1 127 ? -10.749 19.179  -6.604  1.00 90.29  ? 127 ILE A CG1 1 
ATOM   821  C CG2 . ILE A 1 127 ? -11.453 17.854  -4.526  1.00 85.16  ? 127 ILE A CG2 1 
ATOM   822  C CD1 . ILE A 1 127 ? -9.595  20.151  -6.362  1.00 92.32  ? 127 ILE A CD1 1 
ATOM   823  N N   . ASP A 1 128 ? -13.205 20.438  -7.948  1.00 97.20  ? 128 ASP A N   1 
ATOM   824  C CA  . ASP A 1 128 ? -13.485 21.641  -8.719  1.00 101.89 ? 128 ASP A CA  1 
ATOM   825  C C   . ASP A 1 128 ? -14.116 21.290  -10.053 1.00 104.13 ? 128 ASP A C   1 
ATOM   826  O O   . ASP A 1 128 ? -13.504 21.477  -11.105 1.00 105.64 ? 128 ASP A O   1 
ATOM   827  C CB  . ASP A 1 128 ? -12.226 22.481  -8.946  1.00 102.47 ? 128 ASP A CB  1 
ATOM   828  C CG  . ASP A 1 128 ? -11.887 23.354  -7.754  1.00 102.90 ? 128 ASP A CG  1 
ATOM   829  O OD1 . ASP A 1 128 ? -12.778 24.092  -7.283  1.00 104.54 ? 128 ASP A OD1 1 
ATOM   830  O OD2 . ASP A 1 128 ? -10.729 23.304  -7.288  1.00 101.62 ? 128 ASP A OD2 1 
ATOM   831  N N   . GLY A 1 129 ? -15.336 20.768  -10.005 1.00 104.75 ? 129 GLY A N   1 
ATOM   832  C CA  . GLY A 1 129 ? -15.969 20.252  -11.187 1.00 106.27 ? 129 GLY A CA  1 
ATOM   833  C C   . GLY A 1 129 ? -14.927 19.310  -11.772 1.00 102.83 ? 129 GLY A C   1 
ATOM   834  O O   . GLY A 1 129 ? -14.912 19.026  -12.970 1.00 104.05 ? 129 GLY A O   1 
ATOM   835  N N   . LYS A 1 130 ? -14.046 18.831  -10.897 1.00 99.15  ? 130 LYS A N   1 
ATOM   836  C CA  . LYS A 1 130 ? -12.958 17.963  -11.295 1.00 96.05  ? 130 LYS A CA  1 
ATOM   837  C C   . LYS A 1 130 ? -13.153 16.689  -10.503 1.00 91.98  ? 130 LYS A C   1 
ATOM   838  O O   . LYS A 1 130 ? -13.004 16.683  -9.281  1.00 89.77  ? 130 LYS A O   1 
ATOM   839  C CB  . LYS A 1 130 ? -11.555 18.552  -11.077 1.00 95.00  ? 130 LYS A CB  1 
ATOM   840  C CG  . LYS A 1 130 ? -10.598 18.338  -12.238 1.00 95.45  ? 130 LYS A CG  1 
ATOM   841  C CD  . LYS A 1 130 ? -10.931 19.280  -13.401 1.00 100.48 ? 130 LYS A CD  1 
ATOM   842  C CE  . LYS A 1 130 ? -10.167 18.879  -14.657 1.00 101.26 ? 130 LYS A CE  1 
ATOM   843  N NZ  . LYS A 1 130 ? -10.234 19.934  -15.694 1.00 104.93 ? 130 LYS A NZ  1 
ATOM   844  N N   . THR A 1 131 ? -13.515 15.626  -11.209 1.00 91.41  ? 131 THR A N   1 
ATOM   845  C CA  . THR A 1 131 ? -13.724 14.318  -10.608 1.00 88.15  ? 131 THR A CA  1 
ATOM   846  C C   . THR A 1 131 ? -12.380 13.634  -10.271 1.00 83.89  ? 131 THR A C   1 
ATOM   847  O O   . THR A 1 131 ? -11.496 13.506  -11.131 1.00 83.85  ? 131 THR A O   1 
ATOM   848  C CB  . THR A 1 131 ? -14.638 13.447  -11.512 1.00 90.21  ? 131 THR A CB  1 
ATOM   849  O OG1 . THR A 1 131 ? -14.819 12.141  -10.938 1.00 87.14  ? 131 THR A OG1 1 
ATOM   850  C CG2 . THR A 1 131 ? -14.084 13.349  -12.949 1.00 92.83  ? 131 THR A CG2 1 
ATOM   851  N N   . GLY A 1 132 ? -12.228 13.232  -9.007  1.00 80.54  ? 132 GLY A N   1 
ATOM   852  C CA  . GLY A 1 132 ? -10.990 12.622  -8.518  1.00 76.69  ? 132 GLY A CA  1 
ATOM   853  C C   . GLY A 1 132 ? -11.210 11.462  -7.558  1.00 73.80  ? 132 GLY A C   1 
ATOM   854  O O   . GLY A 1 132 ? -12.337 10.985  -7.383  1.00 74.50  ? 132 GLY A O   1 
ATOM   855  N N   . THR A 1 133 ? -10.118 11.013  -6.941  1.00 70.52  ? 133 THR A N   1 
ATOM   856  C CA  . THR A 1 133 ? -10.136 9.918   -5.979  1.00 67.61  ? 133 THR A CA  1 
ATOM   857  C C   . THR A 1 133 ? -9.446  10.328  -4.681  1.00 65.76  ? 133 THR A C   1 
ATOM   858  O O   . THR A 1 133 ? -8.475  11.080  -4.693  1.00 65.71  ? 133 THR A O   1 
ATOM   859  C CB  . THR A 1 133 ? -9.414  8.674   -6.529  1.00 66.01  ? 133 THR A CB  1 
ATOM   860  O OG1 . THR A 1 133 ? -9.926  8.362   -7.821  1.00 68.19  ? 133 THR A OG1 1 
ATOM   861  C CG2 . THR A 1 133 ? -9.615  7.473   -5.616  1.00 63.56  ? 133 THR A CG2 1 
ATOM   862  N N   . LEU A 1 134 ? -9.963  9.818   -3.567  1.00 64.64  ? 134 LEU A N   1 
ATOM   863  C CA  . LEU A 1 134 ? -9.327  9.968   -2.274  1.00 62.75  ? 134 LEU A CA  1 
ATOM   864  C C   . LEU A 1 134 ? -8.875  8.606   -1.798  1.00 60.25  ? 134 LEU A C   1 
ATOM   865  O O   . LEU A 1 134 ? -9.670  7.670   -1.707  1.00 59.81  ? 134 LEU A O   1 
ATOM   866  C CB  . LEU A 1 134 ? -10.287 10.591  -1.272  1.00 64.12  ? 134 LEU A CB  1 
ATOM   867  C CG  . LEU A 1 134 ? -9.864  10.675  0.194   1.00 62.98  ? 134 LEU A CG  1 
ATOM   868  C CD1 . LEU A 1 134 ? -8.511  11.344  0.358   1.00 61.48  ? 134 LEU A CD1 1 
ATOM   869  C CD2 . LEU A 1 134 ? -10.948 11.424  0.981   1.00 66.39  ? 134 LEU A CD2 1 
ATOM   870  N N   . ALA A 1 135 ? -7.583  8.502   -1.516  1.00 58.73  ? 135 ALA A N   1 
ATOM   871  C CA  . ALA A 1 135 ? -7.006  7.255   -1.074  1.00 56.82  ? 135 ALA A CA  1 
ATOM   872  C C   . ALA A 1 135 ? -6.749  7.352   0.402   1.00 56.37  ? 135 ALA A C   1 
ATOM   873  O O   . ALA A 1 135 ? -6.150  8.316   0.869   1.00 57.00  ? 135 ALA A O   1 
ATOM   874  C CB  . ALA A 1 135 ? -5.726  6.972   -1.817  1.00 56.54  ? 135 ALA A CB  1 
ATOM   875  N N   . ILE A 1 136 ? -7.231  6.360   1.141   1.00 56.03  ? 136 ILE A N   1 
ATOM   876  C CA  . ILE A 1 136 ? -7.055  6.317   2.583   1.00 55.92  ? 136 ILE A CA  1 
ATOM   877  C C   . ILE A 1 136 ? -6.389  5.010   2.948   1.00 54.77  ? 136 ILE A C   1 
ATOM   878  O O   . ILE A 1 136 ? -6.855  3.934   2.582   1.00 54.80  ? 136 ILE A O   1 
ATOM   879  C CB  . ILE A 1 136 ? -8.387  6.456   3.322   1.00 57.03  ? 136 ILE A CB  1 
ATOM   880  C CG1 . ILE A 1 136 ? -9.067  7.776   2.928   1.00 58.68  ? 136 ILE A CG1 1 
ATOM   881  C CG2 . ILE A 1 136 ? -8.158  6.385   4.810   1.00 57.03  ? 136 ILE A CG2 1 
ATOM   882  C CD1 . ILE A 1 136 ? -10.567 7.791   3.097   1.00 58.56  ? 136 ILE A CD1 1 
ATOM   883  N N   . GLU A 1 137 ? -5.278  5.104   3.656   1.00 54.52  ? 137 GLU A N   1 
ATOM   884  C CA  . GLU A 1 137 ? -4.556  3.913   4.034   1.00 53.69  ? 137 GLU A CA  1 
ATOM   885  C C   . GLU A 1 137 ? -4.296  3.929   5.524   1.00 53.89  ? 137 GLU A C   1 
ATOM   886  O O   . GLU A 1 137 ? -3.663  4.853   6.034   1.00 54.85  ? 137 GLU A O   1 
ATOM   887  C CB  . GLU A 1 137 ? -3.241  3.822   3.261   1.00 53.09  ? 137 GLU A CB  1 
ATOM   888  C CG  . GLU A 1 137 ? -2.400  2.639   3.664   1.00 53.59  ? 137 GLU A CG  1 
ATOM   889  C CD  . GLU A 1 137 ? -1.583  2.082   2.526   1.00 55.30  ? 137 GLU A CD  1 
ATOM   890  O OE1 . GLU A 1 137 ? -1.879  2.431   1.355   1.00 57.26  ? 137 GLU A OE1 1 
ATOM   891  O OE2 . GLU A 1 137 ? -0.654  1.283   2.802   1.00 55.02  ? 137 GLU A OE2 1 
ATOM   892  N N   . SER A 1 138 ? -4.803  2.907   6.207   1.00 53.45  ? 138 SER A N   1 
ATOM   893  C CA  . SER A 1 138 ? -4.587  2.715   7.635   1.00 53.34  ? 138 SER A CA  1 
ATOM   894  C C   . SER A 1 138 ? -3.765  1.460   7.862   1.00 51.97  ? 138 SER A C   1 
ATOM   895  O O   . SER A 1 138 ? -3.908  0.474   7.140   1.00 50.92  ? 138 SER A O   1 
ATOM   896  C CB  . SER A 1 138 ? -5.924  2.545   8.351   1.00 54.48  ? 138 SER A CB  1 
ATOM   897  O OG  . SER A 1 138 ? -6.739  3.688   8.196   1.00 56.11  ? 138 SER A OG  1 
ATOM   898  N N   . PHE A 1 139 ? -2.931  1.485   8.889   1.00 51.82  ? 139 PHE A N   1 
ATOM   899  C CA  . PHE A 1 139 ? -2.141  0.318   9.247   1.00 50.89  ? 139 PHE A CA  1 
ATOM   900  C C   . PHE A 1 139 ? -2.189  0.139   10.739  1.00 52.36  ? 139 PHE A C   1 
ATOM   901  O O   . PHE A 1 139 ? -2.529  1.069   11.479  1.00 53.80  ? 139 PHE A O   1 
ATOM   902  C CB  . PHE A 1 139 ? -0.682  0.475   8.780   1.00 50.51  ? 139 PHE A CB  1 
ATOM   903  C CG  . PHE A 1 139 ? 0.059   1.578   9.475   1.00 50.65  ? 139 PHE A CG  1 
ATOM   904  C CD1 . PHE A 1 139 ? -0.048  2.886   9.033   1.00 49.23  ? 139 PHE A CD1 1 
ATOM   905  C CD2 . PHE A 1 139 ? 0.845   1.308   10.589  1.00 51.92  ? 139 PHE A CD2 1 
ATOM   906  C CE1 . PHE A 1 139 ? 0.616   3.912   9.679   1.00 52.37  ? 139 PHE A CE1 1 
ATOM   907  C CE2 . PHE A 1 139 ? 1.512   2.329   11.242  1.00 53.98  ? 139 PHE A CE2 1 
ATOM   908  C CZ  . PHE A 1 139 ? 1.400   3.638   10.780  1.00 53.93  ? 139 PHE A CZ  1 
ATOM   909  N N   . VAL A 1 140 ? -1.853  -1.065  11.176  1.00 52.41  ? 140 VAL A N   1 
ATOM   910  C CA  . VAL A 1 140 ? -1.600  -1.348  12.583  1.00 54.54  ? 140 VAL A CA  1 
ATOM   911  C C   . VAL A 1 140 ? -0.340  -2.205  12.595  1.00 54.62  ? 140 VAL A C   1 
ATOM   912  O O   . VAL A 1 140 ? -0.171  -3.073  11.732  1.00 53.62  ? 140 VAL A O   1 
ATOM   913  C CB  . VAL A 1 140 ? -2.839  -2.030  13.309  1.00 55.50  ? 140 VAL A CB  1 
ATOM   914  C CG1 . VAL A 1 140 ? -3.299  -3.276  12.591  1.00 55.15  ? 140 VAL A CG1 1 
ATOM   915  C CG2 . VAL A 1 140 ? -2.540  -2.351  14.767  1.00 57.55  ? 140 VAL A CG2 1 
ATOM   916  N N   . VAL A 1 141 ? 0.564   -1.925  13.529  1.00 56.16  ? 141 VAL A N   1 
ATOM   917  C CA  . VAL A 1 141 ? 1.794   -2.693  13.653  1.00 56.54  ? 141 VAL A CA  1 
ATOM   918  C C   . VAL A 1 141 ? 2.197   -2.807  15.118  1.00 59.76  ? 141 VAL A C   1 
ATOM   919  O O   . VAL A 1 141 ? 1.799   -1.994  15.948  1.00 61.00  ? 141 VAL A O   1 
ATOM   920  C CB  . VAL A 1 141 ? 2.934   -2.076  12.787  1.00 55.73  ? 141 VAL A CB  1 
ATOM   921  C CG1 . VAL A 1 141 ? 3.336   -0.703  13.288  1.00 55.86  ? 141 VAL A CG1 1 
ATOM   922  C CG2 . VAL A 1 141 ? 4.149   -3.009  12.693  1.00 56.01  ? 141 VAL A CG2 1 
ATOM   923  N N   . ASP A 1 142 ? 2.970   -3.837  15.430  1.00 61.86  ? 142 ASP A N   1 
ATOM   924  C CA  . ASP A 1 142 ? 3.563   -3.990  16.751  1.00 65.75  ? 142 ASP A CA  1 
ATOM   925  C C   . ASP A 1 142 ? 4.764   -3.066  16.905  1.00 67.63  ? 142 ASP A C   1 
ATOM   926  O O   . ASP A 1 142 ? 5.404   -2.694  15.916  1.00 66.47  ? 142 ASP A O   1 
ATOM   927  C CB  . ASP A 1 142 ? 3.944   -5.451  16.995  1.00 66.40  ? 142 ASP A CB  1 
ATOM   928  C CG  . ASP A 1 142 ? 2.734   -6.317  17.313  1.00 67.15  ? 142 ASP A CG  1 
ATOM   929  O OD1 . ASP A 1 142 ? 1.592   -5.836  17.160  1.00 65.95  ? 142 ASP A OD1 1 
ATOM   930  O OD2 . ASP A 1 142 ? 2.915   -7.481  17.724  1.00 69.73  ? 142 ASP A OD2 1 
ATOM   931  N N   . VAL A 1 143 ? 5.041   -2.667  18.140  1.00 71.05  ? 143 VAL A N   1 
ATOM   932  C CA  . VAL A 1 143 ? 6.203   -1.838  18.425  1.00 73.89  ? 143 VAL A CA  1 
ATOM   933  C C   . VAL A 1 143 ? 7.230   -2.644  19.228  1.00 77.06  ? 143 VAL A C   1 
ATOM   934  O O   . VAL A 1 143 ? 6.915   -3.116  20.325  1.00 79.53  ? 143 VAL A O   1 
ATOM   935  C CB  . VAL A 1 143 ? 5.814   -0.498  19.144  1.00 75.62  ? 143 VAL A CB  1 
ATOM   936  C CG1 . VAL A 1 143 ? 4.907   -0.747  20.362  1.00 77.86  ? 143 VAL A CG1 1 
ATOM   937  C CG2 . VAL A 1 143 ? 7.067   0.259   19.579  1.00 78.62  ? 143 VAL A CG2 1 
ATOM   938  N N   . PRO A 1 144 ? 8.454   -2.824  18.678  1.00 77.57  ? 144 PRO A N   1 
ATOM   939  C CA  . PRO A 1 144 ? 9.485   -3.626  19.359  1.00 80.74  ? 144 PRO A CA  1 
ATOM   940  C C   . PRO A 1 144 ? 9.693   -3.226  20.822  1.00 85.21  ? 144 PRO A C   1 
ATOM   941  O O   . PRO A 1 144 ? 9.536   -2.051  21.171  1.00 86.31  ? 144 PRO A O   1 
ATOM   942  C CB  . PRO A 1 144 ? 10.744  -3.328  18.550  1.00 80.90  ? 144 PRO A CB  1 
ATOM   943  C CG  . PRO A 1 144 ? 10.248  -3.054  17.177  1.00 76.98  ? 144 PRO A CG  1 
ATOM   944  C CD  . PRO A 1 144 ? 8.887   -2.424  17.319  1.00 75.22  ? 144 PRO A CD  1 
ATOM   945  N N   . GLU A 1 145 ? 10.033  -4.200  21.670  1.00 88.23  ? 145 GLU A N   1 
ATOM   946  C CA  . GLU A 1 145 ? 10.375  -3.926  23.070  1.00 92.87  ? 145 GLU A CA  1 
ATOM   947  C C   . GLU A 1 145 ? 11.389  -2.782  23.183  1.00 95.28  ? 145 GLU A C   1 
ATOM   948  O O   . GLU A 1 145 ? 11.354  -2.000  24.136  1.00 98.19  ? 145 GLU A O   1 
ATOM   949  C CB  . GLU A 1 145 ? 10.919  -5.182  23.760  1.00 95.73  ? 145 GLU A CB  1 
ATOM   950  C CG  . GLU A 1 145 ? 11.056  -5.045  25.287  1.00 100.51 ? 145 GLU A CG  1 
ATOM   951  C CD  . GLU A 1 145 ? 11.624  -6.290  25.961  1.00 103.87 ? 145 GLU A CD  1 
ATOM   952  O OE1 . GLU A 1 145 ? 11.747  -7.336  25.283  1.00 101.68 ? 145 GLU A OE1 1 
ATOM   953  O OE2 . GLU A 1 145 ? 11.941  -6.224  27.174  1.00 108.04 ? 145 GLU A OE2 1 
ATOM   954  N N   . GLY A 1 146 ? 12.282  -2.691  22.198  1.00 94.48  ? 146 GLY A N   1 
ATOM   955  C CA  . GLY A 1 146 ? 13.250  -1.592  22.120  1.00 96.90  ? 146 GLY A CA  1 
ATOM   956  C C   . GLY A 1 146 ? 12.720  -0.178  21.896  1.00 95.77  ? 146 GLY A C   1 
ATOM   957  O O   . GLY A 1 146 ? 12.927  0.708   22.734  1.00 98.61  ? 146 GLY A O   1 
ATOM   958  N N   . ASN A 1 147 ? 12.014  0.022   20.780  1.00 91.75  ? 147 ASN A N   1 
ATOM   959  C CA  . ASN A 1 147 ? 11.582  1.366   20.333  1.00 90.58  ? 147 ASN A CA  1 
ATOM   960  C C   . ASN A 1 147 ? 10.278  1.867   20.996  1.00 90.00  ? 147 ASN A C   1 
ATOM   961  O O   . ASN A 1 147 ? 9.731   1.229   21.906  1.00 91.18  ? 147 ASN A O   1 
ATOM   962  C CB  . ASN A 1 147 ? 11.472  1.459   18.800  1.00 86.72  ? 147 ASN A CB  1 
ATOM   963  C CG  . ASN A 1 147 ? 12.834  1.442   18.107  1.00 88.31  ? 147 ASN A CG  1 
ATOM   964  O OD1 . ASN A 1 147 ? 13.831  1.974   18.625  1.00 91.42  ? 147 ASN A OD1 1 
ATOM   965  N ND2 . ASN A 1 147 ? 12.876  0.828   16.923  1.00 85.83  ? 147 ASN A ND2 1 
ATOM   966  N N   . THR A 1 148 ? 9.810   3.025   20.521  1.00 88.40  ? 148 THR A N   1 
ATOM   967  C CA  . THR A 1 148 ? 8.647   3.725   21.066  1.00 88.16  ? 148 THR A CA  1 
ATOM   968  C C   . THR A 1 148 ? 7.506   3.793   20.051  1.00 83.77  ? 148 THR A C   1 
ATOM   969  O O   . THR A 1 148 ? 7.708   3.544   18.860  1.00 80.64  ? 148 THR A O   1 
ATOM   970  C CB  . THR A 1 148 ? 8.997   5.185   21.456  1.00 91.29  ? 148 THR A CB  1 
ATOM   971  O OG1 . THR A 1 148 ? 8.914   6.025   20.293  1.00 89.33  ? 148 THR A OG1 1 
ATOM   972  C CG2 . THR A 1 148 ? 10.394  5.285   22.068  1.00 94.71  ? 148 THR A CG2 1 
ATOM   973  N N   . LYS A 1 149 ? 6.317   4.152   20.534  1.00 83.84  ? 149 LYS A N   1 
ATOM   974  C CA  . LYS A 1 149 ? 5.140   4.341   19.696  1.00 80.65  ? 149 LYS A CA  1 
ATOM   975  C C   . LYS A 1 149 ? 5.490   5.306   18.572  1.00 79.63  ? 149 LYS A C   1 
ATOM   976  O O   . LYS A 1 149 ? 5.281   5.004   17.399  1.00 76.72  ? 149 LYS A O   1 
ATOM   977  C CB  . LYS A 1 149 ? 3.981   4.899   20.522  1.00 82.21  ? 149 LYS A CB  1 
ATOM   978  C CG  . LYS A 1 149 ? 2.600   4.680   19.914  1.00 79.70  ? 149 LYS A CG  1 
ATOM   979  C CD  . LYS A 1 149 ? 1.467   5.176   20.835  1.00 83.35  ? 149 LYS A CD  1 
ATOM   980  C CE  . LYS A 1 149 ? 0.112   4.479   20.557  1.00 81.70  ? 149 LYS A CE  1 
ATOM   981  N NZ  . LYS A 1 149 ? -0.463  4.710   19.174  1.00 77.53  ? 149 LYS A NZ  1 
ATOM   982  N N   . GLU A 1 150 ? 6.056   6.454   18.939  1.00 82.60  ? 150 GLU A N   1 
ATOM   983  C CA  . GLU A 1 150 ? 6.493   7.460   17.970  1.00 82.24  ? 150 GLU A CA  1 
ATOM   984  C C   . GLU A 1 150 ? 7.531   6.893   17.009  1.00 80.84  ? 150 GLU A C   1 
ATOM   985  O O   . GLU A 1 150 ? 7.303   6.877   15.805  1.00 78.48  ? 150 GLU A O   1 
ATOM   986  C CB  . GLU A 1 150 ? 7.037   8.719   18.670  1.00 86.28  ? 150 GLU A CB  1 
ATOM   987  C CG  . GLU A 1 150 ? 6.010   9.497   19.498  1.00 88.30  ? 150 GLU A CG  1 
ATOM   988  C CD  . GLU A 1 150 ? 5.794   8.927   20.897  1.00 91.73  ? 150 GLU A CD  1 
ATOM   989  O OE1 . GLU A 1 150 ? 6.307   7.828   21.211  1.00 91.31  ? 150 GLU A OE1 1 
ATOM   990  O OE2 . GLU A 1 150 ? 5.109   9.592   21.700  1.00 95.50  ? 150 GLU A OE2 1 
ATOM   991  N N   . GLU A 1 151 ? 8.648   6.402   17.540  1.00 83.04  ? 151 GLU A N   1 
ATOM   992  C CA  . GLU A 1 151 ? 9.757   5.925   16.707  1.00 82.84  ? 151 GLU A CA  1 
ATOM   993  C C   . GLU A 1 151 ? 9.369   4.959   15.588  1.00 79.15  ? 151 GLU A C   1 
ATOM   994  O O   . GLU A 1 151 ? 9.723   5.181   14.424  1.00 77.83  ? 151 GLU A O   1 
ATOM   995  C CB  . GLU A 1 151 ? 10.840  5.292   17.576  1.00 85.88  ? 151 GLU A CB  1 
ATOM   996  C CG  . GLU A 1 151 ? 11.920  6.271   17.996  1.00 90.93  ? 151 GLU A CG  1 
ATOM   997  C CD  . GLU A 1 151 ? 12.722  5.779   19.188  1.00 96.81  ? 151 GLU A CD  1 
ATOM   998  O OE1 . GLU A 1 151 ? 12.616  4.572   19.527  1.00 96.71  ? 151 GLU A OE1 1 
ATOM   999  O OE2 . GLU A 1 151 ? 13.464  6.603   19.784  1.00 101.02 ? 151 GLU A OE2 1 
ATOM   1000 N N   . THR A 1 152 ? 8.634   3.906   15.950  1.00 77.89  ? 152 THR A N   1 
ATOM   1001 C CA  . THR A 1 152 ? 8.265   2.824   15.030  1.00 74.97  ? 152 THR A CA  1 
ATOM   1002 C C   . THR A 1 152 ? 7.197   3.257   14.055  1.00 71.88  ? 152 THR A C   1 
ATOM   1003 O O   . THR A 1 152 ? 7.216   2.880   12.886  1.00 70.05  ? 152 THR A O   1 
ATOM   1004 C CB  . THR A 1 152 ? 7.682   1.609   15.780  1.00 75.12  ? 152 THR A CB  1 
ATOM   1005 O OG1 . THR A 1 152 ? 6.575   2.030   16.591  1.00 76.58  ? 152 THR A OG1 1 
ATOM   1006 C CG2 . THR A 1 152 ? 8.733   0.972   16.667  1.00 78.56  ? 152 THR A CG2 1 
ATOM   1007 N N   . CYS A 1 153 ? 6.265   4.055   14.554  1.00 71.84  ? 153 CYS A N   1 
ATOM   1008 C CA  . CYS A 1 153 ? 5.079   4.426   13.817  1.00 69.30  ? 153 CYS A CA  1 
ATOM   1009 C C   . CYS A 1 153 ? 5.294   5.627   12.882  1.00 68.27  ? 153 CYS A C   1 
ATOM   1010 O O   . CYS A 1 153 ? 4.564   5.788   11.905  1.00 66.16  ? 153 CYS A O   1 
ATOM   1011 C CB  . CYS A 1 153 ? 3.984   4.728   14.828  1.00 70.59  ? 153 CYS A CB  1 
ATOM   1012 S SG  . CYS A 1 153 ? 2.586   3.479   15.086  1.00 72.87  ? 153 CYS A SG  1 
ATOM   1013 N N   . PHE A 1 154 ? 6.274   6.482   13.167  1.00 69.78  ? 154 PHE A N   1 
ATOM   1014 C CA  . PHE A 1 154 ? 6.507   7.627   12.285  1.00 69.43  ? 154 PHE A CA  1 
ATOM   1015 C C   . PHE A 1 154 ? 7.206   7.187   11.001  1.00 67.82  ? 154 PHE A C   1 
ATOM   1016 O O   . PHE A 1 154 ? 6.889   7.638   9.899   1.00 66.58  ? 154 PHE A O   1 
ATOM   1017 C CB  . PHE A 1 154 ? 7.288   8.731   12.987  1.00 72.69  ? 154 PHE A CB  1 
ATOM   1018 C CG  . PHE A 1 154 ? 7.600   9.908   12.098  1.00 73.09  ? 154 PHE A CG  1 
ATOM   1019 C CD1 . PHE A 1 154 ? 8.931   10.267  11.833  1.00 73.84  ? 154 PHE A CD1 1 
ATOM   1020 C CD2 . PHE A 1 154 ? 6.568   10.648  11.509  1.00 70.79  ? 154 PHE A CD2 1 
ATOM   1021 C CE1 . PHE A 1 154 ? 9.233   11.355  11.010  1.00 74.07  ? 154 PHE A CE1 1 
ATOM   1022 C CE2 . PHE A 1 154 ? 6.855   11.733  10.686  1.00 71.64  ? 154 PHE A CE2 1 
ATOM   1023 C CZ  . PHE A 1 154 ? 8.199   12.091  10.435  1.00 73.51  ? 154 PHE A CZ  1 
ATOM   1024 N N   . PHE A 1 155 ? 8.152   6.284   11.178  1.00 68.11  ? 155 PHE A N   1 
ATOM   1025 C CA  . PHE A 1 155 ? 8.820   5.583   10.103  1.00 67.08  ? 155 PHE A CA  1 
ATOM   1026 C C   . PHE A 1 155 ? 7.820   5.032   9.067   1.00 63.90  ? 155 PHE A C   1 
ATOM   1027 O O   . PHE A 1 155 ? 7.999   5.241   7.871   1.00 63.34  ? 155 PHE A O   1 
ATOM   1028 C CB  . PHE A 1 155 ? 9.679   4.493   10.764  1.00 68.56  ? 155 PHE A CB  1 
ATOM   1029 C CG  . PHE A 1 155 ? 10.242  3.458   9.828   1.00 67.80  ? 155 PHE A CG  1 
ATOM   1030 C CD1 . PHE A 1 155 ? 11.503  3.633   9.249   1.00 69.73  ? 155 PHE A CD1 1 
ATOM   1031 C CD2 . PHE A 1 155 ? 9.552   2.262   9.598   1.00 65.49  ? 155 PHE A CD2 1 
ATOM   1032 C CE1 . PHE A 1 155 ? 12.058  2.651   8.412   1.00 69.38  ? 155 PHE A CE1 1 
ATOM   1033 C CE2 . PHE A 1 155 ? 10.092  1.276   8.767   1.00 65.80  ? 155 PHE A CE2 1 
ATOM   1034 C CZ  . PHE A 1 155 ? 11.353  1.478   8.165   1.00 67.15  ? 155 PHE A CZ  1 
ATOM   1035 N N   . VAL A 1 156 ? 6.756   4.366   9.519   1.00 62.26  ? 156 VAL A N   1 
ATOM   1036 C CA  . VAL A 1 156 ? 5.764   3.780   8.598   1.00 59.34  ? 156 VAL A CA  1 
ATOM   1037 C C   . VAL A 1 156 ? 4.903   4.822   7.876   1.00 58.88  ? 156 VAL A C   1 
ATOM   1038 O O   . VAL A 1 156 ? 4.578   4.648   6.698   1.00 57.41  ? 156 VAL A O   1 
ATOM   1039 C CB  . VAL A 1 156 ? 4.844   2.767   9.306   1.00 58.44  ? 156 VAL A CB  1 
ATOM   1040 C CG1 . VAL A 1 156 ? 3.926   2.088   8.293   1.00 56.16  ? 156 VAL A CG1 1 
ATOM   1041 C CG2 . VAL A 1 156 ? 5.660   1.736   10.054  1.00 58.56  ? 156 VAL A CG2 1 
ATOM   1042 N N   . GLU A 1 157 ? 4.522   5.887   8.587   1.00 60.34  ? 157 GLU A N   1 
ATOM   1043 C CA  . GLU A 1 157 ? 3.726   6.972   8.004   1.00 60.55  ? 157 GLU A CA  1 
ATOM   1044 C C   . GLU A 1 157 ? 4.475   7.565   6.829   1.00 60.77  ? 157 GLU A C   1 
ATOM   1045 O O   . GLU A 1 157 ? 3.944   7.649   5.720   1.00 60.04  ? 157 GLU A O   1 
ATOM   1046 C CB  . GLU A 1 157 ? 3.435   8.070   9.032   1.00 62.54  ? 157 GLU A CB  1 
ATOM   1047 C CG  . GLU A 1 157 ? 2.285   7.748   9.973   1.00 63.52  ? 157 GLU A CG  1 
ATOM   1048 C CD  . GLU A 1 157 ? 2.399   8.469   11.307  1.00 67.22  ? 157 GLU A CD  1 
ATOM   1049 O OE1 . GLU A 1 157 ? 2.887   9.624   11.322  1.00 69.37  ? 157 GLU A OE1 1 
ATOM   1050 O OE2 . GLU A 1 157 ? 1.996   7.877   12.343  1.00 68.21  ? 157 GLU A OE2 1 
ATOM   1051 N N   . ALA A 1 158 ? 5.719   7.947   7.089   1.00 62.17  ? 158 ALA A N   1 
ATOM   1052 C CA  . ALA A 1 158 ? 6.586   8.557   6.099   1.00 63.08  ? 158 ALA A CA  1 
ATOM   1053 C C   . ALA A 1 158 ? 6.696   7.669   4.874   1.00 61.54  ? 158 ALA A C   1 
ATOM   1054 O O   . ALA A 1 158 ? 6.621   8.152   3.744   1.00 61.56  ? 158 ALA A O   1 
ATOM   1055 C CB  . ALA A 1 158 ? 7.952   8.805   6.701   1.00 65.37  ? 158 ALA A CB  1 
ATOM   1056 N N   . LEU A 1 159 ? 6.872   6.370   5.116   1.00 60.50  ? 159 LEU A N   1 
ATOM   1057 C CA  . LEU A 1 159 ? 6.937   5.368   4.056   1.00 59.27  ? 159 LEU A CA  1 
ATOM   1058 C C   . LEU A 1 159 ? 5.650   5.322   3.251   1.00 57.66  ? 159 LEU A C   1 
ATOM   1059 O O   . LEU A 1 159 ? 5.681   5.518   2.050   1.00 58.16  ? 159 LEU A O   1 
ATOM   1060 C CB  . LEU A 1 159 ? 7.278   3.980   4.628   1.00 58.73  ? 159 LEU A CB  1 
ATOM   1061 C CG  . LEU A 1 159 ? 8.767   3.658   4.833   1.00 60.34  ? 159 LEU A CG  1 
ATOM   1062 C CD1 . LEU A 1 159 ? 9.421   4.531   5.907   1.00 62.88  ? 159 LEU A CD1 1 
ATOM   1063 C CD2 . LEU A 1 159 ? 8.991   2.196   5.151   1.00 59.39  ? 159 LEU A CD2 1 
ATOM   1064 N N   . ILE A 1 160 ? 4.525   5.083   3.919   1.00 56.34  ? 160 ILE A N   1 
ATOM   1065 C CA  . ILE A 1 160 ? 3.233   5.034   3.263   1.00 54.74  ? 160 ILE A CA  1 
ATOM   1066 C C   . ILE A 1 160 ? 2.945   6.328   2.507   1.00 56.02  ? 160 ILE A C   1 
ATOM   1067 O O   . ILE A 1 160 ? 2.427   6.285   1.385   1.00 55.67  ? 160 ILE A O   1 
ATOM   1068 C CB  . ILE A 1 160 ? 2.115   4.759   4.282   1.00 54.19  ? 160 ILE A CB  1 
ATOM   1069 C CG1 . ILE A 1 160 ? 2.076   3.275   4.645   1.00 52.42  ? 160 ILE A CG1 1 
ATOM   1070 C CG2 . ILE A 1 160 ? 0.750   5.206   3.757   1.00 53.16  ? 160 ILE A CG2 1 
ATOM   1071 C CD1 . ILE A 1 160 ? 1.214   3.015   5.832   1.00 52.65  ? 160 ILE A CD1 1 
ATOM   1072 N N   . GLN A 1 161 ? 3.273   7.473   3.111   1.00 57.44  ? 161 GLN A N   1 
ATOM   1073 C CA  . GLN A 1 161 ? 3.050   8.761   2.464   1.00 59.17  ? 161 GLN A CA  1 
ATOM   1074 C C   . GLN A 1 161 ? 3.859   8.837   1.168   1.00 59.99  ? 161 GLN A C   1 
ATOM   1075 O O   . GLN A 1 161 ? 3.389   9.370   0.170   1.00 60.68  ? 161 GLN A O   1 
ATOM   1076 C CB  . GLN A 1 161 ? 3.385   9.929   3.400   1.00 61.38  ? 161 GLN A CB  1 
ATOM   1077 C CG  . GLN A 1 161 ? 2.677   11.267  3.063   1.00 64.33  ? 161 GLN A CG  1 
ATOM   1078 C CD  . GLN A 1 161 ? 1.142   11.227  3.261   1.00 66.85  ? 161 GLN A CD  1 
ATOM   1079 O OE1 . GLN A 1 161 ? 0.629   11.139  4.397   1.00 66.91  ? 161 GLN A OE1 1 
ATOM   1080 N NE2 . GLN A 1 161 ? 0.408   11.306  2.152   1.00 66.32  ? 161 GLN A NE2 1 
ATOM   1081 N N   . CYS A 1 162 ? 5.062   8.276   1.180   1.00 60.56  ? 162 CYS A N   1 
ATOM   1082 C CA  . CYS A 1 162 ? 5.865   8.169   -0.022  1.00 61.58  ? 162 CYS A CA  1 
ATOM   1083 C C   . CYS A 1 162 ? 5.158   7.356   -1.071  1.00 60.38  ? 162 CYS A C   1 
ATOM   1084 O O   . CYS A 1 162 ? 5.124   7.734   -2.238  1.00 62.03  ? 162 CYS A O   1 
ATOM   1085 C CB  . CYS A 1 162 ? 7.199   7.519   0.285   1.00 62.15  ? 162 CYS A CB  1 
ATOM   1086 S SG  . CYS A 1 162 ? 8.427   8.710   0.725   1.00 66.48  ? 162 CYS A SG  1 
ATOM   1087 N N   . ASN A 1 163 ? 4.593   6.239   -0.647  1.00 58.60  ? 163 ASN A N   1 
ATOM   1088 C CA  . ASN A 1 163 ? 3.878   5.359   -1.540  1.00 57.80  ? 163 ASN A CA  1 
ATOM   1089 C C   . ASN A 1 163 ? 2.654   6.040   -2.140  1.00 57.97  ? 163 ASN A C   1 
ATOM   1090 O O   . ASN A 1 163 ? 2.389   5.898   -3.337  1.00 58.81  ? 163 ASN A O   1 
ATOM   1091 C CB  . ASN A 1 163 ? 3.473   4.074   -0.803  1.00 56.14  ? 163 ASN A CB  1 
ATOM   1092 C CG  . ASN A 1 163 ? 4.650   3.112   -0.585  1.00 56.39  ? 163 ASN A CG  1 
ATOM   1093 O OD1 . ASN A 1 163 ? 4.507   2.102   0.099   1.00 57.03  ? 163 ASN A OD1 1 
ATOM   1094 N ND2 . ASN A 1 163 ? 5.799   3.416   -1.166  1.00 56.61  ? 163 ASN A ND2 1 
ATOM   1095 N N   . LEU A 1 164 ? 1.914   6.778   -1.311  1.00 57.76  ? 164 LEU A N   1 
ATOM   1096 C CA  . LEU A 1 164 ? 0.671   7.402   -1.754  1.00 57.88  ? 164 LEU A CA  1 
ATOM   1097 C C   . LEU A 1 164 ? 0.982   8.526   -2.714  1.00 60.01  ? 164 LEU A C   1 
ATOM   1098 O O   . LEU A 1 164 ? 0.307   8.672   -3.731  1.00 60.49  ? 164 LEU A O   1 
ATOM   1099 C CB  . LEU A 1 164 ? -0.144  7.918   -0.576  1.00 57.59  ? 164 LEU A CB  1 
ATOM   1100 C CG  . LEU A 1 164 ? -0.779  6.878   0.357   1.00 55.79  ? 164 LEU A CG  1 
ATOM   1101 C CD1 . LEU A 1 164 ? -1.467  7.572   1.530   1.00 55.14  ? 164 LEU A CD1 1 
ATOM   1102 C CD2 . LEU A 1 164 ? -1.768  5.994   -0.378  1.00 53.66  ? 164 LEU A CD2 1 
ATOM   1103 N N   . ASN A 1 165 ? 2.018   9.303   -2.385  1.00 61.37  ? 165 ASN A N   1 
ATOM   1104 C CA  . ASN A 1 165 ? 2.547   10.341  -3.271  1.00 63.65  ? 165 ASN A CA  1 
ATOM   1105 C C   . ASN A 1 165 ? 2.815   9.788   -4.672  1.00 64.11  ? 165 ASN A C   1 
ATOM   1106 O O   . ASN A 1 165 ? 2.371   10.360  -5.678  1.00 65.74  ? 165 ASN A O   1 
ATOM   1107 C CB  . ASN A 1 165 ? 3.832   10.954  -2.690  1.00 65.08  ? 165 ASN A CB  1 
ATOM   1108 C CG  . ASN A 1 165 ? 3.568   11.927  -1.532  1.00 67.15  ? 165 ASN A CG  1 
ATOM   1109 O OD1 . ASN A 1 165 ? 2.488   12.527  -1.423  1.00 68.52  ? 165 ASN A OD1 1 
ATOM   1110 N ND2 . ASN A 1 165 ? 4.568   12.090  -0.659  1.00 67.78  ? 165 ASN A ND2 1 
ATOM   1111 N N   . SER A 1 166 ? 3.539   8.669   -4.719  1.00 63.05  ? 166 SER A N   1 
ATOM   1112 C CA  . SER A 1 166 ? 3.882   8.001   -5.963  1.00 63.62  ? 166 SER A CA  1 
ATOM   1113 C C   . SER A 1 166 ? 2.653   7.452   -6.685  1.00 62.90  ? 166 SER A C   1 
ATOM   1114 O O   . SER A 1 166 ? 2.586   7.489   -7.908  1.00 64.29  ? 166 SER A O   1 
ATOM   1115 C CB  . SER A 1 166 ? 4.890   6.886   -5.708  1.00 62.74  ? 166 SER A CB  1 
ATOM   1116 O OG  . SER A 1 166 ? 5.115   6.161   -6.902  1.00 64.61  ? 166 SER A OG  1 
ATOM   1117 N N   . LEU A 1 167 ? 1.680   6.951   -5.928  1.00 61.13  ? 167 LEU A N   1 
ATOM   1118 C CA  . LEU A 1 167 ? 0.408   6.523   -6.510  1.00 60.92  ? 167 LEU A CA  1 
ATOM   1119 C C   . LEU A 1 167 ? -0.286  7.673   -7.249  1.00 63.30  ? 167 LEU A C   1 
ATOM   1120 O O   . LEU A 1 167 ? -0.821  7.475   -8.338  1.00 65.17  ? 167 LEU A O   1 
ATOM   1121 C CB  . LEU A 1 167 ? -0.511  5.921   -5.441  1.00 58.63  ? 167 LEU A CB  1 
ATOM   1122 C CG  . LEU A 1 167 ? -1.892  5.401   -5.846  1.00 57.35  ? 167 LEU A CG  1 
ATOM   1123 C CD1 . LEU A 1 167 ? -1.849  4.300   -6.908  1.00 56.88  ? 167 LEU A CD1 1 
ATOM   1124 C CD2 . LEU A 1 167 ? -2.542  4.884   -4.599  1.00 54.74  ? 167 LEU A CD2 1 
ATOM   1125 N N   . ALA A 1 168 ? -0.259  8.871   -6.668  1.00 64.05  ? 168 ALA A N   1 
ATOM   1126 C CA  . ALA A 1 168 ? -0.820  10.063  -7.306  1.00 66.06  ? 168 ALA A CA  1 
ATOM   1127 C C   . ALA A 1 168 ? -0.059  10.436  -8.567  1.00 68.83  ? 168 ALA A C   1 
ATOM   1128 O O   . ALA A 1 168 ? -0.674  10.800  -9.561  1.00 71.03  ? 168 ALA A O   1 
ATOM   1129 C CB  . ALA A 1 168 ? -0.846  11.234  -6.345  1.00 66.18  ? 168 ALA A CB  1 
ATOM   1130 N N   . ASP A 1 169 ? 1.270   10.360  -8.537  1.00 69.17  ? 169 ASP A N   1 
ATOM   1131 C CA  . ASP A 1 169 ? 2.042   10.649  -9.737  1.00 72.10  ? 169 ASP A CA  1 
ATOM   1132 C C   . ASP A 1 169 ? 1.693   9.657   -10.835 1.00 72.45  ? 169 ASP A C   1 
ATOM   1133 O O   . ASP A 1 169 ? 1.126   10.046  -11.856 1.00 74.85  ? 169 ASP A O   1 
ATOM   1134 C CB  . ASP A 1 169 ? 3.545   10.641  -9.466  1.00 72.77  ? 169 ASP A CB  1 
ATOM   1135 C CG  . ASP A 1 169 ? 4.015   11.881  -8.727  1.00 75.32  ? 169 ASP A CG  1 
ATOM   1136 O OD1 . ASP A 1 169 ? 3.252   12.877  -8.613  1.00 75.86  ? 169 ASP A OD1 1 
ATOM   1137 O OD2 . ASP A 1 169 ? 5.170   11.856  -8.252  1.00 77.93  ? 169 ASP A OD2 1 
ATOM   1138 N N   . VAL A 1 170 ? 2.003   8.381   -10.609 1.00 70.54  ? 170 VAL A N   1 
ATOM   1139 C CA  . VAL A 1 170 ? 1.737   7.326   -11.587 1.00 71.23  ? 170 VAL A CA  1 
ATOM   1140 C C   . VAL A 1 170 ? 0.310   7.453   -12.121 1.00 71.78  ? 170 VAL A C   1 
ATOM   1141 O O   . VAL A 1 170 ? 0.084   7.431   -13.329 1.00 74.04  ? 170 VAL A O   1 
ATOM   1142 C CB  . VAL A 1 170 ? 1.922   5.897   -10.996 1.00 69.13  ? 170 VAL A CB  1 
ATOM   1143 C CG1 . VAL A 1 170 ? 1.743   4.849   -12.089 1.00 70.80  ? 170 VAL A CG1 1 
ATOM   1144 C CG2 . VAL A 1 170 ? 3.288   5.726   -10.319 1.00 68.92  ? 170 VAL A CG2 1 
ATOM   1145 N N   . THR A 1 171 ? -0.644  7.598   -11.206 1.00 70.04  ? 171 THR A N   1 
ATOM   1146 C CA  . THR A 1 171 ? -2.057  7.714   -11.560 1.00 70.89  ? 171 THR A CA  1 
ATOM   1147 C C   . THR A 1 171 ? -2.382  8.934   -12.442 1.00 73.78  ? 171 THR A C   1 
ATOM   1148 O O   . THR A 1 171 ? -3.085  8.807   -13.446 1.00 75.78  ? 171 THR A O   1 
ATOM   1149 C CB  . THR A 1 171 ? -2.936  7.710   -10.303 1.00 68.56  ? 171 THR A CB  1 
ATOM   1150 O OG1 . THR A 1 171 ? -3.128  6.361   -9.874  1.00 67.10  ? 171 THR A OG1 1 
ATOM   1151 C CG2 . THR A 1 171 ? -4.278  8.283   -10.601 1.00 70.83  ? 171 THR A CG2 1 
ATOM   1152 N N   . GLU A 1 172 ? -1.864  10.101  -12.068 1.00 74.28  ? 172 GLU A N   1 
ATOM   1153 C CA  . GLU A 1 172 ? -2.128  11.325  -12.806 1.00 77.58  ? 172 GLU A CA  1 
ATOM   1154 C C   . GLU A 1 172 ? -1.410  11.342  -14.159 1.00 80.33  ? 172 GLU A C   1 
ATOM   1155 O O   . GLU A 1 172 ? -1.875  11.995  -15.092 1.00 83.13  ? 172 GLU A O   1 
ATOM   1156 C CB  . GLU A 1 172 ? -1.786  12.565  -11.966 1.00 77.80  ? 172 GLU A CB  1 
ATOM   1157 C CG  . GLU A 1 172 ? -2.809  12.860  -10.855 1.00 76.72  ? 172 GLU A CG  1 
ATOM   1158 C CD  . GLU A 1 172 ? -2.223  13.650  -9.689  1.00 76.60  ? 172 GLU A CD  1 
ATOM   1159 O OE1 . GLU A 1 172 ? -1.165  14.292  -9.881  1.00 77.91  ? 172 GLU A OE1 1 
ATOM   1160 O OE2 . GLU A 1 172 ? -2.820  13.614  -8.580  1.00 73.94  ? 172 GLU A OE2 1 
ATOM   1161 N N   . ARG A 1 173 ? -0.298  10.606  -14.251 1.00 79.70  ? 173 ARG A N   1 
ATOM   1162 C CA  . ARG A 1 173 ? 0.471   10.472  -15.492 1.00 82.47  ? 173 ARG A CA  1 
ATOM   1163 C C   . ARG A 1 173 ? -0.345  9.720   -16.548 1.00 83.87  ? 173 ARG A C   1 
ATOM   1164 O O   . ARG A 1 173 ? -0.406  10.136  -17.715 1.00 87.47  ? 173 ARG A O   1 
ATOM   1165 C CB  . ARG A 1 173 ? 1.802   9.749   -15.234 1.00 81.42  ? 173 ARG A CB  1 
ATOM   1166 C CG  . ARG A 1 173 ? 2.936   10.141  -16.200 1.00 85.67  ? 173 ARG A CG  1 
ATOM   1167 C CD  . ARG A 1 173 ? 4.012   9.045   -16.317 1.00 85.95  ? 173 ARG A CD  1 
ATOM   1168 N NE  . ARG A 1 173 ? 3.491   7.867   -17.016 0.49 85.98  ? 173 ARG A NE  1 
ATOM   1169 C CZ  . ARG A 1 173 ? 3.335   6.660   -16.473 0.20 83.00  ? 173 ARG A CZ  1 
ATOM   1170 N NH1 . ARG A 1 173 ? 2.838   5.668   -17.201 0.95 83.12  ? 173 ARG A NH1 1 
ATOM   1171 N NH2 . ARG A 1 173 ? 3.682   6.433   -15.212 0.81 80.15  ? 173 ARG A NH2 1 
ATOM   1172 N N   . LEU A 1 174 ? -0.982  8.627   -16.123 1.00 81.27  ? 174 LEU A N   1 
ATOM   1173 C CA  . LEU A 1 174 ? -1.782  7.792   -17.013 1.00 82.79  ? 174 LEU A CA  1 
ATOM   1174 C C   . LEU A 1 174 ? -3.008  8.546   -17.507 1.00 85.34  ? 174 LEU A C   1 
ATOM   1175 O O   . LEU A 1 174 ? -3.396  8.442   -18.685 1.00 88.73  ? 174 LEU A O   1 
ATOM   1176 C CB  . LEU A 1 174 ? -2.220  6.526   -16.296 1.00 79.83  ? 174 LEU A CB  1 
ATOM   1177 C CG  . LEU A 1 174 ? -1.150  5.500   -15.932 1.00 77.81  ? 174 LEU A CG  1 
ATOM   1178 C CD1 . LEU A 1 174 ? -1.613  4.711   -14.697 1.00 73.36  ? 174 LEU A CD1 1 
ATOM   1179 C CD2 . LEU A 1 174 ? -0.833  4.586   -17.119 1.00 79.09  ? 174 LEU A CD2 1 
ATOM   1180 N N   . GLN A 1 175 ? -3.601  9.310   -16.593 1.00 83.89  ? 175 GLN A N   1 
ATOM   1181 C CA  . GLN A 1 175 ? -4.722  10.171  -16.900 1.00 86.27  ? 175 GLN A CA  1 
ATOM   1182 C C   . GLN A 1 175 ? -4.396  11.132  -18.049 1.00 90.82  ? 175 GLN A C   1 
ATOM   1183 O O   . GLN A 1 175 ? -5.192  11.291  -18.984 1.00 93.84  ? 175 GLN A O   1 
ATOM   1184 C CB  . GLN A 1 175 ? -5.141  10.945  -15.650 1.00 84.12  ? 175 GLN A CB  1 
ATOM   1185 C CG  . GLN A 1 175 ? -6.514  11.595  -15.755 1.00 86.34  ? 175 GLN A CG  1 
ATOM   1186 C CD  . GLN A 1 175 ? -7.554  10.659  -16.348 1.00 88.37  ? 175 GLN A CD  1 
ATOM   1187 O OE1 . GLN A 1 175 ? -7.526  9.448   -16.113 1.00 87.25  ? 175 GLN A OE1 1 
ATOM   1188 N NE2 . GLN A 1 175 ? -8.476  11.215  -17.124 1.00 91.38  ? 175 GLN A NE2 1 
ATOM   1189 N N   . ALA A 1 176 ? -3.214  11.742  -17.981 1.00 91.29  ? 176 ALA A N   1 
ATOM   1190 C CA  . ALA A 1 176 ? -2.780  12.726  -18.959 1.00 95.59  ? 176 ALA A CA  1 
ATOM   1191 C C   . ALA A 1 176 ? -2.514  12.083  -20.321 1.00 98.98  ? 176 ALA A C   1 
ATOM   1192 O O   . ALA A 1 176 ? -2.538  12.757  -21.356 1.00 103.02 ? 176 ALA A O   1 
ATOM   1193 C CB  . ALA A 1 176 ? -1.543  13.448  -18.450 1.00 95.22  ? 176 ALA A CB  1 
ATOM   1194 N N   . GLU A 1 177 ? -2.264  10.774  -20.310 1.00 97.50  ? 177 GLU A N   1 
ATOM   1195 C CA  . GLU A 1 177 ? -2.051  10.025  -21.545 1.00 100.64 ? 177 GLU A CA  1 
ATOM   1196 C C   . GLU A 1 177 ? -3.367  9.663   -22.234 1.00 102.76 ? 177 GLU A C   1 
ATOM   1197 O O   . GLU A 1 177 ? -3.532  9.939   -23.420 1.00 106.92 ? 177 GLU A O   1 
ATOM   1198 C CB  . GLU A 1 177 ? -1.202  8.782   -21.277 1.00 98.42  ? 177 GLU A CB  1 
ATOM   1199 C CG  . GLU A 1 177 ? 0.289   9.082   -21.272 1.00 99.21  ? 177 GLU A CG  1 
ATOM   1200 C CD  . GLU A 1 177 ? 1.102   8.072   -20.475 1.00 96.61  ? 177 GLU A CD  1 
ATOM   1201 O OE1 . GLU A 1 177 ? 0.538   7.073   -19.972 1.00 92.92  ? 177 GLU A OE1 1 
ATOM   1202 O OE2 . GLU A 1 177 ? 2.328   8.287   -20.357 1.00 97.98  ? 177 GLU A OE2 1 
ATOM   1203 N N   . SER A 1 178 ? -4.297  9.069   -21.477 1.00 100.01 ? 178 SER A N   1 
ATOM   1204 C CA  . SER A 1 178 ? -5.606  8.649   -21.997 1.00 101.81 ? 178 SER A CA  1 
ATOM   1205 C C   . SER A 1 178 ? -6.448  9.827   -22.483 1.00 105.19 ? 178 SER A C   1 
ATOM   1206 O O   . SER A 1 178 ? -6.391  10.204  -23.652 1.00 109.56 ? 178 SER A O   1 
ATOM   1207 C CB  . SER A 1 178 ? -6.378  7.891   -20.921 1.00 98.06  ? 178 SER A CB  1 
ATOM   1208 O OG  . SER A 1 178 ? -6.827  8.785   -19.925 1.00 95.94  ? 178 SER A OG  1 
HETATM 1209 C C1  . A8S B 2 .   ? 3.589   -1.019  2.176   1.00 59.62  ? 192 A8S A C1  1 
HETATM 1210 C C2  . A8S B 2 .   ? 3.754   -0.346  3.539   1.00 58.56  ? 192 A8S A C2  1 
HETATM 1211 C C3  . A8S B 2 .   ? 5.132   -0.515  4.181   1.00 59.33  ? 192 A8S A C3  1 
HETATM 1212 C C4  . A8S B 2 .   ? 6.221   -1.310  3.458   1.00 59.31  ? 192 A8S A C4  1 
HETATM 1213 C C5  . A8S B 2 .   ? 7.554   -1.407  4.203   1.00 59.24  ? 192 A8S A C5  1 
HETATM 1214 C C6  . A8S B 2 .   ? 5.422   0.112   5.547   1.00 59.67  ? 192 A8S A C6  1 
HETATM 1215 C C7  . A8S B 2 .   ? 8.544   -2.129  3.546   1.00 59.71  ? 192 A8S A C7  1 
HETATM 1216 O O7  . A8S B 2 .   ? 8.016   -2.663  2.330   1.00 59.17  ? 192 A8S A O7  1 
HETATM 1217 C C8  . A8S B 2 .   ? 9.615   -1.292  3.259   1.00 61.04  ? 192 A8S A C8  1 
HETATM 1218 C C9  . A8S B 2 .   ? 10.662  -1.153  4.164   1.00 62.83  ? 192 A8S A C9  1 
HETATM 1219 C C10 . A8S B 2 .   ? 10.670  -1.839  5.374   1.00 63.91  ? 192 A8S A C10 1 
HETATM 1220 O O10 . A8S B 2 .   ? 11.615  -1.688  6.147   1.00 65.21  ? 192 A8S A O10 1 
HETATM 1221 C C11 . A8S B 2 .   ? 9.618   -2.686  5.703   1.00 61.13  ? 192 A8S A C11 1 
HETATM 1222 O O11 . A8S B 2 .   ? 2.500   -0.940  1.566   1.00 57.16  ? 192 A8S A O11 1 
HETATM 1223 C C12 . A8S B 2 .   ? 9.015   -3.264  4.436   1.00 59.59  ? 192 A8S A C12 1 
HETATM 1224 O O12 . A8S B 2 .   ? 4.544   -1.648  1.669   1.00 60.47  ? 192 A8S A O12 1 
HETATM 1225 C C13 . A8S B 2 .   ? 9.641   -0.591  2.059   1.00 61.25  ? 192 A8S A C13 1 
HETATM 1226 C C14 . A8S B 2 .   ? 10.070  -4.089  3.696   1.00 59.44  ? 192 A8S A C14 1 
HETATM 1227 C C15 . A8S B 2 .   ? 7.826   -4.159  4.795   1.00 58.09  ? 192 A8S A C15 1 
HETATM 1228 O O   . HOH C 3 .   ? 4.859   -16.339 -4.355  1.00 61.04  ? 193 HOH A O   1 
HETATM 1229 O O   . HOH C 3 .   ? 17.485  -3.908  -0.168  1.00 73.13  ? 194 HOH A O   1 
HETATM 1230 O O   . HOH C 3 .   ? 10.515  -11.097 -5.822  0.50 67.75  ? 195 HOH A O   1 
HETATM 1231 O O   . HOH C 3 .   ? -8.373  -9.267  -13.283 1.00 63.37  ? 196 HOH A O   1 
HETATM 1232 O O   . HOH C 3 .   ? -0.975  -2.446  -12.685 1.00 63.39  ? 197 HOH A O   1 
HETATM 1233 O O   . HOH C 3 .   ? -11.079 -0.015  -11.873 1.00 63.46  ? 198 HOH A O   1 
HETATM 1234 O O   . HOH C 3 .   ? 7.098   -4.519  14.909  1.00 57.84  ? 199 HOH A O   1 
HETATM 1235 O O   . HOH C 3 .   ? -6.664  -15.006 -9.485  1.00 63.62  ? 200 HOH A O   1 
HETATM 1236 O O   . HOH C 3 .   ? -14.976 -7.940  -0.388  1.00 68.89  ? 201 HOH A O   1 
HETATM 1237 O O   . HOH C 3 .   ? 15.164  -9.377  -8.134  1.00 70.31  ? 202 HOH A O   1 
HETATM 1238 O O   . HOH C 3 .   ? -14.497 -9.035  -4.542  1.00 72.44  ? 203 HOH A O   1 
# 
